data_4AXM
#
_entry.id   4AXM
#
_cell.length_a   85.842
_cell.length_b   134.781
_cell.length_c   140.920
_cell.angle_alpha   90.00
_cell.angle_beta   90.00
_cell.angle_gamma   90.00
#
_symmetry.space_group_name_H-M   'P 21 21 21'
#
loop_
_entity.id
_entity.type
_entity.pdbx_description
1 polymer 'CATHEPSIN L1'
2 non-polymer GLYCEROL
3 non-polymer 4-[(4-chlorobenzyl)(cyclohexyl)amino]-6-morpholin-4-yl-1,3,5-triazine-2-carboxamide
4 water water
#
_entity_poly.entity_id   1
_entity_poly.type   'polypeptide(L)'
_entity_poly.pdbx_seq_one_letter_code
;APRSVDWREKGYVTPVKNQGQCGSCWAFSATGALEGQMFRKTGRLISLSEQNLVDCSGPQGNEGCNGGLMDYAFQYVQDN
GGLDSEESYPYEATEESCKYNPKYSVANDTGFVDIPKQEKALMKAVATVGPISVAIDAGHESFLFYKEGIYFEPDCSSED
MDHGVLVVGYGFESTESDNNKYWLVKNSWGEEWGMGGYVKMAKDRRNHCGIASAASYPTV
;
_entity_poly.pdbx_strand_id   A,B,F,I,L,O
#
loop_
_chem_comp.id
_chem_comp.type
_chem_comp.name
_chem_comp.formula
GOL non-polymer GLYCEROL 'C3 H8 O3'
V65 non-polymer 4-[(4-chlorobenzyl)(cyclohexyl)amino]-6-morpholin-4-yl-1,3,5-triazine-2-carboxamide 'C21 H27 Cl N6 O2'
#
# COMPACT_ATOMS: atom_id res chain seq x y z
N ALA A 1 -2.67 -5.53 -3.21
CA ALA A 1 -3.90 -6.00 -2.51
C ALA A 1 -3.48 -7.00 -1.42
N PRO A 2 -2.88 -6.50 -0.31
CA PRO A 2 -2.39 -7.50 0.65
C PRO A 2 -3.56 -8.32 1.12
N ARG A 3 -3.29 -9.55 1.50
CA ARG A 3 -4.37 -10.43 1.98
C ARG A 3 -5.04 -9.89 3.26
N SER A 4 -4.27 -9.18 4.09
CA SER A 4 -4.74 -8.56 5.36
C SER A 4 -4.37 -7.10 5.43
N VAL A 5 -5.24 -6.30 6.07
CA VAL A 5 -5.06 -4.83 6.20
C VAL A 5 -5.73 -4.28 7.44
N ASP A 6 -5.00 -3.46 8.19
CA ASP A 6 -5.53 -2.81 9.37
C ASP A 6 -4.90 -1.44 9.52
N TRP A 7 -5.67 -0.43 9.16
CA TRP A 7 -5.23 0.96 9.17
C TRP A 7 -5.00 1.56 10.55
N ARG A 8 -5.45 0.85 11.60
CA ARG A 8 -5.24 1.30 12.96
C ARG A 8 -3.77 1.25 13.24
N GLU A 9 -3.11 0.21 12.71
CA GLU A 9 -1.73 -0.07 13.03
C GLU A 9 -0.89 1.02 12.44
N LYS A 10 -1.41 1.67 11.41
CA LYS A 10 -0.65 2.72 10.72
C LYS A 10 -0.91 4.14 11.23
N GLY A 11 -1.68 4.27 12.33
CA GLY A 11 -1.98 5.57 12.94
C GLY A 11 -3.03 6.45 12.26
N TYR A 12 -3.84 5.85 11.39
CA TYR A 12 -4.91 6.50 10.69
C TYR A 12 -6.26 6.60 11.46
N VAL A 13 -6.51 5.75 12.46
CA VAL A 13 -7.84 5.73 13.13
C VAL A 13 -7.84 6.37 14.52
N THR A 14 -8.80 7.24 14.80
CA THR A 14 -8.97 7.76 16.15
C THR A 14 -9.66 6.73 17.05
N PRO A 15 -9.70 6.97 18.37
CA PRO A 15 -10.55 6.08 19.17
C PRO A 15 -12.03 6.02 18.74
N VAL A 16 -12.69 4.92 19.07
CA VAL A 16 -14.14 4.71 18.94
C VAL A 16 -14.98 5.78 19.66
N LYS A 17 -15.99 6.30 19.00
CA LYS A 17 -16.77 7.38 19.62
C LYS A 17 -18.23 6.97 19.87
N ASN A 18 -18.92 7.71 20.73
CA ASN A 18 -20.34 7.45 20.94
C ASN A 18 -21.27 8.46 20.31
N GLN A 19 -22.16 8.03 19.41
CA GLN A 19 -23.06 9.00 18.82
C GLN A 19 -24.23 9.31 19.74
N GLY A 20 -24.44 8.48 20.74
CA GLY A 20 -25.57 8.66 21.63
C GLY A 20 -26.90 8.43 20.92
N GLN A 21 -27.94 9.10 21.43
CA GLN A 21 -29.31 8.89 20.98
C GLN A 21 -29.72 9.79 19.80
N CYS A 22 -28.84 9.87 18.80
CA CYS A 22 -29.01 10.87 17.74
C CYS A 22 -28.57 10.34 16.37
N GLY A 23 -29.33 10.71 15.35
CA GLY A 23 -29.20 10.09 14.04
C GLY A 23 -28.00 10.58 13.25
N SER A 24 -26.80 10.39 13.80
CA SER A 24 -25.63 11.06 13.25
C SER A 24 -24.46 10.14 12.89
N CYS A 25 -24.73 8.85 12.78
CA CYS A 25 -23.72 7.92 12.30
C CYS A 25 -23.04 8.48 11.05
N TRP A 26 -23.80 9.04 10.12
CA TRP A 26 -23.22 9.55 8.89
C TRP A 26 -22.08 10.56 9.15
N ALA A 27 -22.16 11.27 10.28
CA ALA A 27 -21.17 12.31 10.63
C ALA A 27 -19.89 11.66 11.12
N PHE A 28 -20.05 10.75 12.08
CA PHE A 28 -18.94 9.94 12.55
C PHE A 28 -18.21 9.18 11.46
N SER A 29 -18.98 8.67 10.50
CA SER A 29 -18.41 7.94 9.37
C SER A 29 -17.51 8.85 8.57
N ALA A 30 -18.04 10.05 8.28
CA ALA A 30 -17.37 10.98 7.39
C ALA A 30 -16.15 11.63 8.05
N THR A 31 -16.27 12.01 9.32
CA THR A 31 -15.06 12.40 10.03
C THR A 31 -14.04 11.21 10.12
N GLY A 32 -14.49 9.96 10.17
CA GLY A 32 -13.55 8.85 10.18
C GLY A 32 -12.67 8.88 8.95
N ALA A 33 -13.31 9.02 7.81
CA ALA A 33 -12.63 8.97 6.56
C ALA A 33 -11.78 10.21 6.44
N LEU A 34 -12.32 11.35 6.83
N LEU A 34 -12.33 11.36 6.82
CA LEU A 34 -11.51 12.56 6.74
CA LEU A 34 -11.58 12.62 6.80
C LEU A 34 -10.32 12.51 7.71
C LEU A 34 -10.35 12.56 7.72
N GLU A 35 -10.54 12.00 8.92
CA GLU A 35 -9.43 11.78 9.87
C GLU A 35 -8.25 11.04 9.18
N GLY A 36 -8.52 9.84 8.68
CA GLY A 36 -7.51 9.07 7.94
C GLY A 36 -6.90 9.79 6.75
N GLN A 37 -7.69 10.48 5.94
CA GLN A 37 -7.13 11.07 4.71
C GLN A 37 -6.25 12.27 5.00
N MET A 38 -6.62 13.02 6.04
CA MET A 38 -5.80 14.12 6.57
C MET A 38 -4.52 13.55 7.13
N PHE A 39 -4.65 12.44 7.89
CA PHE A 39 -3.47 11.77 8.45
C PHE A 39 -2.52 11.26 7.40
N ARG A 40 -3.03 10.81 6.27
CA ARG A 40 -2.16 10.48 5.11
C ARG A 40 -1.43 11.71 4.51
N LYS A 41 -2.12 12.83 4.37
CA LYS A 41 -1.53 14.03 3.76
C LYS A 41 -0.55 14.70 4.73
N THR A 42 -0.79 14.57 6.03
CA THR A 42 -0.03 15.40 6.99
C THR A 42 0.63 14.65 8.12
N GLY A 43 0.29 13.39 8.34
CA GLY A 43 0.90 12.63 9.42
C GLY A 43 0.49 13.03 10.83
N ARG A 44 -0.38 14.03 10.97
CA ARG A 44 -0.94 14.35 12.26
C ARG A 44 -2.36 13.81 12.28
N LEU A 45 -2.66 12.94 13.24
CA LEU A 45 -4.01 12.44 13.43
C LEU A 45 -4.82 13.33 14.38
N ILE A 46 -5.75 14.11 13.83
CA ILE A 46 -6.58 14.96 14.66
C ILE A 46 -8.07 14.66 14.54
N SER A 47 -8.67 14.39 15.69
CA SER A 47 -10.08 14.13 15.81
C SER A 47 -10.94 15.32 15.36
N LEU A 48 -12.03 15.08 14.60
CA LEU A 48 -12.80 16.16 13.92
C LEU A 48 -14.19 16.33 14.46
N SER A 49 -14.82 17.46 14.15
CA SER A 49 -16.10 17.79 14.78
C SER A 49 -17.34 17.25 14.05
N GLU A 50 -17.97 16.21 14.60
CA GLU A 50 -19.23 15.70 14.05
C GLU A 50 -20.29 16.75 14.30
N GLN A 51 -20.18 17.43 15.43
CA GLN A 51 -21.15 18.45 15.77
C GLN A 51 -21.18 19.51 14.69
N ASN A 52 -20.01 19.93 14.24
CA ASN A 52 -19.89 20.82 13.10
C ASN A 52 -20.74 20.30 11.94
N LEU A 53 -20.53 19.07 11.50
CA LEU A 53 -21.34 18.51 10.41
C LEU A 53 -22.84 18.51 10.70
N VAL A 54 -23.22 17.95 11.85
CA VAL A 54 -24.62 17.86 12.29
C VAL A 54 -25.30 19.23 12.31
N ASP A 55 -24.57 20.25 12.74
CA ASP A 55 -25.09 21.60 12.92
C ASP A 55 -25.18 22.40 11.65
N CYS A 56 -24.21 22.24 10.75
CA CYS A 56 -23.97 23.23 9.67
C CYS A 56 -24.22 22.78 8.25
N SER A 57 -24.54 21.50 8.03
CA SER A 57 -24.53 20.98 6.68
C SER A 57 -25.91 20.65 6.15
N GLY A 58 -26.89 21.40 6.67
CA GLY A 58 -28.23 21.43 6.10
C GLY A 58 -28.24 21.79 4.62
N PRO A 59 -27.47 22.82 4.20
CA PRO A 59 -27.55 23.20 2.78
C PRO A 59 -27.10 22.09 1.84
N GLN A 60 -26.25 21.20 2.33
CA GLN A 60 -25.78 20.05 1.53
C GLN A 60 -26.81 18.94 1.52
N GLY A 61 -27.81 19.10 2.36
CA GLY A 61 -28.95 18.20 2.34
C GLY A 61 -28.84 17.15 3.40
N ASN A 62 -27.98 17.36 4.40
CA ASN A 62 -28.02 16.55 5.62
C ASN A 62 -29.16 16.99 6.51
N GLU A 63 -29.45 16.19 7.52
CA GLU A 63 -30.58 16.52 8.38
C GLU A 63 -30.32 16.22 9.83
N GLY A 64 -29.16 16.67 10.28
CA GLY A 64 -28.80 16.62 11.68
C GLY A 64 -28.98 15.26 12.31
N CYS A 65 -29.65 15.24 13.46
CA CYS A 65 -29.92 14.00 14.17
C CYS A 65 -31.07 13.21 13.51
N ASN A 66 -31.34 13.49 12.24
CA ASN A 66 -32.35 12.76 11.52
C ASN A 66 -31.79 12.13 10.28
N GLY A 67 -30.48 12.24 10.12
CA GLY A 67 -29.77 11.53 9.07
C GLY A 67 -29.06 12.42 8.08
N GLY A 68 -28.23 11.82 7.25
CA GLY A 68 -27.47 12.53 6.24
C GLY A 68 -26.59 11.52 5.57
N LEU A 69 -25.78 11.97 4.61
CA LEU A 69 -24.93 11.04 3.88
C LEU A 69 -23.51 11.55 4.00
N MET A 70 -22.59 10.59 4.05
CA MET A 70 -21.20 10.96 4.06
C MET A 70 -20.85 11.85 2.87
N ASP A 71 -21.45 11.60 1.71
CA ASP A 71 -21.13 12.42 0.54
C ASP A 71 -21.53 13.87 0.72
N TYR A 72 -22.66 14.12 1.40
CA TYR A 72 -23.07 15.50 1.72
C TYR A 72 -22.12 16.21 2.67
N ALA A 73 -21.58 15.45 3.64
CA ALA A 73 -20.60 15.95 4.58
C ALA A 73 -19.31 16.30 3.84
N PHE A 74 -18.87 15.43 2.94
CA PHE A 74 -17.63 15.74 2.21
C PHE A 74 -17.86 16.99 1.36
N GLN A 75 -19.02 17.07 0.73
CA GLN A 75 -19.42 18.29 0.04
C GLN A 75 -19.36 19.51 0.96
N TYR A 76 -19.97 19.40 2.15
CA TYR A 76 -20.00 20.52 3.07
C TYR A 76 -18.63 21.11 3.33
N VAL A 77 -17.65 20.24 3.56
CA VAL A 77 -16.31 20.70 3.90
C VAL A 77 -15.62 21.35 2.70
N GLN A 78 -15.97 20.91 1.50
CA GLN A 78 -15.51 21.58 0.31
C GLN A 78 -16.21 22.92 0.24
N ASP A 79 -17.52 22.90 0.45
CA ASP A 79 -18.34 24.11 0.28
C ASP A 79 -17.93 25.17 1.26
N ASN A 80 -17.56 24.70 2.44
CA ASN A 80 -17.37 25.55 3.58
C ASN A 80 -15.91 25.95 3.76
N GLY A 81 -15.01 25.14 3.20
CA GLY A 81 -13.58 25.41 3.24
C GLY A 81 -12.92 24.99 4.54
N GLY A 82 -13.49 24.03 5.23
CA GLY A 82 -12.91 23.61 6.48
C GLY A 82 -13.90 22.93 7.36
N LEU A 83 -13.39 22.28 8.40
CA LEU A 83 -14.17 21.57 9.35
C LEU A 83 -13.38 21.69 10.65
N ASP A 84 -14.07 21.95 11.77
CA ASP A 84 -13.41 22.23 13.07
C ASP A 84 -13.00 20.96 13.78
N SER A 85 -12.04 21.08 14.68
CA SER A 85 -11.59 19.98 15.51
C SER A 85 -12.60 19.63 16.61
N GLU A 86 -12.74 18.34 16.86
CA GLU A 86 -13.48 17.83 18.00
C GLU A 86 -13.30 18.66 19.29
N GLU A 87 -12.09 19.14 19.54
CA GLU A 87 -11.82 19.81 20.80
C GLU A 87 -12.42 21.17 20.74
N SER A 88 -12.38 21.77 19.56
CA SER A 88 -12.83 23.12 19.44
C SER A 88 -14.33 23.20 19.26
N TYR A 89 -14.99 22.06 19.02
CA TYR A 89 -16.40 22.06 18.64
C TYR A 89 -16.99 20.71 19.00
N PRO A 90 -17.20 20.50 20.30
CA PRO A 90 -17.42 19.20 20.91
C PRO A 90 -18.80 18.64 20.62
N TYR A 91 -18.91 17.33 20.77
CA TYR A 91 -20.15 16.62 20.44
C TYR A 91 -21.21 16.83 21.48
N GLU A 92 -22.33 17.40 21.09
CA GLU A 92 -23.42 17.65 22.03
C GLU A 92 -24.53 16.62 21.96
N ALA A 93 -24.75 16.05 20.78
CA ALA A 93 -25.75 14.99 20.58
C ALA A 93 -27.18 15.49 20.41
N THR A 94 -27.37 16.79 20.48
CA THR A 94 -28.55 17.39 19.91
C THR A 94 -28.10 18.08 18.64
N GLU A 95 -28.98 18.88 18.07
N GLU A 95 -28.98 18.90 18.07
CA GLU A 95 -28.67 19.63 16.88
CA GLU A 95 -28.69 19.62 16.84
C GLU A 95 -28.82 21.10 17.21
C GLU A 95 -28.83 21.11 17.07
N GLU A 96 -27.71 21.82 17.17
CA GLU A 96 -27.73 23.22 17.53
C GLU A 96 -27.54 24.20 16.35
N SER A 97 -27.28 25.47 16.64
CA SER A 97 -27.07 26.47 15.58
C SER A 97 -25.59 26.55 15.15
N CYS A 98 -25.34 26.79 13.86
CA CYS A 98 -23.98 26.72 13.35
C CYS A 98 -23.02 27.63 14.10
N LYS A 99 -21.99 27.03 14.69
CA LYS A 99 -20.96 27.78 15.38
C LYS A 99 -19.62 27.53 14.72
N TYR A 100 -19.64 27.13 13.46
CA TYR A 100 -18.40 26.87 12.77
C TYR A 100 -17.54 28.09 12.92
N ASN A 101 -16.29 27.85 13.28
CA ASN A 101 -15.30 28.90 13.43
C ASN A 101 -14.10 28.60 12.54
N PRO A 102 -13.85 29.47 11.53
CA PRO A 102 -12.86 29.15 10.50
C PRO A 102 -11.47 29.13 11.06
N LYS A 103 -11.27 29.64 12.27
CA LYS A 103 -9.92 29.72 12.82
C LYS A 103 -9.52 28.42 13.48
N TYR A 104 -10.48 27.53 13.72
CA TYR A 104 -10.19 26.26 14.37
C TYR A 104 -10.31 25.10 13.37
N SER A 105 -10.41 25.45 12.09
CA SER A 105 -10.45 24.48 11.02
C SER A 105 -9.15 23.69 10.97
N VAL A 106 -9.25 22.41 10.65
CA VAL A 106 -8.08 21.52 10.70
C VAL A 106 -8.08 20.56 9.53
N ALA A 107 -9.16 20.57 8.77
CA ALA A 107 -9.32 19.68 7.64
C ALA A 107 -10.06 20.46 6.60
N ASN A 108 -9.81 20.09 5.35
CA ASN A 108 -10.44 20.71 4.19
C ASN A 108 -10.43 19.60 3.19
N ASP A 109 -11.38 19.59 2.25
CA ASP A 109 -11.29 18.62 1.16
C ASP A 109 -11.60 19.16 -0.23
N THR A 110 -11.16 18.45 -1.26
CA THR A 110 -11.34 18.95 -2.60
C THR A 110 -12.28 18.06 -3.40
N GLY A 111 -13.22 17.43 -2.70
CA GLY A 111 -14.25 16.64 -3.33
C GLY A 111 -14.21 15.27 -2.71
N PHE A 112 -14.84 14.31 -3.37
CA PHE A 112 -14.88 12.98 -2.85
C PHE A 112 -14.96 12.00 -4.02
N VAL A 113 -14.60 10.74 -3.76
CA VAL A 113 -14.60 9.70 -4.80
C VAL A 113 -15.55 8.61 -4.38
N ASP A 114 -16.56 8.39 -5.22
CA ASP A 114 -17.52 7.29 -5.07
C ASP A 114 -16.94 5.97 -5.64
N ILE A 115 -16.83 4.95 -4.79
CA ILE A 115 -16.23 3.68 -5.24
C ILE A 115 -17.26 2.90 -6.06
N PRO A 116 -16.82 2.16 -7.12
CA PRO A 116 -17.72 1.30 -7.88
C PRO A 116 -18.38 0.32 -6.95
N LYS A 117 -19.60 -0.09 -7.27
CA LYS A 117 -20.37 -0.90 -6.33
C LYS A 117 -19.95 -2.37 -6.21
N GLN A 118 -18.65 -2.66 -6.12
CA GLN A 118 -18.19 -4.03 -5.87
C GLN A 118 -17.18 -4.17 -4.73
N GLU A 119 -17.22 -5.34 -4.09
CA GLU A 119 -16.27 -5.71 -3.06
C GLU A 119 -14.81 -5.76 -3.52
N LYS A 120 -14.53 -6.23 -4.76
CA LYS A 120 -13.17 -6.13 -5.32
C LYS A 120 -12.68 -4.70 -5.36
N ALA A 121 -13.55 -3.76 -5.74
CA ALA A 121 -13.18 -2.34 -5.85
C ALA A 121 -13.05 -1.73 -4.49
N LEU A 122 -13.92 -2.14 -3.57
CA LEU A 122 -13.81 -1.70 -2.23
C LEU A 122 -12.44 -2.08 -1.70
N MET A 123 -12.10 -3.37 -1.79
CA MET A 123 -10.81 -3.89 -1.30
C MET A 123 -9.61 -3.13 -1.87
N LYS A 124 -9.60 -2.86 -3.16
CA LYS A 124 -8.57 -1.98 -3.72
C LYS A 124 -8.54 -0.70 -2.91
N ALA A 125 -9.62 0.08 -2.93
CA ALA A 125 -9.65 1.34 -2.17
C ALA A 125 -9.14 1.22 -0.69
N VAL A 126 -9.70 0.26 0.06
CA VAL A 126 -9.27 0.08 1.44
C VAL A 126 -7.75 -0.13 1.47
N ALA A 127 -7.20 -0.98 0.60
CA ALA A 127 -5.74 -1.17 0.57
C ALA A 127 -4.95 0.00 0.00
N THR A 128 -5.48 0.70 -1.00
CA THR A 128 -4.65 1.76 -1.53
C THR A 128 -4.87 3.08 -0.83
N VAL A 129 -6.08 3.34 -0.36
CA VAL A 129 -6.45 4.72 0.04
C VAL A 129 -6.44 4.99 1.55
N GLY A 130 -6.88 4.01 2.32
CA GLY A 130 -7.06 4.19 3.75
C GLY A 130 -8.50 3.89 4.13
N PRO A 131 -8.92 4.35 5.33
CA PRO A 131 -10.28 4.01 5.77
C PRO A 131 -11.35 4.62 4.88
N ILE A 132 -12.44 3.88 4.65
CA ILE A 132 -13.50 4.21 3.69
C ILE A 132 -14.87 4.37 4.40
N SER A 133 -15.62 5.43 4.07
CA SER A 133 -16.98 5.56 4.56
C SER A 133 -17.86 4.62 3.78
N VAL A 134 -18.71 3.89 4.49
CA VAL A 134 -19.67 2.99 3.86
C VAL A 134 -20.98 2.97 4.63
N ALA A 135 -22.01 2.47 3.96
CA ALA A 135 -23.33 2.36 4.54
C ALA A 135 -23.62 0.86 4.59
N ILE A 136 -24.20 0.40 5.69
CA ILE A 136 -24.55 -1.02 5.88
C ILE A 136 -25.97 -1.22 6.43
N ASP A 137 -26.49 -2.43 6.29
CA ASP A 137 -27.77 -2.78 6.86
C ASP A 137 -27.62 -3.25 8.33
N ALA A 138 -27.85 -2.32 9.25
CA ALA A 138 -27.76 -2.61 10.67
C ALA A 138 -29.12 -2.73 11.40
N GLY A 139 -30.20 -2.93 10.66
CA GLY A 139 -31.52 -3.03 11.27
C GLY A 139 -31.88 -4.45 11.68
N HIS A 140 -31.11 -5.01 12.60
CA HIS A 140 -31.33 -6.39 13.08
C HIS A 140 -30.88 -6.58 14.52
N GLU A 141 -31.65 -7.33 15.31
CA GLU A 141 -31.24 -7.72 16.66
C GLU A 141 -29.79 -8.17 16.71
N SER A 142 -29.41 -9.00 15.75
CA SER A 142 -28.06 -9.59 15.69
C SER A 142 -26.96 -8.55 15.65
N PHE A 143 -27.16 -7.47 14.90
CA PHE A 143 -26.18 -6.41 14.85
C PHE A 143 -26.19 -5.64 16.15
N LEU A 144 -27.38 -5.15 16.53
CA LEU A 144 -27.62 -4.45 17.78
C LEU A 144 -26.89 -5.08 18.97
N PHE A 145 -26.93 -6.41 19.10
CA PHE A 145 -26.28 -7.09 20.23
C PHE A 145 -24.97 -7.81 19.90
N TYR A 146 -24.38 -7.48 18.75
CA TYR A 146 -23.12 -8.11 18.28
C TYR A 146 -22.05 -8.08 19.36
N LYS A 147 -21.16 -9.08 19.32
CA LYS A 147 -20.22 -9.29 20.40
C LYS A 147 -18.88 -9.76 19.94
N GLU A 148 -18.83 -10.75 19.05
CA GLU A 148 -17.54 -11.20 18.49
C GLU A 148 -17.69 -12.00 17.19
N GLY A 149 -16.56 -12.44 16.65
CA GLY A 149 -16.57 -13.21 15.42
C GLY A 149 -17.02 -12.46 14.18
N ILE A 150 -17.51 -13.21 13.20
CA ILE A 150 -17.78 -12.67 11.85
C ILE A 150 -19.29 -12.53 11.65
N TYR A 151 -19.77 -11.30 11.54
CA TYR A 151 -21.20 -11.05 11.46
C TYR A 151 -21.81 -11.43 10.11
N PHE A 152 -22.73 -12.39 10.17
CA PHE A 152 -23.56 -12.79 9.06
C PHE A 152 -25.03 -12.86 9.48
N GLU A 153 -25.86 -12.09 8.78
CA GLU A 153 -27.31 -11.99 8.98
C GLU A 153 -27.97 -12.38 7.68
N PRO A 154 -28.54 -13.60 7.62
CA PRO A 154 -29.28 -14.02 6.41
C PRO A 154 -30.29 -12.99 5.93
N ASP A 155 -31.00 -12.31 6.86
CA ASP A 155 -31.97 -11.27 6.48
C ASP A 155 -31.37 -9.96 5.92
N CYS A 156 -30.06 -9.80 5.96
CA CYS A 156 -29.43 -8.55 5.50
C CYS A 156 -29.65 -8.28 4.01
N SER A 157 -29.74 -7.00 3.68
CA SER A 157 -30.06 -6.52 2.36
C SER A 157 -28.83 -5.96 1.65
N SER A 158 -28.61 -6.37 0.41
CA SER A 158 -27.56 -5.81 -0.43
C SER A 158 -27.72 -4.32 -0.78
N GLU A 159 -28.93 -3.76 -0.72
CA GLU A 159 -29.12 -2.41 -1.25
C GLU A 159 -29.86 -1.41 -0.34
N ASP A 160 -30.35 -1.85 0.80
CA ASP A 160 -31.10 -0.94 1.67
C ASP A 160 -30.36 -0.70 2.95
N MET A 161 -29.50 0.31 2.95
CA MET A 161 -28.65 0.58 4.10
C MET A 161 -29.27 1.64 4.98
N ASP A 162 -29.09 1.49 6.28
CA ASP A 162 -29.68 2.42 7.26
C ASP A 162 -28.67 2.94 8.29
N HIS A 163 -27.38 2.62 8.10
CA HIS A 163 -26.35 3.01 9.04
C HIS A 163 -25.01 3.21 8.34
N GLY A 164 -24.36 4.35 8.61
CA GLY A 164 -23.03 4.64 8.08
C GLY A 164 -21.95 4.21 9.08
N VAL A 165 -20.86 3.65 8.56
CA VAL A 165 -19.75 3.22 9.40
C VAL A 165 -18.48 3.45 8.60
N LEU A 166 -17.34 3.10 9.19
CA LEU A 166 -16.01 3.22 8.57
C LEU A 166 -15.30 1.84 8.40
N VAL A 167 -14.78 1.59 7.20
CA VAL A 167 -14.02 0.36 6.99
C VAL A 167 -12.57 0.72 7.18
N VAL A 168 -11.89 0.02 8.06
CA VAL A 168 -10.53 0.40 8.46
C VAL A 168 -9.53 -0.66 8.06
N GLY A 169 -10.06 -1.78 7.54
CA GLY A 169 -9.23 -2.88 7.08
C GLY A 169 -10.03 -4.10 6.64
N TYR A 170 -9.35 -5.24 6.54
CA TYR A 170 -9.95 -6.52 6.20
C TYR A 170 -8.94 -7.60 6.41
N GLY A 171 -9.43 -8.80 6.67
CA GLY A 171 -8.58 -9.95 6.86
C GLY A 171 -9.36 -11.23 6.62
N PHE A 172 -8.98 -12.27 7.36
CA PHE A 172 -9.54 -13.61 7.22
C PHE A 172 -9.21 -14.34 8.51
N GLU A 173 -9.96 -15.41 8.82
CA GLU A 173 -9.72 -16.21 10.05
C GLU A 173 -9.12 -17.60 9.73
N SER A 174 -9.03 -18.48 10.73
CA SER A 174 -8.36 -19.77 10.53
C SER A 174 -8.92 -20.91 11.40
N SER A 177 -14.83 -22.45 8.23
CA SER A 177 -13.64 -22.91 7.54
C SER A 177 -13.56 -22.33 6.11
N ASP A 178 -14.72 -22.30 5.45
CA ASP A 178 -14.86 -22.03 4.01
C ASP A 178 -14.77 -20.54 3.68
N ASN A 179 -15.86 -19.81 3.89
CA ASN A 179 -15.80 -18.35 3.90
C ASN A 179 -15.29 -17.84 5.27
N ASN A 180 -14.03 -17.40 5.27
CA ASN A 180 -13.34 -17.03 6.50
C ASN A 180 -13.03 -15.54 6.57
N LYS A 181 -13.31 -14.82 5.49
CA LYS A 181 -12.84 -13.46 5.29
C LYS A 181 -13.80 -12.39 5.84
N TYR A 182 -13.27 -11.22 6.19
CA TYR A 182 -14.08 -10.15 6.80
C TYR A 182 -13.59 -8.74 6.51
N TRP A 183 -14.47 -7.75 6.72
CA TRP A 183 -14.12 -6.32 6.70
C TRP A 183 -13.97 -5.88 8.14
N LEU A 184 -12.96 -5.06 8.41
N LEU A 184 -12.96 -5.06 8.41
CA LEU A 184 -12.83 -4.49 9.74
CA LEU A 184 -12.78 -4.48 9.73
C LEU A 184 -13.51 -3.13 9.80
C LEU A 184 -13.51 -3.13 9.80
N VAL A 185 -14.59 -3.09 10.56
CA VAL A 185 -15.52 -2.00 10.53
C VAL A 185 -15.61 -1.29 11.89
N LYS A 186 -15.53 0.04 11.84
CA LYS A 186 -15.53 0.88 13.02
C LYS A 186 -16.87 1.56 13.17
N ASN A 187 -17.64 1.13 14.16
CA ASN A 187 -18.98 1.63 14.35
C ASN A 187 -18.88 2.70 15.39
N SER A 188 -19.96 3.45 15.64
CA SER A 188 -19.87 4.61 16.53
C SER A 188 -20.89 4.50 17.64
N TRP A 189 -20.77 3.44 18.44
CA TRP A 189 -21.71 3.20 19.49
C TRP A 189 -20.96 3.00 20.79
N GLY A 190 -19.75 3.54 20.86
CA GLY A 190 -18.96 3.49 22.09
C GLY A 190 -18.23 2.16 22.18
N GLU A 191 -17.24 2.07 23.09
CA GLU A 191 -16.34 0.91 23.12
C GLU A 191 -17.00 -0.37 23.64
N GLU A 192 -18.08 -0.22 24.40
N GLU A 192 -18.10 -0.25 24.37
CA GLU A 192 -18.79 -1.36 24.98
CA GLU A 192 -18.70 -1.43 24.98
C GLU A 192 -19.19 -2.34 23.89
C GLU A 192 -19.72 -2.15 24.10
N TRP A 193 -19.73 -1.79 22.81
CA TRP A 193 -20.42 -2.58 21.79
C TRP A 193 -19.45 -3.41 20.92
N GLY A 194 -19.70 -4.72 20.84
CA GLY A 194 -18.88 -5.67 20.08
C GLY A 194 -17.41 -5.61 20.43
N MET A 195 -16.56 -5.87 19.45
CA MET A 195 -15.11 -5.98 19.65
C MET A 195 -14.39 -4.65 19.83
N GLY A 196 -14.59 -4.04 20.99
CA GLY A 196 -13.98 -2.78 21.30
C GLY A 196 -14.57 -1.66 20.47
N GLY A 197 -15.85 -1.79 20.09
CA GLY A 197 -16.51 -0.79 19.25
C GLY A 197 -16.45 -1.14 17.77
N TYR A 198 -15.78 -2.27 17.45
CA TYR A 198 -15.57 -2.71 16.09
C TYR A 198 -16.36 -3.97 15.78
N VAL A 199 -16.45 -4.26 14.49
CA VAL A 199 -17.25 -5.36 13.97
C VAL A 199 -16.61 -5.97 12.71
N LYS A 200 -16.39 -7.28 12.79
N LYS A 200 -16.51 -7.29 12.65
CA LYS A 200 -15.80 -8.09 11.73
CA LYS A 200 -16.12 -7.93 11.40
C LYS A 200 -16.96 -8.57 10.86
C LYS A 200 -17.38 -8.17 10.57
N MET A 201 -17.30 -7.77 9.82
N MET A 201 -17.49 -7.55 9.40
CA MET A 201 -18.40 -8.08 8.89
CA MET A 201 -18.62 -7.85 8.54
C MET A 201 -17.96 -9.12 7.87
C MET A 201 -18.16 -8.81 7.47
N ALA A 202 -18.90 -9.89 7.33
CA ALA A 202 -18.56 -10.94 6.36
C ALA A 202 -18.17 -10.31 5.05
N LYS A 203 -17.03 -10.72 4.53
CA LYS A 203 -16.54 -10.17 3.28
C LYS A 203 -16.54 -11.19 2.15
N ASP A 204 -16.98 -10.76 0.98
CA ASP A 204 -16.95 -11.60 -0.21
C ASP A 204 -18.00 -12.70 -0.13
N ARG A 205 -19.03 -12.41 0.65
CA ARG A 205 -20.23 -13.20 0.65
C ARG A 205 -21.36 -12.36 0.05
N ARG A 206 -21.19 -12.03 -1.24
CA ARG A 206 -22.22 -11.40 -2.07
C ARG A 206 -22.62 -10.01 -1.60
N ASN A 207 -21.62 -9.25 -1.20
CA ASN A 207 -21.80 -7.89 -0.72
C ASN A 207 -22.81 -7.94 0.42
N HIS A 208 -22.43 -8.64 1.48
N HIS A 208 -22.43 -8.65 1.47
CA HIS A 208 -23.30 -8.78 2.63
CA HIS A 208 -23.24 -8.78 2.67
C HIS A 208 -23.57 -7.42 3.28
C HIS A 208 -23.56 -7.41 3.28
N CYS A 209 -24.79 -7.26 3.77
CA CYS A 209 -25.31 -5.95 4.28
C CYS A 209 -25.04 -4.70 3.42
N GLY A 210 -24.61 -4.89 2.18
CA GLY A 210 -24.52 -3.82 1.19
C GLY A 210 -23.30 -2.98 1.45
N ILE A 211 -22.36 -3.57 2.17
CA ILE A 211 -21.18 -2.85 2.56
C ILE A 211 -20.52 -2.19 1.35
N ALA A 212 -20.40 -2.92 0.25
CA ALA A 212 -19.76 -2.34 -0.94
C ALA A 212 -20.66 -1.39 -1.72
N SER A 213 -21.85 -1.08 -1.22
CA SER A 213 -22.90 -0.42 -2.01
C SER A 213 -22.99 1.13 -2.05
N ALA A 214 -22.47 1.80 -1.04
CA ALA A 214 -22.30 3.25 -1.15
C ALA A 214 -21.02 3.63 -0.41
N ALA A 215 -19.90 3.21 -0.98
CA ALA A 215 -18.61 3.43 -0.40
C ALA A 215 -18.07 4.69 -1.02
N SER A 216 -17.45 5.52 -0.19
CA SER A 216 -16.75 6.71 -0.68
C SER A 216 -15.66 7.20 0.29
N TYR A 217 -14.86 8.17 -0.17
CA TYR A 217 -13.89 8.85 0.69
C TYR A 217 -13.57 10.18 0.08
N PRO A 218 -13.07 11.12 0.89
CA PRO A 218 -12.79 12.46 0.41
C PRO A 218 -11.45 12.57 -0.23
N THR A 219 -11.28 13.52 -1.13
CA THR A 219 -9.97 13.86 -1.70
C THR A 219 -9.43 15.12 -1.02
N VAL A 220 -8.16 15.06 -0.63
CA VAL A 220 -7.61 16.03 0.33
C VAL A 220 -6.35 16.77 -0.13
N ALA B 1 16.77 15.13 22.54
CA ALA B 1 16.89 13.70 22.17
C ALA B 1 16.09 12.79 23.13
N PRO B 2 15.28 11.87 22.57
CA PRO B 2 14.36 11.03 23.37
C PRO B 2 15.05 10.32 24.53
N ARG B 3 14.29 9.93 25.55
CA ARG B 3 14.90 9.15 26.65
C ARG B 3 15.25 7.67 26.35
N SER B 4 14.66 7.09 25.31
CA SER B 4 15.07 5.78 24.79
C SER B 4 15.20 5.86 23.27
N VAL B 5 16.01 4.98 22.69
CA VAL B 5 16.25 4.89 21.24
C VAL B 5 16.67 3.43 21.00
N ASP B 6 15.96 2.75 20.09
CA ASP B 6 16.35 1.40 19.65
C ASP B 6 16.07 1.21 18.17
N TRP B 7 17.10 1.47 17.34
CA TRP B 7 16.97 1.41 15.89
C TRP B 7 16.65 0.02 15.32
N ARG B 8 16.77 -1.01 16.15
CA ARG B 8 16.45 -2.35 15.74
C ARG B 8 14.99 -2.39 15.34
N GLU B 9 14.18 -1.55 15.98
CA GLU B 9 12.74 -1.57 15.85
C GLU B 9 12.24 -0.87 14.62
N LYS B 10 12.94 0.16 14.19
CA LYS B 10 12.57 0.89 12.96
C LYS B 10 13.18 0.18 11.75
N GLY B 11 13.83 -0.95 12.02
CA GLY B 11 14.40 -1.84 11.01
C GLY B 11 15.69 -1.37 10.37
N TYR B 12 16.58 -0.79 11.17
CA TYR B 12 17.85 -0.28 10.65
C TYR B 12 19.00 -1.25 10.86
N VAL B 13 18.76 -2.38 11.53
CA VAL B 13 19.87 -3.21 12.00
C VAL B 13 19.77 -4.68 11.57
N THR B 14 20.75 -5.17 10.81
CA THR B 14 20.77 -6.57 10.43
C THR B 14 21.00 -7.49 11.66
N PRO B 15 20.69 -8.80 11.54
CA PRO B 15 21.04 -9.77 12.61
C PRO B 15 22.50 -9.74 13.00
N VAL B 16 22.76 -10.09 14.25
CA VAL B 16 24.08 -10.18 14.84
C VAL B 16 24.93 -11.11 13.95
N LYS B 17 26.15 -10.74 13.64
CA LYS B 17 27.02 -11.63 12.86
C LYS B 17 28.21 -12.10 13.68
N ASN B 18 29.08 -12.94 13.09
CA ASN B 18 30.24 -13.51 13.79
C ASN B 18 31.51 -13.38 12.98
N GLN B 19 32.54 -12.73 13.53
CA GLN B 19 33.79 -12.56 12.80
C GLN B 19 34.68 -13.80 12.85
N GLY B 20 34.42 -14.70 13.82
CA GLY B 20 35.28 -15.85 14.07
C GLY B 20 36.67 -15.37 14.45
N GLN B 21 37.70 -16.19 14.21
CA GLN B 21 39.04 -15.83 14.64
C GLN B 21 39.72 -14.93 13.60
N CYS B 22 39.26 -13.70 13.48
CA CYS B 22 39.85 -12.73 12.58
C CYS B 22 39.58 -11.33 13.12
N GLY B 23 40.60 -10.48 13.14
CA GLY B 23 40.49 -9.18 13.78
C GLY B 23 39.84 -8.17 12.87
N SER B 24 38.55 -8.35 12.63
CA SER B 24 37.86 -7.58 11.64
C SER B 24 36.61 -6.88 12.23
N CYS B 25 36.67 -6.60 13.53
CA CYS B 25 35.58 -5.98 14.19
C CYS B 25 35.30 -4.65 13.50
N TRP B 26 36.39 -3.96 13.17
CA TRP B 26 36.28 -2.69 12.50
C TRP B 26 35.38 -2.78 11.25
N ALA B 27 35.56 -3.80 10.42
CA ALA B 27 34.68 -4.01 9.26
C ALA B 27 33.21 -4.32 9.61
N PHE B 28 32.96 -5.16 10.60
CA PHE B 28 31.58 -5.36 11.03
C PHE B 28 30.94 -4.09 11.59
N SER B 29 31.69 -3.32 12.37
CA SER B 29 31.21 -2.04 12.83
C SER B 29 30.90 -1.09 11.68
N ALA B 30 31.79 -1.05 10.67
CA ALA B 30 31.59 -0.22 9.47
C ALA B 30 30.30 -0.61 8.73
N THR B 31 30.25 -1.86 8.23
CA THR B 31 29.04 -2.38 7.57
C THR B 31 27.75 -2.06 8.34
N GLY B 32 27.73 -2.28 9.65
CA GLY B 32 26.54 -1.94 10.44
C GLY B 32 26.16 -0.46 10.37
N ALA B 33 27.14 0.43 10.50
CA ALA B 33 26.85 1.84 10.37
C ALA B 33 26.28 2.03 8.98
N LEU B 34 26.96 1.50 7.98
N LEU B 34 26.98 1.53 7.97
CA LEU B 34 26.56 1.72 6.60
CA LEU B 34 26.56 1.69 6.58
C LEU B 34 25.17 1.10 6.30
C LEU B 34 25.19 1.08 6.27
N GLU B 35 24.87 -0.04 6.91
CA GLU B 35 23.62 -0.78 6.66
C GLU B 35 22.39 0.04 7.00
N GLY B 36 22.48 0.78 8.09
CA GLY B 36 21.40 1.64 8.54
C GLY B 36 21.33 2.97 7.82
N GLN B 37 22.47 3.54 7.44
CA GLN B 37 22.44 4.77 6.66
C GLN B 37 21.86 4.50 5.28
N MET B 38 22.28 3.43 4.66
CA MET B 38 21.66 3.00 3.41
C MET B 38 20.17 2.85 3.60
N PHE B 39 19.76 2.25 4.72
CA PHE B 39 18.34 2.04 5.00
C PHE B 39 17.57 3.35 5.13
N ARG B 40 18.17 4.34 5.78
CA ARG B 40 17.54 5.65 5.88
C ARG B 40 17.27 6.17 4.48
N LYS B 41 18.21 5.93 3.57
CA LYS B 41 18.20 6.51 2.24
C LYS B 41 17.28 5.77 1.27
N THR B 42 17.31 4.44 1.30
CA THR B 42 16.59 3.61 0.32
C THR B 42 15.44 2.83 0.91
N GLY B 43 15.28 2.87 2.24
CA GLY B 43 14.23 2.06 2.89
C GLY B 43 14.34 0.53 2.74
N ARG B 44 15.41 0.05 2.10
CA ARG B 44 15.69 -1.38 1.92
C ARG B 44 16.87 -1.71 2.79
N LEU B 45 16.73 -2.70 3.66
CA LEU B 45 17.81 -3.14 4.53
C LEU B 45 18.58 -4.25 3.85
N ILE B 46 19.82 -3.99 3.44
CA ILE B 46 20.67 -5.04 2.85
C ILE B 46 22.04 -5.23 3.55
N SER B 47 22.28 -6.48 3.90
CA SER B 47 23.50 -6.90 4.56
C SER B 47 24.76 -6.66 3.69
N LEU B 48 25.67 -5.82 4.17
CA LEU B 48 26.88 -5.46 3.42
C LEU B 48 28.02 -6.38 3.72
N SER B 49 29.04 -6.37 2.86
CA SER B 49 30.11 -7.37 2.88
C SER B 49 31.37 -6.97 3.65
N GLU B 50 31.59 -7.59 4.80
CA GLU B 50 32.78 -7.30 5.60
C GLU B 50 34.04 -7.83 4.88
N GLN B 51 33.86 -8.95 4.21
CA GLN B 51 34.93 -9.57 3.48
C GLN B 51 35.45 -8.60 2.41
N ASN B 52 34.53 -7.86 1.79
CA ASN B 52 34.91 -6.85 0.79
C ASN B 52 35.94 -5.84 1.39
N LEU B 53 35.67 -5.34 2.59
CA LEU B 53 36.53 -4.36 3.19
C LEU B 53 37.87 -4.99 3.59
N VAL B 54 37.79 -6.09 4.34
CA VAL B 54 38.97 -6.86 4.76
C VAL B 54 39.91 -7.17 3.61
N ASP B 55 39.36 -7.44 2.43
CA ASP B 55 40.18 -7.82 1.31
C ASP B 55 40.87 -6.62 0.65
N CYS B 56 40.17 -5.49 0.56
CA CYS B 56 40.48 -4.48 -0.46
C CYS B 56 40.97 -3.16 0.10
N SER B 57 40.56 -2.80 1.31
CA SER B 57 40.84 -1.49 1.86
C SER B 57 42.26 -1.38 2.41
N GLY B 58 43.16 -2.26 1.98
CA GLY B 58 44.59 -2.21 2.34
C GLY B 58 45.16 -0.82 2.15
N PRO B 59 45.09 -0.29 0.92
CA PRO B 59 45.55 1.08 0.66
C PRO B 59 45.05 2.15 1.62
N GLN B 60 43.87 1.97 2.23
CA GLN B 60 43.33 3.05 3.05
C GLN B 60 43.92 3.08 4.45
N GLY B 61 44.71 2.07 4.78
CA GLY B 61 45.32 1.99 6.10
C GLY B 61 44.72 0.86 6.92
N ASN B 62 43.83 0.10 6.31
CA ASN B 62 43.30 -1.09 6.98
C ASN B 62 44.24 -2.26 6.85
N GLU B 63 44.27 -3.11 7.86
CA GLU B 63 45.21 -4.22 7.89
C GLU B 63 44.57 -5.62 7.93
N GLY B 64 43.47 -5.83 7.19
CA GLY B 64 42.80 -7.14 7.16
C GLY B 64 42.45 -7.68 8.54
N CYS B 65 42.80 -8.94 8.80
CA CYS B 65 42.50 -9.50 10.11
C CYS B 65 43.47 -9.03 11.16
N ASN B 66 44.36 -8.12 10.77
CA ASN B 66 45.34 -7.51 11.67
C ASN B 66 44.88 -6.18 12.26
N GLY B 67 43.59 -5.92 12.15
CA GLY B 67 43.03 -4.69 12.69
C GLY B 67 42.72 -3.77 11.54
N GLY B 68 42.03 -2.68 11.83
CA GLY B 68 41.65 -1.68 10.84
C GLY B 68 40.81 -0.68 11.58
N LEU B 69 40.29 0.34 10.89
CA LEU B 69 39.42 1.35 11.50
C LEU B 69 38.23 1.62 10.61
N MET B 70 37.08 1.89 11.22
CA MET B 70 35.88 2.20 10.50
C MET B 70 36.06 3.37 9.54
N ASP B 71 36.80 4.38 9.96
CA ASP B 71 36.94 5.56 9.17
C ASP B 71 37.74 5.28 7.93
N TYR B 72 38.70 4.38 8.06
CA TYR B 72 39.46 3.98 6.87
C TYR B 72 38.56 3.24 5.91
N ALA B 73 37.66 2.43 6.46
CA ALA B 73 36.72 1.67 5.65
C ALA B 73 35.77 2.60 4.92
N PHE B 74 35.20 3.57 5.63
CA PHE B 74 34.28 4.51 5.00
C PHE B 74 34.97 5.14 3.81
N GLN B 75 36.18 5.68 4.03
CA GLN B 75 37.04 6.20 2.94
C GLN B 75 37.19 5.24 1.75
N TYR B 76 37.48 3.97 2.03
CA TYR B 76 37.56 2.94 0.98
C TYR B 76 36.30 2.83 0.17
N VAL B 77 35.14 3.01 0.80
CA VAL B 77 33.88 2.86 0.08
C VAL B 77 33.75 4.02 -0.92
N GLN B 78 34.18 5.19 -0.48
CA GLN B 78 34.07 6.39 -1.26
C GLN B 78 34.99 6.33 -2.46
N ASP B 79 36.26 6.04 -2.20
CA ASP B 79 37.32 5.98 -3.21
C ASP B 79 37.02 4.89 -4.23
N ASN B 80 36.56 3.75 -3.73
CA ASN B 80 36.24 2.59 -4.55
C ASN B 80 34.93 2.78 -5.34
N GLY B 81 34.16 3.84 -5.03
CA GLY B 81 32.78 3.99 -5.50
C GLY B 81 31.83 2.82 -5.22
N GLY B 82 31.98 2.12 -4.09
CA GLY B 82 31.06 1.00 -3.82
C GLY B 82 31.45 -0.12 -2.88
N LEU B 83 30.49 -0.97 -2.54
CA LEU B 83 30.70 -2.07 -1.58
C LEU B 83 29.73 -3.18 -1.89
N ASP B 84 30.25 -4.41 -2.00
CA ASP B 84 29.40 -5.55 -2.33
C ASP B 84 28.46 -6.01 -1.18
N SER B 85 27.42 -6.72 -1.56
CA SER B 85 26.48 -7.29 -0.61
C SER B 85 27.12 -8.51 0.05
N GLU B 86 26.66 -8.87 1.23
CA GLU B 86 27.15 -10.10 1.90
C GLU B 86 26.92 -11.27 0.98
N GLU B 87 25.78 -11.30 0.30
CA GLU B 87 25.46 -12.41 -0.57
C GLU B 87 26.48 -12.56 -1.71
N SER B 88 26.79 -11.47 -2.40
CA SER B 88 27.64 -11.52 -3.57
C SER B 88 29.10 -11.78 -3.29
N TYR B 89 29.49 -11.77 -2.01
CA TYR B 89 30.90 -11.70 -1.56
C TYR B 89 30.97 -12.12 -0.06
N PRO B 90 30.65 -13.40 0.22
CA PRO B 90 30.46 -14.00 1.55
C PRO B 90 31.67 -13.89 2.46
N TYR B 91 31.41 -13.69 3.74
CA TYR B 91 32.48 -13.51 4.70
C TYR B 91 33.25 -14.79 4.91
N GLU B 92 34.55 -14.75 4.67
CA GLU B 92 35.38 -15.95 4.71
C GLU B 92 36.17 -16.13 6.00
N ALA B 93 36.34 -15.03 6.73
CA ALA B 93 37.11 -14.97 8.00
C ALA B 93 38.63 -15.01 7.82
N THR B 94 39.10 -14.79 6.60
CA THR B 94 40.54 -14.66 6.36
C THR B 94 40.81 -13.63 5.31
N GLU B 95 41.95 -12.94 5.41
N GLU B 95 41.98 -13.01 5.40
CA GLU B 95 42.30 -12.03 4.35
CA GLU B 95 42.49 -12.10 4.39
C GLU B 95 42.62 -12.88 3.12
C GLU B 95 42.74 -12.87 3.08
N GLU B 96 42.21 -12.36 1.97
CA GLU B 96 42.35 -13.01 0.65
C GLU B 96 42.49 -11.84 -0.34
N SER B 97 42.46 -12.14 -1.64
CA SER B 97 42.67 -11.12 -2.67
C SER B 97 41.39 -10.40 -3.13
N CYS B 98 41.53 -9.16 -3.59
CA CYS B 98 40.37 -8.32 -3.83
C CYS B 98 39.47 -8.83 -4.96
N LYS B 99 38.22 -9.12 -4.63
CA LYS B 99 37.28 -9.65 -5.60
C LYS B 99 36.15 -8.68 -5.92
N TYR B 100 36.24 -7.45 -5.41
CA TYR B 100 35.15 -6.48 -5.58
C TYR B 100 34.66 -6.51 -6.99
N ASN B 101 33.35 -6.44 -7.15
CA ASN B 101 32.75 -6.40 -8.45
C ASN B 101 31.71 -5.30 -8.43
N PRO B 102 31.96 -4.20 -9.18
CA PRO B 102 31.07 -3.03 -9.10
C PRO B 102 29.65 -3.38 -9.49
N LYS B 103 29.51 -4.39 -10.34
CA LYS B 103 28.22 -4.85 -10.80
C LYS B 103 27.32 -5.26 -9.64
N TYR B 104 27.92 -5.76 -8.56
CA TYR B 104 27.17 -6.20 -7.39
C TYR B 104 27.16 -5.21 -6.22
N SER B 105 27.43 -3.92 -6.48
CA SER B 105 27.53 -2.87 -5.44
C SER B 105 26.16 -2.43 -4.93
N VAL B 106 26.05 -2.12 -3.64
CA VAL B 106 24.73 -1.90 -3.02
C VAL B 106 24.76 -0.83 -1.93
N ALA B 107 25.94 -0.23 -1.81
CA ALA B 107 26.17 0.80 -0.85
C ALA B 107 27.15 1.77 -1.43
N ASN B 108 26.98 3.04 -1.05
CA ASN B 108 27.84 4.12 -1.46
C ASN B 108 27.86 5.18 -0.38
N ASP B 109 29.04 5.70 -0.09
CA ASP B 109 29.12 6.84 0.80
C ASP B 109 30.03 7.91 0.25
N THR B 110 29.82 9.13 0.75
CA THR B 110 30.48 10.32 0.20
C THR B 110 31.50 10.96 1.15
N GLY B 111 31.50 10.48 2.40
CA GLY B 111 32.45 10.87 3.43
C GLY B 111 32.01 10.27 4.75
N PHE B 112 32.73 10.62 5.83
CA PHE B 112 32.36 10.19 7.19
C PHE B 112 32.38 11.39 8.11
N VAL B 113 31.62 11.31 9.20
CA VAL B 113 31.55 12.39 10.21
C VAL B 113 32.08 11.86 11.52
N ASP B 114 33.17 12.47 12.01
CA ASP B 114 33.68 12.12 13.34
C ASP B 114 32.94 12.92 14.39
N ILE B 115 32.31 12.23 15.32
CA ILE B 115 31.56 12.87 16.38
C ILE B 115 32.56 13.38 17.44
N PRO B 116 32.36 14.62 17.99
CA PRO B 116 33.04 15.15 19.18
C PRO B 116 33.12 14.13 20.29
N LYS B 117 34.13 14.27 21.15
CA LYS B 117 34.45 13.24 22.17
C LYS B 117 33.73 13.33 23.54
N GLN B 118 32.40 13.44 23.53
CA GLN B 118 31.63 13.49 24.78
C GLN B 118 30.30 12.73 24.60
N GLU B 119 29.83 12.10 25.68
CA GLU B 119 28.62 11.31 25.61
C GLU B 119 27.39 12.09 25.20
N LYS B 120 27.45 13.42 25.27
CA LYS B 120 26.32 14.24 24.83
C LYS B 120 26.22 14.25 23.31
N ALA B 121 27.38 14.38 22.67
CA ALA B 121 27.47 14.41 21.22
C ALA B 121 27.13 13.07 20.60
N LEU B 122 27.30 12.00 21.35
CA LEU B 122 26.99 10.70 20.81
C LEU B 122 25.48 10.52 20.89
N MET B 123 24.90 10.81 22.06
CA MET B 123 23.46 10.67 22.24
C MET B 123 22.68 11.41 21.14
N LYS B 124 23.15 12.59 20.75
CA LYS B 124 22.56 13.34 19.61
C LYS B 124 22.63 12.56 18.32
N ALA B 125 23.84 12.14 17.98
CA ALA B 125 24.06 11.41 16.76
C ALA B 125 23.20 10.15 16.77
N VAL B 126 23.26 9.36 17.84
CA VAL B 126 22.43 8.16 17.89
C VAL B 126 20.95 8.48 17.66
N ALA B 127 20.46 9.56 18.29
CA ALA B 127 19.09 10.03 18.13
C ALA B 127 18.71 10.41 16.69
N THR B 128 19.55 11.20 16.03
CA THR B 128 19.13 11.85 14.75
C THR B 128 19.58 11.12 13.48
N VAL B 129 20.68 10.36 13.58
CA VAL B 129 21.34 9.72 12.43
C VAL B 129 21.02 8.22 12.28
N GLY B 130 20.88 7.52 13.38
CA GLY B 130 20.77 6.06 13.31
C GLY B 130 21.99 5.50 13.97
N PRO B 131 22.25 4.19 13.80
CA PRO B 131 23.39 3.47 14.45
C PRO B 131 24.77 4.09 14.20
N ILE B 132 25.66 4.10 15.20
CA ILE B 132 26.99 4.70 15.06
C ILE B 132 28.14 3.70 15.31
N SER B 133 29.22 3.80 14.54
CA SER B 133 30.41 3.04 14.80
C SER B 133 31.25 3.61 15.98
N VAL B 134 31.59 2.77 16.95
CA VAL B 134 32.38 3.23 18.08
C VAL B 134 33.51 2.26 18.34
N ALA B 135 34.53 2.71 19.06
CA ALA B 135 35.51 1.80 19.63
C ALA B 135 35.23 1.64 21.12
N ILE B 136 35.39 0.44 21.67
CA ILE B 136 35.37 0.33 23.13
C ILE B 136 36.62 -0.34 23.67
N ASP B 137 36.85 -0.16 24.96
CA ASP B 137 37.85 -0.96 25.61
C ASP B 137 37.13 -2.27 25.89
N ALA B 138 37.62 -3.38 25.38
CA ALA B 138 36.95 -4.65 25.57
C ALA B 138 37.91 -5.68 26.07
N GLY B 139 39.05 -5.26 26.62
CA GLY B 139 40.11 -6.21 26.94
C GLY B 139 40.03 -6.74 28.35
N HIS B 140 38.90 -7.35 28.70
CA HIS B 140 38.61 -7.69 30.09
C HIS B 140 37.81 -8.96 30.17
N GLU B 141 38.22 -9.91 31.02
CA GLU B 141 37.51 -11.19 31.12
C GLU B 141 35.99 -10.98 31.22
N SER B 142 35.61 -9.98 32.01
CA SER B 142 34.21 -9.57 32.21
C SER B 142 33.46 -9.12 30.93
N PHE B 143 34.18 -8.78 29.89
CA PHE B 143 33.53 -8.44 28.65
C PHE B 143 33.39 -9.72 27.86
N LEU B 144 34.51 -10.40 27.69
CA LEU B 144 34.56 -11.66 26.97
C LEU B 144 33.46 -12.62 27.42
N PHE B 145 33.19 -12.65 28.73
CA PHE B 145 32.14 -13.52 29.28
C PHE B 145 30.90 -12.82 29.81
N TYR B 146 30.68 -11.59 29.34
CA TYR B 146 29.48 -10.84 29.64
C TYR B 146 28.22 -11.60 29.23
N LYS B 147 27.24 -11.59 30.14
CA LYS B 147 26.00 -12.32 29.93
C LYS B 147 24.78 -11.43 29.87
N GLU B 148 24.55 -10.68 30.95
CA GLU B 148 23.43 -9.72 30.97
C GLU B 148 23.64 -8.50 31.88
N GLY B 149 22.61 -7.68 32.00
CA GLY B 149 22.64 -6.45 32.81
C GLY B 149 23.44 -5.31 32.19
N ILE B 150 23.69 -4.25 32.97
CA ILE B 150 24.50 -3.16 32.47
C ILE B 150 25.99 -3.42 32.70
N TYR B 151 26.74 -3.48 31.61
CA TYR B 151 28.18 -3.68 31.69
C TYR B 151 28.88 -2.46 32.32
N PHE B 152 29.54 -2.68 33.46
CA PHE B 152 30.42 -1.65 34.03
C PHE B 152 31.70 -2.28 34.53
N GLU B 153 32.82 -1.69 34.14
CA GLU B 153 34.13 -2.29 34.38
C GLU B 153 35.10 -1.27 34.99
N PRO B 154 35.34 -1.38 36.30
CA PRO B 154 36.08 -0.35 37.03
C PRO B 154 37.44 -0.11 36.44
N ASP B 155 37.98 -1.13 35.79
CA ASP B 155 39.30 -1.05 35.20
C ASP B 155 39.36 -0.57 33.74
N CYS B 156 38.21 -0.43 33.09
CA CYS B 156 38.15 0.07 31.70
C CYS B 156 38.90 1.37 31.62
N SER B 157 39.68 1.51 30.56
CA SER B 157 40.26 2.80 30.18
C SER B 157 39.33 3.53 29.21
N SER B 158 39.47 4.85 29.17
CA SER B 158 38.70 5.67 28.22
C SER B 158 39.48 6.22 27.03
N GLU B 159 40.74 5.82 26.82
CA GLU B 159 41.43 6.23 25.59
C GLU B 159 42.09 5.05 24.89
N ASP B 160 42.11 3.91 25.57
CA ASP B 160 42.77 2.77 25.01
C ASP B 160 41.76 1.71 24.57
N MET B 161 40.95 2.11 23.59
CA MET B 161 39.98 1.24 22.92
C MET B 161 40.67 0.23 22.03
N ASP B 162 40.11 -0.96 21.97
CA ASP B 162 40.75 -2.05 21.27
C ASP B 162 39.73 -2.97 20.59
N HIS B 163 38.52 -2.46 20.36
CA HIS B 163 37.46 -3.26 19.77
C HIS B 163 36.38 -2.39 19.12
N GLY B 164 35.96 -2.77 17.91
CA GLY B 164 34.98 -1.97 17.18
C GLY B 164 33.59 -2.56 17.32
N VAL B 165 32.64 -1.73 17.77
CA VAL B 165 31.25 -2.16 17.81
C VAL B 165 30.35 -1.12 17.15
N LEU B 166 29.04 -1.34 17.30
CA LEU B 166 28.02 -0.43 16.80
C LEU B 166 27.02 -0.12 17.91
N VAL B 167 26.72 1.18 18.06
CA VAL B 167 25.67 1.65 18.97
C VAL B 167 24.37 1.73 18.19
N VAL B 168 23.39 0.90 18.56
CA VAL B 168 22.07 0.96 17.90
C VAL B 168 21.04 1.69 18.76
N GLY B 169 21.44 2.10 19.96
CA GLY B 169 20.51 2.83 20.79
C GLY B 169 20.92 3.00 22.24
N TYR B 170 19.98 3.49 23.04
CA TYR B 170 20.22 3.70 24.45
C TYR B 170 18.95 3.65 25.26
N GLY B 171 19.10 3.55 26.57
CA GLY B 171 17.94 3.48 27.44
C GLY B 171 18.31 3.57 28.91
N PHE B 172 17.40 3.08 29.74
CA PHE B 172 17.54 3.12 31.19
C PHE B 172 16.72 2.01 31.83
N GLU B 173 17.25 1.40 32.89
CA GLU B 173 16.53 0.36 33.61
C GLU B 173 15.73 1.00 34.71
N SER B 174 14.47 0.57 34.86
CA SER B 174 13.64 1.04 35.98
C SER B 174 14.02 0.34 37.29
N THR B 175 15.23 0.66 37.77
CA THR B 175 15.72 0.25 39.09
C THR B 175 16.07 1.54 39.84
N GLU B 176 15.70 2.67 39.23
CA GLU B 176 15.78 4.03 39.81
C GLU B 176 17.21 4.49 40.16
N ASP B 178 21.77 3.11 41.26
CA ASP B 178 21.39 4.46 40.83
C ASP B 178 21.75 4.64 39.36
N ASN B 179 22.76 3.90 38.91
CA ASN B 179 23.34 4.10 37.58
C ASN B 179 22.66 3.22 36.53
N ASN B 180 21.53 3.69 36.05
CA ASN B 180 20.66 2.87 35.23
C ASN B 180 20.72 3.17 33.74
N LYS B 181 21.44 4.20 33.33
CA LYS B 181 21.48 4.57 31.91
C LYS B 181 22.51 3.78 31.10
N TYR B 182 22.11 3.23 29.96
CA TYR B 182 22.96 2.34 29.19
C TYR B 182 22.92 2.59 27.70
N TRP B 183 23.94 2.09 27.00
CA TRP B 183 24.03 2.17 25.54
C TRP B 183 23.71 0.79 25.04
N LEU B 184 22.80 0.67 24.07
N LEU B 184 22.82 0.69 24.06
CA LEU B 184 22.54 -0.62 23.45
CA LEU B 184 22.51 -0.58 23.40
C LEU B 184 23.51 -0.86 22.29
C LEU B 184 23.53 -0.84 22.28
N VAL B 185 24.47 -1.74 22.55
CA VAL B 185 25.60 -2.01 21.64
C VAL B 185 25.55 -3.38 20.97
N LYS B 186 25.75 -3.37 19.65
CA LYS B 186 25.75 -4.59 18.81
C LYS B 186 27.14 -5.11 18.55
N ASN B 187 27.46 -6.28 19.08
CA ASN B 187 28.77 -6.91 18.84
C ASN B 187 28.86 -7.69 17.50
N SER B 188 29.98 -8.34 17.23
CA SER B 188 30.07 -9.29 16.13
C SER B 188 30.67 -10.58 16.64
N TRP B 189 30.15 -11.11 17.74
CA TRP B 189 30.64 -12.39 18.25
C TRP B 189 29.57 -13.49 18.19
N GLY B 190 28.65 -13.35 17.24
CA GLY B 190 27.50 -14.25 17.15
C GLY B 190 26.47 -14.09 18.27
N GLU B 191 25.40 -14.87 18.18
CA GLU B 191 24.23 -14.71 19.04
C GLU B 191 24.45 -15.29 20.42
N GLU B 192 25.28 -16.33 20.50
N GLU B 192 25.28 -16.32 20.54
CA GLU B 192 25.54 -17.05 21.74
CA GLU B 192 25.41 -17.02 21.80
C GLU B 192 26.00 -16.08 22.84
C GLU B 192 26.28 -16.28 22.83
N TRP B 193 26.86 -15.15 22.45
CA TRP B 193 27.53 -14.22 23.39
C TRP B 193 26.59 -13.13 23.86
N GLY B 194 26.74 -12.69 25.09
CA GLY B 194 25.97 -11.57 25.60
C GLY B 194 24.49 -11.82 25.58
N MET B 195 23.73 -10.77 25.25
CA MET B 195 22.27 -10.81 25.14
C MET B 195 21.78 -10.93 23.70
N GLY B 196 21.85 -12.16 23.19
CA GLY B 196 21.52 -12.45 21.81
C GLY B 196 22.48 -11.72 20.91
N GLY B 197 23.65 -11.38 21.48
CA GLY B 197 24.79 -10.79 20.76
C GLY B 197 24.93 -9.31 21.05
N TYR B 198 24.06 -8.81 21.94
CA TYR B 198 24.09 -7.42 22.38
C TYR B 198 24.57 -7.22 23.83
N VAL B 199 25.08 -6.04 24.09
CA VAL B 199 25.53 -5.70 25.40
C VAL B 199 24.99 -4.31 25.74
N LYS B 200 24.54 -4.17 26.98
N LYS B 200 24.74 -4.06 27.02
CA LYS B 200 23.98 -2.94 27.51
CA LYS B 200 24.49 -2.71 27.51
C LYS B 200 25.10 -2.27 28.30
C LYS B 200 25.79 -2.14 28.09
N MET B 201 25.80 -1.37 27.62
N MET B 201 26.38 -1.14 27.43
CA MET B 201 27.00 -0.66 28.12
CA MET B 201 27.53 -0.46 27.99
C MET B 201 26.64 0.56 28.96
C MET B 201 27.08 0.78 28.74
N ALA B 202 27.41 0.80 30.04
CA ALA B 202 27.12 1.87 30.98
C ALA B 202 27.20 3.22 30.34
N LYS B 203 26.07 3.93 30.33
CA LYS B 203 25.97 5.28 29.75
C LYS B 203 26.11 6.40 30.81
N ASP B 204 26.75 7.49 30.40
CA ASP B 204 26.88 8.72 31.18
C ASP B 204 27.70 8.54 32.48
N ARG B 205 28.53 7.50 32.49
CA ARG B 205 29.51 7.28 33.55
C ARG B 205 30.91 7.58 33.04
N ARG B 206 31.23 8.87 32.98
CA ARG B 206 32.54 9.36 32.54
C ARG B 206 33.11 8.63 31.33
N ASN B 207 32.29 8.49 30.28
CA ASN B 207 32.73 7.94 28.99
C ASN B 207 33.26 6.50 29.15
N HIS B 208 32.48 5.64 29.81
N HIS B 208 32.47 5.66 29.82
CA HIS B 208 32.94 4.30 30.19
CA HIS B 208 32.87 4.29 30.14
C HIS B 208 33.32 3.41 29.01
C HIS B 208 33.39 3.54 28.93
N CYS B 209 34.53 2.88 29.11
CA CYS B 209 35.19 2.13 28.04
C CYS B 209 35.50 2.92 26.80
N GLY B 210 35.33 4.24 26.88
CA GLY B 210 35.78 5.15 25.82
C GLY B 210 34.80 5.20 24.66
N ILE B 211 33.59 4.75 24.94
CA ILE B 211 32.57 4.63 23.95
C ILE B 211 32.44 5.86 23.07
N ALA B 212 32.68 7.07 23.62
CA ALA B 212 32.49 8.30 22.82
C ALA B 212 33.76 8.86 22.14
N SER B 213 34.90 8.22 22.40
CA SER B 213 36.20 8.77 22.05
C SER B 213 36.56 8.53 20.60
N ALA B 214 35.83 7.65 19.93
CA ALA B 214 36.07 7.37 18.52
C ALA B 214 34.80 6.95 17.81
N ALA B 215 33.71 7.66 18.13
CA ALA B 215 32.45 7.52 17.40
C ALA B 215 32.58 8.08 16.00
N SER B 216 31.82 7.52 15.06
CA SER B 216 31.65 8.09 13.69
C SER B 216 30.63 7.31 12.86
N TYR B 217 30.21 7.92 11.74
CA TYR B 217 29.23 7.32 10.86
C TYR B 217 29.38 7.79 9.43
N PRO B 218 28.95 6.99 8.45
CA PRO B 218 29.19 7.46 7.08
C PRO B 218 28.08 8.40 6.58
N THR B 219 28.39 9.22 5.58
CA THR B 219 27.36 10.11 5.01
C THR B 219 26.90 9.59 3.68
N VAL B 220 25.59 9.72 3.44
CA VAL B 220 24.95 9.02 2.32
C VAL B 220 24.13 9.92 1.35
N ALA C 1 24.90 -35.11 -26.41
CA ALA C 1 24.46 -34.81 -25.01
C ALA C 1 24.79 -35.93 -24.02
N PRO C 2 25.19 -35.56 -22.78
CA PRO C 2 25.46 -36.51 -21.67
C PRO C 2 24.23 -37.36 -21.31
N ARG C 3 24.48 -38.50 -20.65
CA ARG C 3 23.39 -39.38 -20.21
C ARG C 3 22.69 -38.77 -19.01
N SER C 4 23.46 -38.04 -18.19
CA SER C 4 22.99 -37.39 -16.94
C SER C 4 23.37 -35.92 -16.88
N VAL C 5 22.52 -35.09 -16.29
CA VAL C 5 22.90 -33.71 -16.01
C VAL C 5 22.22 -33.29 -14.71
N ASP C 6 23.00 -32.80 -13.74
CA ASP C 6 22.47 -32.08 -12.58
C ASP C 6 23.20 -30.74 -12.28
N TRP C 7 22.59 -29.63 -12.73
CA TRP C 7 23.11 -28.30 -12.46
C TRP C 7 23.20 -27.94 -10.97
N ARG C 8 22.35 -28.53 -10.14
CA ARG C 8 22.42 -28.29 -8.71
C ARG C 8 23.76 -28.62 -8.12
N GLU C 9 24.37 -29.71 -8.57
CA GLU C 9 25.73 -30.06 -8.14
C GLU C 9 26.83 -29.09 -8.61
N LYS C 10 26.55 -28.27 -9.63
CA LYS C 10 27.55 -27.32 -10.07
C LYS C 10 27.32 -25.94 -9.47
N GLY C 11 26.28 -25.78 -8.66
CA GLY C 11 26.02 -24.49 -7.97
C GLY C 11 25.31 -23.39 -8.77
N TYR C 12 24.40 -23.84 -9.64
CA TYR C 12 23.62 -23.04 -10.55
C TYR C 12 22.20 -22.79 -9.98
N VAL C 13 21.89 -23.36 -8.80
CA VAL C 13 20.49 -23.46 -8.35
C VAL C 13 20.20 -23.05 -6.89
N THR C 14 19.52 -21.92 -6.72
CA THR C 14 19.10 -21.42 -5.39
C THR C 14 18.19 -22.41 -4.68
N PRO C 15 18.03 -22.29 -3.34
CA PRO C 15 17.10 -23.29 -2.75
C PRO C 15 15.68 -23.19 -3.31
N VAL C 16 14.90 -24.25 -3.16
CA VAL C 16 13.48 -24.22 -3.57
C VAL C 16 12.74 -23.11 -2.82
N LYS C 17 11.99 -22.30 -3.57
CA LYS C 17 11.17 -21.27 -2.96
C LYS C 17 9.70 -21.68 -2.97
N ASN C 18 8.85 -20.82 -2.40
CA ASN C 18 7.43 -21.07 -2.32
C ASN C 18 6.66 -19.87 -2.88
N GLN C 19 5.87 -20.12 -3.92
CA GLN C 19 5.10 -19.08 -4.54
C GLN C 19 3.90 -18.75 -3.67
N GLY C 20 3.40 -19.72 -2.93
CA GLY C 20 2.23 -19.49 -2.08
C GLY C 20 0.98 -19.25 -2.91
N GLN C 21 0.01 -18.58 -2.31
CA GLN C 21 -1.26 -18.43 -3.00
C GLN C 21 -1.28 -17.31 -4.02
N CYS C 22 -0.59 -17.54 -5.13
CA CYS C 22 -0.45 -16.51 -6.12
C CYS C 22 0.05 -17.14 -7.43
N GLY C 23 -0.53 -16.71 -8.56
CA GLY C 23 -0.28 -17.32 -9.85
C GLY C 23 1.02 -16.91 -10.49
N SER C 24 2.10 -17.01 -9.73
CA SER C 24 3.41 -16.48 -10.11
C SER C 24 4.48 -17.55 -10.39
N CYS C 25 4.06 -18.81 -10.56
CA CYS C 25 4.97 -19.89 -10.98
C CYS C 25 5.92 -19.40 -12.09
N TRP C 26 5.38 -18.66 -13.05
CA TRP C 26 6.17 -18.14 -14.17
C TRP C 26 7.35 -17.25 -13.78
N ALA C 27 7.17 -16.45 -12.72
CA ALA C 27 8.23 -15.57 -12.22
C ALA C 27 9.33 -16.38 -11.56
N PHE C 28 8.97 -17.43 -10.81
CA PHE C 28 10.01 -18.33 -10.27
C PHE C 28 10.73 -19.11 -11.35
N SER C 29 9.98 -19.55 -12.35
CA SER C 29 10.63 -20.17 -13.48
C SER C 29 11.66 -19.20 -14.00
N ALA C 30 11.28 -17.96 -14.24
CA ALA C 30 12.16 -17.03 -14.94
C ALA C 30 13.35 -16.61 -14.11
N THR C 31 13.15 -16.42 -12.80
CA THR C 31 14.27 -16.14 -11.91
C THR C 31 15.18 -17.36 -11.85
N GLY C 32 14.62 -18.55 -11.64
CA GLY C 32 15.38 -19.79 -11.75
C GLY C 32 16.34 -19.78 -12.93
N ALA C 33 15.82 -19.52 -14.13
CA ALA C 33 16.63 -19.56 -15.35
C ALA C 33 17.66 -18.47 -15.37
N LEU C 34 17.27 -17.27 -14.97
N LEU C 34 17.27 -17.27 -14.94
CA LEU C 34 18.22 -16.17 -14.83
CA LEU C 34 18.19 -16.14 -14.80
C LEU C 34 19.29 -16.43 -13.72
C LEU C 34 19.27 -16.37 -13.71
N GLU C 35 18.87 -16.91 -12.55
CA GLU C 35 19.79 -17.21 -11.48
C GLU C 35 20.97 -18.03 -12.04
N GLY C 36 20.64 -19.11 -12.75
CA GLY C 36 21.60 -19.99 -13.40
C GLY C 36 22.40 -19.34 -14.53
N GLN C 37 21.77 -18.54 -15.37
CA GLN C 37 22.53 -17.92 -16.42
C GLN C 37 23.48 -16.83 -15.91
N MET C 38 23.06 -16.04 -14.93
CA MET C 38 23.94 -15.10 -14.27
C MET C 38 25.10 -15.83 -13.63
N PHE C 39 24.81 -16.89 -12.88
CA PHE C 39 25.85 -17.71 -12.31
C PHE C 39 26.92 -18.11 -13.33
N ARG C 40 26.50 -18.54 -14.51
CA ARG C 40 27.46 -18.97 -15.50
C ARG C 40 28.39 -17.81 -15.84
N LYS C 41 27.83 -16.60 -15.97
CA LYS C 41 28.59 -15.43 -16.37
C LYS C 41 29.56 -14.94 -15.28
N THR C 42 29.10 -14.93 -14.03
CA THR C 42 29.77 -14.21 -12.96
C THR C 42 30.34 -15.09 -11.86
N GLY C 43 30.01 -16.37 -11.88
CA GLY C 43 30.38 -17.30 -10.80
C GLY C 43 29.73 -17.01 -9.45
N ARG C 44 28.76 -16.08 -9.43
CA ARG C 44 28.09 -15.70 -8.20
C ARG C 44 26.59 -16.04 -8.21
N LEU C 45 26.18 -16.97 -7.33
CA LEU C 45 24.76 -17.34 -7.21
C LEU C 45 23.97 -16.36 -6.33
N ILE C 46 23.07 -15.59 -6.93
CA ILE C 46 22.31 -14.60 -6.21
C ILE C 46 20.83 -14.83 -6.53
N SER C 47 20.06 -15.05 -5.47
CA SER C 47 18.62 -15.24 -5.54
C SER C 47 17.96 -13.93 -5.98
N LEU C 48 17.04 -14.00 -6.94
CA LEU C 48 16.50 -12.80 -7.60
C LEU C 48 15.03 -12.61 -7.29
N SER C 49 14.55 -11.37 -7.41
CA SER C 49 13.19 -11.05 -7.00
C SER C 49 12.06 -11.43 -7.98
N GLU C 50 11.20 -12.36 -7.54
CA GLU C 50 9.93 -12.66 -8.20
C GLU C 50 9.04 -11.47 -8.08
N GLN C 51 9.00 -10.89 -6.88
CA GLN C 51 8.15 -9.77 -6.65
C GLN C 51 8.37 -8.69 -7.72
N ASN C 52 9.63 -8.41 -8.06
CA ASN C 52 9.97 -7.40 -9.06
C ASN C 52 9.27 -7.73 -10.38
N LEU C 53 9.24 -9.03 -10.71
CA LEU C 53 8.61 -9.49 -11.95
C LEU C 53 7.14 -9.35 -11.80
N VAL C 54 6.61 -9.87 -10.70
CA VAL C 54 5.19 -9.82 -10.45
C VAL C 54 4.69 -8.38 -10.46
N ASP C 55 5.50 -7.47 -9.94
CA ASP C 55 5.06 -6.08 -9.75
C ASP C 55 5.19 -5.23 -10.99
N CYS C 56 6.25 -5.43 -11.76
CA CYS C 56 6.62 -4.45 -12.77
C CYS C 56 6.60 -4.91 -14.21
N SER C 57 6.00 -6.04 -14.53
CA SER C 57 6.07 -6.55 -15.92
C SER C 57 4.72 -6.62 -16.64
N GLY C 58 3.81 -5.75 -16.22
CA GLY C 58 2.51 -5.68 -16.82
C GLY C 58 2.78 -5.35 -18.26
N PRO C 59 3.56 -4.26 -18.50
CA PRO C 59 3.74 -3.71 -19.86
C PRO C 59 4.22 -4.75 -20.87
N GLN C 60 5.03 -5.71 -20.42
CA GLN C 60 5.54 -6.77 -21.30
C GLN C 60 4.50 -7.89 -21.52
N GLY C 61 3.34 -7.78 -20.87
CA GLY C 61 2.27 -8.75 -21.04
C GLY C 61 1.95 -9.65 -19.86
N ASN C 62 2.70 -9.52 -18.77
CA ASN C 62 2.47 -10.38 -17.62
C ASN C 62 1.28 -9.85 -16.80
N GLU C 63 0.71 -10.69 -15.92
CA GLU C 63 -0.49 -10.33 -15.15
C GLU C 63 -0.44 -10.64 -13.66
N GLY C 64 0.72 -10.44 -13.03
CA GLY C 64 0.90 -10.61 -11.60
C GLY C 64 0.49 -12.01 -11.13
N CYS C 65 -0.44 -12.06 -10.18
CA CYS C 65 -0.90 -13.34 -9.64
C CYS C 65 -1.97 -13.99 -10.49
N ASN C 66 -2.19 -13.47 -11.69
CA ASN C 66 -3.05 -14.16 -12.66
C ASN C 66 -2.25 -14.76 -13.82
N GLY C 67 -1.05 -15.25 -13.54
CA GLY C 67 -0.22 -15.82 -14.59
C GLY C 67 0.50 -14.80 -15.44
N GLY C 68 1.40 -15.32 -16.28
CA GLY C 68 2.25 -14.55 -17.17
C GLY C 68 3.15 -15.56 -17.87
N LEU C 69 4.07 -15.07 -18.69
CA LEU C 69 5.01 -15.96 -19.38
C LEU C 69 6.45 -15.61 -19.05
N MET C 70 7.30 -16.63 -19.00
CA MET C 70 8.70 -16.42 -18.78
C MET C 70 9.37 -15.62 -19.90
N ASP C 71 9.00 -15.86 -21.15
CA ASP C 71 9.59 -15.04 -22.22
C ASP C 71 9.25 -13.59 -21.99
N TYR C 72 8.06 -13.28 -21.45
CA TYR C 72 7.72 -11.89 -21.20
C TYR C 72 8.52 -11.35 -20.01
N ALA C 73 8.82 -12.22 -19.06
CA ALA C 73 9.66 -11.83 -17.92
C ALA C 73 11.05 -11.47 -18.43
N PHE C 74 11.58 -12.27 -19.35
CA PHE C 74 12.90 -12.01 -19.89
C PHE C 74 12.95 -10.69 -20.65
N GLN C 75 11.91 -10.44 -21.44
CA GLN C 75 11.72 -9.14 -22.08
C GLN C 75 11.82 -7.99 -21.08
N TYR C 76 10.96 -8.03 -20.06
CA TYR C 76 11.02 -7.08 -18.97
C TYR C 76 12.46 -6.81 -18.56
N VAL C 77 13.12 -7.82 -17.98
CA VAL C 77 14.50 -7.69 -17.54
C VAL C 77 15.38 -6.96 -18.58
N GLN C 78 15.33 -7.40 -19.84
CA GLN C 78 16.02 -6.70 -20.92
C GLN C 78 15.54 -5.23 -21.10
N ASP C 79 14.22 -5.03 -21.18
CA ASP C 79 13.63 -3.72 -21.44
C ASP C 79 13.94 -2.81 -20.28
N ASN C 80 13.96 -3.39 -19.08
CA ASN C 80 14.12 -2.60 -17.89
C ASN C 80 15.58 -2.25 -17.65
N GLY C 81 16.48 -3.06 -18.21
CA GLY C 81 17.91 -2.84 -18.03
C GLY C 81 18.39 -3.36 -16.70
N GLY C 82 17.61 -4.24 -16.07
CA GLY C 82 18.04 -4.82 -14.81
C GLY C 82 16.85 -5.46 -14.12
N LEU C 83 17.14 -6.22 -13.06
CA LEU C 83 16.16 -6.85 -12.15
C LEU C 83 16.76 -6.88 -10.72
N ASP C 84 15.93 -6.70 -9.69
CA ASP C 84 16.46 -6.55 -8.32
C ASP C 84 16.72 -7.87 -7.58
N SER C 85 17.73 -7.87 -6.70
CA SER C 85 18.03 -9.03 -5.85
C SER C 85 16.85 -9.37 -4.93
N GLU C 86 16.61 -10.67 -4.71
CA GLU C 86 15.50 -11.10 -3.87
C GLU C 86 15.50 -10.38 -2.54
N GLU C 87 16.68 -10.13 -1.99
CA GLU C 87 16.83 -9.59 -0.64
C GLU C 87 16.40 -8.15 -0.59
N SER C 88 16.59 -7.45 -1.71
CA SER C 88 16.26 -6.05 -1.81
C SER C 88 14.82 -5.84 -2.25
N TYR C 89 14.12 -6.92 -2.60
CA TYR C 89 12.75 -6.83 -3.08
C TYR C 89 12.08 -8.16 -2.76
N PRO C 90 11.67 -8.34 -1.49
CA PRO C 90 11.21 -9.67 -1.09
C PRO C 90 9.86 -10.00 -1.66
N TYR C 91 9.71 -11.30 -1.94
CA TYR C 91 8.45 -11.92 -2.28
C TYR C 91 7.38 -11.57 -1.26
N GLU C 92 6.14 -11.40 -1.72
CA GLU C 92 5.03 -10.93 -0.88
C GLU C 92 3.74 -11.72 -1.04
N ALA C 93 3.58 -12.33 -2.22
CA ALA C 93 2.51 -13.28 -2.55
C ALA C 93 1.26 -12.58 -3.01
N THR C 94 1.41 -11.28 -3.29
CA THR C 94 0.30 -10.49 -3.80
C THR C 94 0.86 -9.45 -4.76
N GLU C 95 0.02 -8.98 -5.68
N GLU C 95 -0.01 -8.95 -5.63
CA GLU C 95 0.44 -7.95 -6.62
CA GLU C 95 0.35 -7.94 -6.62
C GLU C 95 0.36 -6.60 -5.94
C GLU C 95 0.30 -6.54 -6.03
N GLU C 96 1.44 -5.83 -6.04
CA GLU C 96 1.55 -4.47 -5.46
C GLU C 96 2.11 -3.49 -6.49
N SER C 97 2.38 -2.24 -6.09
CA SER C 97 2.89 -1.26 -7.07
C SER C 97 4.34 -1.57 -7.45
N CYS C 98 4.85 -0.89 -8.47
CA CYS C 98 6.22 -1.14 -8.89
C CYS C 98 7.24 -0.46 -7.95
N LYS C 99 8.12 -1.24 -7.33
CA LYS C 99 9.08 -0.65 -6.40
C LYS C 99 10.54 -0.85 -6.83
N TYR C 100 10.76 -1.06 -8.13
CA TYR C 100 12.09 -1.39 -8.64
C TYR C 100 13.07 -0.24 -8.44
N ASN C 101 14.20 -0.57 -7.84
CA ASN C 101 15.28 0.36 -7.60
C ASN C 101 16.49 -0.12 -8.43
N PRO C 102 16.88 0.65 -9.46
CA PRO C 102 18.05 0.31 -10.28
C PRO C 102 19.33 0.11 -9.47
N LYS C 103 19.42 0.76 -8.31
CA LYS C 103 20.66 0.71 -7.52
C LYS C 103 20.94 -0.70 -6.96
N TYR C 104 19.90 -1.54 -6.92
CA TYR C 104 19.95 -2.88 -6.33
C TYR C 104 19.81 -3.99 -7.36
N SER C 105 19.97 -3.64 -8.64
CA SER C 105 19.78 -4.58 -9.74
C SER C 105 20.97 -5.47 -9.93
N VAL C 106 20.75 -6.78 -9.94
CA VAL C 106 21.89 -7.69 -10.00
C VAL C 106 21.88 -8.50 -11.28
N ALA C 107 20.84 -8.37 -12.06
CA ALA C 107 20.79 -9.16 -13.27
C ALA C 107 20.43 -8.32 -14.47
N ASN C 108 21.07 -8.65 -15.59
CA ASN C 108 20.71 -8.07 -16.86
C ASN C 108 20.48 -9.22 -17.80
N ASP C 109 19.78 -8.97 -18.89
CA ASP C 109 19.65 -9.98 -19.95
C ASP C 109 19.42 -9.41 -21.34
N THR C 110 20.06 -10.06 -22.32
CA THR C 110 20.20 -9.51 -23.64
C THR C 110 19.17 -10.07 -24.63
N GLY C 111 18.15 -10.75 -24.09
CA GLY C 111 17.14 -11.45 -24.87
C GLY C 111 16.87 -12.84 -24.32
N PHE C 112 16.23 -13.68 -25.13
CA PHE C 112 15.88 -15.04 -24.72
C PHE C 112 15.81 -15.98 -25.92
N VAL C 113 15.90 -17.29 -25.66
CA VAL C 113 15.91 -18.27 -26.74
C VAL C 113 14.79 -19.30 -26.58
N ASP C 114 13.95 -19.38 -27.61
CA ASP C 114 12.87 -20.35 -27.65
C ASP C 114 13.45 -21.62 -28.24
N ILE C 115 13.54 -22.65 -27.40
CA ILE C 115 14.04 -23.94 -27.86
C ILE C 115 13.03 -24.53 -28.83
N PRO C 116 13.51 -25.17 -29.89
CA PRO C 116 12.59 -25.93 -30.75
C PRO C 116 11.76 -26.88 -29.90
N LYS C 117 10.55 -27.20 -30.38
CA LYS C 117 9.56 -27.99 -29.62
C LYS C 117 9.72 -29.51 -29.70
N GLN C 118 10.90 -29.99 -29.28
CA GLN C 118 11.22 -31.42 -29.18
C GLN C 118 11.95 -31.66 -27.88
N GLU C 119 11.85 -32.84 -27.33
CA GLU C 119 12.65 -33.19 -26.14
C GLU C 119 14.13 -33.42 -26.43
N LYS C 120 14.48 -33.85 -27.65
CA LYS C 120 15.90 -33.93 -28.07
C LYS C 120 16.57 -32.55 -28.06
N ALA C 121 15.88 -31.58 -28.69
CA ALA C 121 16.27 -30.19 -28.65
C ALA C 121 16.43 -29.66 -27.23
N LEU C 122 15.43 -29.91 -26.38
CA LEU C 122 15.49 -29.54 -24.97
C LEU C 122 16.64 -30.23 -24.24
N MET C 123 16.89 -31.50 -24.55
CA MET C 123 17.99 -32.19 -23.92
C MET C 123 19.35 -31.57 -24.20
N LYS C 124 19.62 -31.21 -25.45
CA LYS C 124 20.89 -30.56 -25.74
C LYS C 124 20.99 -29.34 -24.84
N ALA C 125 19.92 -28.54 -24.78
CA ALA C 125 19.95 -27.22 -24.12
C ALA C 125 20.22 -27.29 -22.63
N VAL C 126 19.56 -28.21 -21.94
CA VAL C 126 19.87 -28.42 -20.53
C VAL C 126 21.36 -28.70 -20.39
N ALA C 127 21.89 -29.59 -21.25
CA ALA C 127 23.28 -30.06 -21.11
C ALA C 127 24.31 -29.01 -21.43
N THR C 128 24.00 -28.14 -22.38
CA THR C 128 24.97 -27.12 -22.74
C THR C 128 24.68 -25.74 -22.13
N VAL C 129 23.45 -25.49 -21.69
CA VAL C 129 23.09 -24.11 -21.34
C VAL C 129 23.03 -23.88 -19.83
N GLY C 130 22.26 -24.72 -19.16
CA GLY C 130 22.11 -24.67 -17.70
C GLY C 130 20.67 -25.00 -17.45
N PRO C 131 20.11 -24.52 -16.34
CA PRO C 131 18.68 -24.68 -16.15
C PRO C 131 17.83 -23.94 -17.20
N ILE C 132 16.75 -24.59 -17.65
CA ILE C 132 15.89 -24.09 -18.71
C ILE C 132 14.50 -23.87 -18.11
N SER C 133 13.77 -22.83 -18.55
CA SER C 133 12.40 -22.55 -18.11
C SER C 133 11.47 -23.30 -19.03
N VAL C 134 10.50 -23.97 -18.41
CA VAL C 134 9.54 -24.80 -19.15
C VAL C 134 8.13 -24.65 -18.60
N ALA C 135 7.19 -24.87 -19.51
CA ALA C 135 5.80 -25.02 -19.15
C ALA C 135 5.40 -26.52 -19.10
N ILE C 136 4.63 -26.89 -18.08
CA ILE C 136 4.08 -28.25 -17.97
C ILE C 136 2.57 -28.23 -17.66
N ASP C 137 1.88 -29.32 -18.01
CA ASP C 137 0.49 -29.48 -17.66
C ASP C 137 0.47 -30.05 -16.25
N ALA C 138 0.08 -29.23 -15.26
CA ALA C 138 0.17 -29.65 -13.85
C ALA C 138 -1.17 -29.61 -13.11
N GLY C 139 -2.26 -29.63 -13.87
CA GLY C 139 -3.59 -29.63 -13.29
C GLY C 139 -4.15 -31.02 -13.14
N HIS C 140 -3.49 -31.84 -12.35
CA HIS C 140 -3.96 -33.19 -12.07
C HIS C 140 -3.76 -33.55 -10.60
N GLU C 141 -4.75 -34.22 -10.01
CA GLU C 141 -4.62 -34.68 -8.65
C GLU C 141 -3.27 -35.34 -8.41
N SER C 142 -2.85 -36.17 -9.36
CA SER C 142 -1.61 -36.94 -9.25
C SER C 142 -0.34 -36.09 -9.11
N PHE C 143 -0.33 -34.88 -9.68
CA PHE C 143 0.78 -33.93 -9.48
C PHE C 143 0.75 -33.28 -8.10
N LEU C 144 -0.44 -32.85 -7.68
CA LEU C 144 -0.65 -32.20 -6.37
C LEU C 144 -0.12 -33.03 -5.25
N PHE C 145 -0.32 -34.34 -5.31
CA PHE C 145 0.13 -35.21 -4.22
C PHE C 145 1.36 -36.01 -4.61
N TYR C 146 2.15 -35.50 -5.55
CA TYR C 146 3.36 -36.19 -5.97
C TYR C 146 4.35 -36.34 -4.81
N LYS C 147 4.90 -37.55 -4.65
CA LYS C 147 5.82 -37.82 -3.54
C LYS C 147 7.23 -38.22 -3.96
N GLU C 148 7.33 -39.17 -4.90
CA GLU C 148 8.62 -39.75 -5.33
C GLU C 148 8.59 -40.50 -6.68
N GLY C 149 9.77 -40.95 -7.11
CA GLY C 149 9.92 -41.64 -8.38
C GLY C 149 9.60 -40.78 -9.61
N ILE C 150 9.58 -41.41 -10.78
CA ILE C 150 9.31 -40.71 -12.04
C ILE C 150 7.81 -40.48 -12.18
N TYR C 151 7.41 -39.24 -12.46
CA TYR C 151 6.01 -38.91 -12.51
C TYR C 151 5.48 -39.11 -13.93
N PHE C 152 4.46 -39.96 -14.05
CA PHE C 152 3.82 -40.23 -15.35
C PHE C 152 2.30 -40.32 -15.26
N GLU C 153 1.65 -39.30 -15.78
CA GLU C 153 0.20 -39.17 -15.80
C GLU C 153 -0.22 -39.31 -17.25
N PRO C 154 -0.96 -40.38 -17.57
CA PRO C 154 -1.37 -40.72 -18.94
C PRO C 154 -2.39 -39.74 -19.50
N ASP C 155 -3.10 -39.07 -18.60
CA ASP C 155 -4.07 -38.04 -18.91
C ASP C 155 -3.45 -36.65 -19.28
N CYS C 156 -2.14 -36.45 -18.99
CA CYS C 156 -1.39 -35.23 -19.32
C CYS C 156 -1.48 -34.86 -20.80
N SER C 157 -1.58 -33.57 -21.09
CA SER C 157 -1.65 -33.10 -22.45
C SER C 157 -0.37 -32.38 -22.76
N SER C 158 0.16 -32.60 -23.97
CA SER C 158 1.39 -31.95 -24.38
C SER C 158 1.14 -30.54 -24.91
N GLU C 159 -0.12 -30.13 -25.00
CA GLU C 159 -0.44 -28.93 -25.76
C GLU C 159 -1.01 -27.79 -24.92
N ASP C 160 -1.53 -28.08 -23.73
CA ASP C 160 -1.98 -27.00 -22.88
C ASP C 160 -1.44 -27.15 -21.49
N MET C 161 -0.43 -26.34 -21.22
CA MET C 161 0.33 -26.39 -19.97
C MET C 161 -0.15 -25.25 -19.09
N ASP C 162 0.03 -25.39 -17.78
CA ASP C 162 -0.66 -24.49 -16.85
C ASP C 162 0.11 -24.17 -15.57
N HIS C 163 1.42 -24.38 -15.65
CA HIS C 163 2.34 -24.16 -14.57
C HIS C 163 3.70 -23.98 -15.23
N GLY C 164 4.51 -23.08 -14.70
CA GLY C 164 5.86 -22.86 -15.22
C GLY C 164 6.87 -23.38 -14.21
N VAL C 165 7.83 -24.19 -14.66
CA VAL C 165 8.87 -24.69 -13.76
C VAL C 165 10.26 -24.57 -14.35
N LEU C 166 11.25 -25.08 -13.61
CA LEU C 166 12.66 -25.01 -14.02
C LEU C 166 13.29 -26.38 -14.20
N VAL C 167 13.78 -26.69 -15.40
CA VAL C 167 14.50 -27.96 -15.59
C VAL C 167 15.97 -27.78 -15.28
N VAL C 168 16.42 -28.51 -14.27
CA VAL C 168 17.77 -28.34 -13.74
C VAL C 168 18.71 -29.50 -14.14
N GLY C 169 18.18 -30.45 -14.93
CA GLY C 169 18.94 -31.60 -15.35
C GLY C 169 18.03 -32.74 -15.71
N TYR C 170 18.62 -33.91 -15.96
CA TYR C 170 17.91 -35.15 -16.27
C TYR C 170 18.82 -36.34 -16.07
N GLY C 171 18.27 -37.53 -16.26
CA GLY C 171 19.02 -38.74 -16.05
C GLY C 171 18.11 -39.94 -16.09
N PHE C 172 18.52 -41.02 -15.41
CA PHE C 172 17.80 -42.27 -15.49
C PHE C 172 17.92 -43.12 -14.22
N GLU C 173 17.12 -44.20 -14.15
CA GLU C 173 17.24 -45.28 -13.15
C GLU C 173 17.21 -46.59 -13.94
N SER C 174 17.33 -47.74 -13.30
CA SER C 174 17.32 -49.01 -14.08
C SER C 174 16.24 -50.05 -13.72
N ASN C 179 10.47 -48.20 -18.54
CA ASN C 179 10.77 -46.82 -18.92
C ASN C 179 11.44 -46.06 -17.76
N ASN C 180 12.72 -45.78 -17.95
CA ASN C 180 13.61 -45.36 -16.88
C ASN C 180 14.14 -43.92 -16.94
N LYS C 181 13.76 -43.15 -17.96
CA LYS C 181 14.28 -41.80 -18.16
C LYS C 181 13.41 -40.65 -17.63
N TYR C 182 14.07 -39.57 -17.18
CA TYR C 182 13.35 -38.47 -16.52
C TYR C 182 14.08 -37.10 -16.56
N TRP C 183 13.30 -36.02 -16.46
CA TRP C 183 13.84 -34.68 -16.22
C TRP C 183 13.74 -34.37 -14.74
N LEU C 184 14.72 -33.62 -14.23
N LEU C 184 14.75 -33.67 -14.23
CA LEU C 184 14.75 -33.19 -12.86
CA LEU C 184 14.79 -33.14 -12.88
C LEU C 184 14.22 -31.75 -12.87
C LEU C 184 14.19 -31.75 -12.92
N VAL C 185 13.03 -31.57 -12.31
CA VAL C 185 12.31 -30.33 -12.40
C VAL C 185 12.16 -29.70 -11.03
N LYS C 186 12.39 -28.39 -10.96
CA LYS C 186 12.36 -27.64 -9.71
C LYS C 186 11.04 -26.89 -9.65
N ASN C 187 10.23 -27.24 -8.65
CA ASN C 187 8.96 -26.58 -8.48
C ASN C 187 9.15 -25.37 -7.61
N SER C 188 8.15 -24.49 -7.61
CA SER C 188 8.06 -23.42 -6.64
C SER C 188 6.97 -23.69 -5.59
N TRP C 189 6.94 -24.87 -4.95
CA TRP C 189 5.83 -25.16 -4.07
C TRP C 189 6.27 -25.44 -2.64
N GLY C 190 7.45 -24.91 -2.29
CA GLY C 190 8.03 -25.13 -0.97
C GLY C 190 8.76 -26.45 -0.92
N GLU C 191 9.56 -26.65 0.13
CA GLU C 191 10.41 -27.84 0.28
C GLU C 191 9.64 -29.11 0.54
N GLU C 192 8.42 -28.98 1.07
N GLU C 192 8.40 -28.98 1.05
CA GLU C 192 7.59 -30.13 1.47
CA GLU C 192 7.60 -30.15 1.47
C GLU C 192 7.12 -30.97 0.27
C GLU C 192 6.63 -30.73 0.44
N TRP C 193 6.75 -30.29 -0.81
CA TRP C 193 6.10 -30.94 -1.94
C TRP C 193 7.12 -31.77 -2.67
N GLY C 194 6.71 -32.93 -3.18
CA GLY C 194 7.59 -33.81 -3.93
C GLY C 194 8.91 -34.11 -3.23
N MET C 195 9.98 -34.21 -4.00
CA MET C 195 11.28 -34.59 -3.47
C MET C 195 12.10 -33.38 -3.02
N GLY C 196 11.78 -32.89 -1.83
CA GLY C 196 12.42 -31.71 -1.32
C GLY C 196 12.17 -30.50 -2.20
N GLY C 197 11.04 -30.51 -2.93
CA GLY C 197 10.70 -29.46 -3.89
C GLY C 197 10.90 -29.84 -5.36
N TYR C 198 11.48 -31.02 -5.61
CA TYR C 198 11.79 -31.45 -6.96
C TYR C 198 10.86 -32.52 -7.42
N VAL C 199 10.83 -32.75 -8.73
CA VAL C 199 10.01 -33.81 -9.30
C VAL C 199 10.68 -34.38 -10.54
N LYS C 200 10.98 -35.69 -10.46
N LYS C 200 10.75 -35.70 -10.65
CA LYS C 200 11.46 -36.50 -11.55
CA LYS C 200 11.30 -36.33 -11.87
C LYS C 200 10.25 -36.75 -12.43
C LYS C 200 10.25 -36.61 -12.96
N MET C 201 10.19 -36.08 -13.59
N MET C 201 9.97 -35.66 -13.85
CA MET C 201 9.12 -36.23 -14.57
CA MET C 201 8.95 -35.90 -14.88
C MET C 201 9.59 -37.06 -15.76
C MET C 201 9.50 -36.82 -15.97
N ALA C 202 8.66 -37.76 -16.42
CA ALA C 202 9.05 -38.67 -17.51
C ALA C 202 9.68 -38.01 -18.75
N LYS C 203 10.81 -38.60 -19.16
CA LYS C 203 11.51 -38.14 -20.33
C LYS C 203 11.38 -39.13 -21.49
N ASP C 204 11.16 -38.57 -22.68
CA ASP C 204 11.11 -39.30 -23.96
C ASP C 204 9.92 -40.24 -24.06
N ARG C 205 8.92 -39.99 -23.22
CA ARG C 205 7.62 -40.63 -23.29
C ARG C 205 6.55 -39.69 -23.96
N ARG C 206 6.83 -39.36 -25.24
CA ARG C 206 5.95 -38.56 -26.10
C ARG C 206 5.73 -37.11 -25.64
N ASN C 207 6.81 -36.43 -25.27
CA ASN C 207 6.77 -35.04 -24.74
C ASN C 207 5.80 -34.87 -23.60
N HIS C 208 5.95 -35.69 -22.56
N HIS C 208 5.96 -35.69 -22.56
CA HIS C 208 4.95 -35.83 -21.48
CA HIS C 208 5.03 -35.83 -21.41
C HIS C 208 4.70 -34.54 -20.74
C HIS C 208 4.70 -34.52 -20.72
N CYS C 209 3.43 -34.16 -20.65
CA CYS C 209 3.02 -32.85 -20.09
C CYS C 209 3.58 -31.62 -20.80
N GLY C 210 3.88 -31.73 -22.10
CA GLY C 210 4.40 -30.62 -22.90
C GLY C 210 5.62 -29.99 -22.26
N ILE C 211 6.39 -30.79 -21.54
CA ILE C 211 7.53 -30.25 -20.83
C ILE C 211 8.39 -29.44 -21.80
N ALA C 212 8.52 -29.92 -23.05
CA ALA C 212 9.34 -29.25 -24.07
C ALA C 212 8.50 -28.59 -25.13
N SER C 213 7.36 -28.05 -24.73
CA SER C 213 6.46 -27.37 -25.68
C SER C 213 6.69 -25.88 -25.70
N ALA C 214 6.91 -25.30 -24.52
CA ALA C 214 7.29 -23.91 -24.42
C ALA C 214 8.57 -23.70 -23.61
N ALA C 215 9.66 -24.29 -24.07
CA ALA C 215 10.95 -24.20 -23.37
C ALA C 215 11.80 -23.01 -23.82
N SER C 216 12.30 -22.22 -22.88
CA SER C 216 13.26 -21.18 -23.24
C SER C 216 14.19 -20.80 -22.10
N TYR C 217 15.21 -20.03 -22.42
CA TYR C 217 16.19 -19.52 -21.44
C TYR C 217 16.64 -18.08 -21.80
N PRO C 218 17.15 -17.32 -20.82
CA PRO C 218 17.62 -15.98 -21.16
C PRO C 218 19.07 -16.03 -21.58
N THR C 219 19.51 -15.05 -22.36
CA THR C 219 20.93 -14.89 -22.65
C THR C 219 21.42 -13.74 -21.79
N VAL C 220 22.71 -13.71 -21.49
CA VAL C 220 23.24 -12.68 -20.58
C VAL C 220 24.45 -11.85 -21.12
N ALA D 1 -12.10 44.40 44.69
CA ALA D 1 -11.80 43.02 44.23
C ALA D 1 -12.63 42.03 45.04
N PRO D 2 -13.11 40.95 44.40
CA PRO D 2 -13.91 39.98 45.15
C PRO D 2 -13.14 39.34 46.30
N ARG D 3 -13.88 38.84 47.30
CA ARG D 3 -13.33 38.11 48.42
C ARG D 3 -12.75 36.75 47.95
N SER D 4 -13.54 35.98 47.19
CA SER D 4 -13.12 34.71 46.54
C SER D 4 -13.06 34.82 45.01
N VAL D 5 -12.25 33.97 44.37
CA VAL D 5 -12.13 33.88 42.90
C VAL D 5 -11.60 32.50 42.46
N ASP D 6 -12.25 31.90 41.46
CA ASP D 6 -11.82 30.61 40.97
C ASP D 6 -12.17 30.44 39.51
N TRP D 7 -11.17 30.65 38.67
CA TRP D 7 -11.44 30.64 37.26
C TRP D 7 -11.76 29.25 36.74
N ARG D 8 -11.51 28.22 37.54
CA ARG D 8 -11.87 26.86 37.14
C ARG D 8 -13.36 26.74 36.82
N GLU D 9 -14.21 27.21 37.72
CA GLU D 9 -15.65 27.10 37.55
C GLU D 9 -16.22 27.88 36.37
N LYS D 10 -15.42 28.77 35.77
CA LYS D 10 -15.87 29.51 34.58
C LYS D 10 -15.31 28.93 33.30
N GLY D 11 -14.64 27.77 33.40
CA GLY D 11 -14.14 27.00 32.28
C GLY D 11 -12.96 27.61 31.54
N TYR D 12 -12.10 28.29 32.32
CA TYR D 12 -10.91 28.96 31.80
C TYR D 12 -9.68 28.09 31.92
N VAL D 13 -9.84 26.88 32.47
CA VAL D 13 -8.68 26.11 32.89
C VAL D 13 -8.75 24.66 32.44
N THR D 14 -7.70 24.18 31.76
CA THR D 14 -7.57 22.78 31.30
C THR D 14 -7.24 21.82 32.46
N PRO D 15 -7.38 20.49 32.24
CA PRO D 15 -6.96 19.57 33.27
C PRO D 15 -5.49 19.72 33.59
N VAL D 16 -5.11 19.28 34.79
CA VAL D 16 -3.71 19.27 35.22
C VAL D 16 -2.78 18.45 34.30
N LYS D 17 -1.68 19.08 33.91
CA LYS D 17 -0.68 18.43 33.08
C LYS D 17 0.55 17.98 33.88
N ASN D 18 1.53 17.41 33.19
CA ASN D 18 2.70 16.85 33.85
C ASN D 18 3.91 17.03 32.98
N GLN D 19 4.87 17.82 33.43
CA GLN D 19 6.01 18.10 32.58
C GLN D 19 7.04 16.96 32.53
N GLY D 20 6.96 16.03 33.50
CA GLY D 20 7.94 14.95 33.61
C GLY D 20 9.34 15.48 33.85
N GLN D 21 10.34 14.66 33.52
CA GLN D 21 11.77 14.98 33.71
C GLN D 21 12.32 15.99 32.68
N CYS D 22 11.82 17.22 32.73
CA CYS D 22 12.25 18.30 31.83
C CYS D 22 11.92 19.67 32.47
N GLY D 23 12.80 20.64 32.25
CA GLY D 23 12.67 21.93 32.91
C GLY D 23 11.82 22.86 32.10
N SER D 24 10.55 22.52 31.94
CA SER D 24 9.69 23.20 31.00
C SER D 24 8.53 23.91 31.68
N CYS D 25 8.51 23.92 33.01
CA CYS D 25 7.41 24.52 33.80
C CYS D 25 7.00 25.89 33.24
N TRP D 26 8.00 26.67 32.86
CA TRP D 26 7.79 27.94 32.21
C TRP D 26 6.81 27.80 31.04
N ALA D 27 6.98 26.79 30.19
CA ALA D 27 6.09 26.58 29.05
C ALA D 27 4.69 26.06 29.41
N PHE D 28 4.57 25.35 30.53
CA PHE D 28 3.24 24.99 31.04
C PHE D 28 2.50 26.19 31.59
N SER D 29 3.26 27.10 32.20
CA SER D 29 2.74 28.34 32.75
C SER D 29 2.18 29.21 31.64
N ALA D 30 2.89 29.30 30.54
CA ALA D 30 2.55 30.24 29.50
C ALA D 30 1.31 29.74 28.76
N THR D 31 1.24 28.43 28.49
CA THR D 31 0.08 27.85 27.81
C THR D 31 -1.14 27.99 28.72
N GLY D 32 -0.96 27.85 30.04
CA GLY D 32 -2.08 27.98 30.96
C GLY D 32 -2.71 29.36 30.87
N ALA D 33 -1.86 30.37 30.96
CA ALA D 33 -2.31 31.75 30.90
C ALA D 33 -2.92 32.01 29.52
N LEU D 34 -2.25 31.58 28.46
N LEU D 34 -2.24 31.58 28.46
CA LEU D 34 -2.80 31.78 27.12
CA LEU D 34 -2.75 31.72 27.08
C LEU D 34 -4.10 31.02 26.92
C LEU D 34 -4.07 30.99 26.88
N GLU D 35 -4.17 29.75 27.36
CA GLU D 35 -5.45 28.99 27.30
C GLU D 35 -6.63 29.82 27.81
N GLY D 36 -6.45 30.48 28.95
CA GLY D 36 -7.51 31.28 29.51
C GLY D 36 -7.75 32.57 28.77
N GLN D 37 -6.71 33.20 28.23
CA GLN D 37 -6.98 34.43 27.46
C GLN D 37 -7.70 34.18 26.13
N MET D 38 -7.39 33.04 25.50
CA MET D 38 -8.13 32.56 24.34
C MET D 38 -9.54 32.10 24.70
N PHE D 39 -9.73 31.59 25.92
CA PHE D 39 -11.09 31.28 26.35
C PHE D 39 -11.91 32.51 26.69
N ARG D 40 -11.33 33.47 27.40
CA ARG D 40 -11.98 34.76 27.62
C ARG D 40 -12.48 35.30 26.27
N LYS D 41 -11.64 35.18 25.24
CA LYS D 41 -11.91 35.79 23.94
C LYS D 41 -12.87 35.02 23.01
N THR D 42 -12.75 33.69 22.95
CA THR D 42 -13.47 32.89 21.92
C THR D 42 -14.49 31.90 22.50
N GLY D 43 -14.56 31.79 23.82
CA GLY D 43 -15.44 30.83 24.46
C GLY D 43 -15.02 29.38 24.24
N ARG D 44 -13.86 29.19 23.61
CA ARG D 44 -13.35 27.86 23.32
C ARG D 44 -12.11 27.55 24.16
N LEU D 45 -12.23 26.60 25.08
CA LEU D 45 -11.08 26.15 25.85
C LEU D 45 -10.21 25.12 25.11
N ILE D 46 -9.11 25.55 24.49
CA ILE D 46 -8.28 24.60 23.75
C ILE D 46 -6.90 24.50 24.33
N SER D 47 -6.47 23.26 24.51
CA SER D 47 -5.22 22.92 25.17
C SER D 47 -4.05 23.17 24.23
N LEU D 48 -3.07 23.95 24.65
CA LEU D 48 -1.98 24.39 23.75
C LEU D 48 -0.68 23.62 23.92
N SER D 49 0.20 23.72 22.94
CA SER D 49 1.40 22.91 22.87
C SER D 49 2.59 23.45 23.67
N GLU D 50 2.87 22.87 24.82
CA GLU D 50 4.12 23.17 25.49
C GLU D 50 5.33 22.79 24.62
N GLN D 51 5.22 21.67 23.90
CA GLN D 51 6.38 21.14 23.19
C GLN D 51 6.82 22.19 22.18
N ASN D 52 5.80 22.77 21.55
CA ASN D 52 5.97 23.80 20.56
C ASN D 52 6.87 24.84 21.16
N LEU D 53 6.52 25.29 22.36
CA LEU D 53 7.29 26.33 23.00
C LEU D 53 8.69 25.85 23.24
N VAL D 54 8.81 24.59 23.69
CA VAL D 54 10.08 24.04 24.12
C VAL D 54 11.03 23.92 22.95
N ASP D 55 10.51 23.54 21.79
CA ASP D 55 11.32 23.40 20.57
C ASP D 55 11.71 24.74 19.93
N CYS D 56 10.76 25.66 19.77
CA CYS D 56 10.93 26.77 18.82
C CYS D 56 11.26 28.14 19.41
N SER D 57 11.26 28.31 20.72
CA SER D 57 11.39 29.68 21.23
C SER D 57 12.84 30.11 21.55
N GLY D 58 13.79 29.46 20.88
CA GLY D 58 15.22 29.71 21.06
C GLY D 58 15.52 31.19 20.92
N PRO D 59 15.30 31.74 19.72
CA PRO D 59 15.42 33.15 19.39
C PRO D 59 15.00 34.11 20.50
N GLN D 60 13.96 33.76 21.25
CA GLN D 60 13.33 34.65 22.22
C GLN D 60 13.98 34.55 23.58
N GLY D 61 14.92 33.61 23.69
CA GLY D 61 15.78 33.51 24.86
C GLY D 61 15.35 32.37 25.76
N ASN D 62 14.61 31.43 25.20
CA ASN D 62 14.28 30.25 25.95
C ASN D 62 15.29 29.13 25.68
N GLU D 63 15.43 28.23 26.66
CA GLU D 63 16.38 27.11 26.54
C GLU D 63 15.75 25.78 26.89
N GLY D 64 14.85 25.34 26.03
CA GLY D 64 14.20 24.05 26.14
C GLY D 64 13.99 23.49 27.52
N CYS D 65 14.55 22.30 27.74
CA CYS D 65 14.38 21.61 29.00
C CYS D 65 15.32 22.15 30.05
N ASN D 66 16.09 23.16 29.68
CA ASN D 66 17.02 23.81 30.57
C ASN D 66 16.47 25.15 31.06
N GLY D 67 15.14 25.24 31.14
CA GLY D 67 14.47 26.43 31.64
C GLY D 67 14.16 27.48 30.58
N GLY D 68 13.33 28.44 30.95
CA GLY D 68 12.96 29.56 30.10
C GLY D 68 12.05 30.49 30.90
N LEU D 69 11.49 31.51 30.23
CA LEU D 69 10.56 32.46 30.86
C LEU D 69 9.22 32.55 30.14
N MET D 70 8.15 32.60 30.92
CA MET D 70 6.82 32.86 30.36
C MET D 70 6.79 34.04 29.39
N ASP D 71 7.39 35.16 29.80
CA ASP D 71 7.45 36.36 28.98
C ASP D 71 8.08 36.13 27.63
N TYR D 72 9.06 35.24 27.56
CA TYR D 72 9.64 34.86 26.27
C TYR D 72 8.73 33.96 25.46
N ALA D 73 7.99 33.08 26.14
CA ALA D 73 7.01 32.27 25.42
C ALA D 73 6.02 33.19 24.75
N PHE D 74 5.56 34.18 25.49
CA PHE D 74 4.56 35.09 24.94
C PHE D 74 5.21 35.84 23.80
N GLN D 75 6.47 36.24 23.98
CA GLN D 75 7.09 36.95 22.88
C GLN D 75 7.12 36.05 21.65
N TYR D 76 7.38 34.76 21.89
CA TYR D 76 7.54 33.79 20.80
C TYR D 76 6.26 33.77 19.97
N VAL D 77 5.18 33.48 20.67
CA VAL D 77 3.87 33.33 20.08
C VAL D 77 3.58 34.53 19.21
N GLN D 78 3.75 35.72 19.77
CA GLN D 78 3.56 36.94 19.02
C GLN D 78 4.44 36.96 17.77
N ASP D 79 5.75 36.77 17.95
CA ASP D 79 6.69 36.77 16.84
C ASP D 79 6.34 35.70 15.83
N ASN D 80 5.81 34.59 16.32
CA ASN D 80 5.62 33.46 15.47
C ASN D 80 4.42 33.60 14.55
N GLY D 81 3.30 34.05 15.08
CA GLY D 81 2.05 34.05 14.31
C GLY D 81 1.03 33.15 14.98
N GLY D 82 1.47 32.32 15.91
CA GLY D 82 0.59 31.34 16.42
C GLY D 82 1.28 30.32 17.26
N LEU D 83 0.48 29.35 17.68
CA LEU D 83 0.88 28.29 18.61
C LEU D 83 -0.03 27.06 18.40
N ASP D 84 0.57 25.90 18.18
CA ASP D 84 -0.20 24.73 17.83
C ASP D 84 -0.90 24.15 19.04
N SER D 85 -2.01 23.48 18.83
CA SER D 85 -2.71 22.79 19.90
C SER D 85 -1.93 21.56 20.34
N GLU D 86 -1.91 21.34 21.66
CA GLU D 86 -1.46 20.10 22.28
C GLU D 86 -1.74 18.84 21.46
N GLU D 87 -2.91 18.80 20.81
CA GLU D 87 -3.31 17.68 19.97
C GLU D 87 -2.50 17.64 18.67
N SER D 88 -2.14 18.77 18.09
CA SER D 88 -1.37 18.75 16.82
C SER D 88 0.14 18.67 17.01
N TYR D 89 0.60 18.85 18.25
CA TYR D 89 2.01 18.93 18.56
C TYR D 89 2.12 18.49 20.00
N PRO D 90 2.05 17.16 20.24
CA PRO D 90 1.94 16.55 21.59
C PRO D 90 3.23 16.66 22.40
N TYR D 91 3.09 16.58 23.70
CA TYR D 91 4.23 16.76 24.57
C TYR D 91 5.15 15.53 24.61
N GLU D 92 6.45 15.76 24.43
CA GLU D 92 7.44 14.68 24.43
C GLU D 92 8.29 14.65 25.71
N ALA D 93 8.70 15.83 26.17
CA ALA D 93 9.50 16.01 27.41
C ALA D 93 10.98 15.99 27.13
N THR D 94 11.32 16.26 25.88
CA THR D 94 12.71 16.44 25.44
C THR D 94 12.79 17.61 24.45
N GLU D 95 13.99 18.14 24.22
N GLU D 95 14.01 18.07 24.19
CA GLU D 95 14.18 19.25 23.28
CA GLU D 95 14.27 19.20 23.28
C GLU D 95 14.43 18.75 21.85
C GLU D 95 14.45 18.71 21.84
N GLU D 96 13.34 18.67 21.08
CA GLU D 96 13.40 18.23 19.68
C GLU D 96 13.41 19.43 18.76
N SER D 97 13.53 19.20 17.47
CA SER D 97 13.59 20.32 16.52
C SER D 97 12.19 20.90 16.26
N CYS D 98 12.15 22.10 15.67
CA CYS D 98 10.89 22.81 15.54
C CYS D 98 10.01 22.22 14.48
N LYS D 99 8.76 21.94 14.85
CA LYS D 99 7.79 21.30 13.97
C LYS D 99 6.50 22.13 13.89
N TYR D 100 6.62 23.41 14.21
CA TYR D 100 5.47 24.27 14.18
C TYR D 100 4.88 24.31 12.79
N ASN D 101 3.63 23.93 12.72
CA ASN D 101 2.82 24.06 11.52
C ASN D 101 1.79 25.16 11.74
N PRO D 102 1.78 26.19 10.87
CA PRO D 102 0.84 27.29 11.09
C PRO D 102 -0.58 26.84 10.82
N LYS D 103 -0.72 25.78 10.06
CA LYS D 103 -2.03 25.29 9.70
C LYS D 103 -2.78 24.71 10.92
N TYR D 104 -2.08 24.49 12.02
CA TYR D 104 -2.65 23.84 13.20
C TYR D 104 -2.69 24.81 14.39
N SER D 105 -2.29 26.05 14.12
CA SER D 105 -2.24 27.11 15.14
C SER D 105 -3.61 27.45 15.67
N VAL D 106 -3.70 27.68 16.96
CA VAL D 106 -5.00 27.97 17.52
C VAL D 106 -4.96 29.02 18.59
N ALA D 107 -3.80 29.63 18.81
CA ALA D 107 -3.72 30.76 19.71
C ALA D 107 -2.89 31.85 19.09
N ASN D 108 -3.16 33.08 19.50
CA ASN D 108 -2.45 34.25 19.06
C ASN D 108 -2.18 35.09 20.28
N ASP D 109 -1.15 35.93 20.25
CA ASP D 109 -1.15 37.00 21.22
C ASP D 109 -0.51 38.25 20.66
N THR D 110 -0.74 39.37 21.34
CA THR D 110 -0.39 40.67 20.76
C THR D 110 0.62 41.39 21.66
N GLY D 111 1.27 40.63 22.54
CA GLY D 111 2.18 41.14 23.55
C GLY D 111 1.82 40.50 24.87
N PHE D 112 2.38 41.04 25.95
CA PHE D 112 2.16 40.53 27.29
C PHE D 112 2.24 41.70 28.27
N VAL D 113 1.72 41.54 29.48
CA VAL D 113 1.68 42.61 30.47
C VAL D 113 2.34 42.16 31.79
N ASP D 114 3.41 42.86 32.19
CA ASP D 114 4.07 42.55 33.44
C ASP D 114 3.39 43.23 34.61
N ILE D 115 3.07 42.44 35.64
CA ILE D 115 2.29 42.93 36.75
C ILE D 115 3.19 43.62 37.80
N PRO D 116 2.77 44.80 38.32
CA PRO D 116 3.60 45.44 39.33
C PRO D 116 3.92 44.41 40.43
N LYS D 117 5.10 44.50 41.03
CA LYS D 117 5.52 43.49 42.03
C LYS D 117 4.82 43.70 43.36
N GLN D 118 3.50 43.59 43.35
CA GLN D 118 2.66 43.90 44.53
C GLN D 118 1.47 42.89 44.56
N GLU D 119 1.12 42.35 45.73
CA GLU D 119 0.07 41.33 45.80
C GLU D 119 -1.31 41.89 45.55
N LYS D 120 -1.60 43.06 46.13
CA LYS D 120 -2.80 43.81 45.82
C LYS D 120 -2.99 43.91 44.31
N ALA D 121 -1.93 44.28 43.59
CA ALA D 121 -1.95 44.40 42.14
C ALA D 121 -2.18 43.07 41.45
N LEU D 122 -1.61 41.99 42.01
CA LEU D 122 -1.82 40.66 41.44
C LEU D 122 -3.25 40.18 41.66
N MET D 123 -3.74 40.34 42.89
CA MET D 123 -5.13 40.06 43.18
C MET D 123 -6.04 40.82 42.21
N LYS D 124 -5.74 42.09 41.93
CA LYS D 124 -6.55 42.81 40.98
C LYS D 124 -6.47 42.16 39.61
N ALA D 125 -5.27 41.75 39.18
CA ALA D 125 -5.09 41.15 37.85
C ALA D 125 -5.82 39.83 37.69
N VAL D 126 -5.84 39.04 38.76
CA VAL D 126 -6.46 37.71 38.77
C VAL D 126 -7.94 37.94 38.63
N ALA D 127 -8.44 38.92 39.35
CA ALA D 127 -9.87 39.19 39.40
C ALA D 127 -10.39 39.67 38.07
N THR D 128 -9.62 40.45 37.34
CA THR D 128 -10.16 41.04 36.14
C THR D 128 -9.65 40.39 34.90
N VAL D 129 -8.44 39.81 34.95
CA VAL D 129 -7.88 39.26 33.71
C VAL D 129 -8.24 37.83 33.41
N GLY D 130 -8.18 36.96 34.40
CA GLY D 130 -8.19 35.52 34.15
C GLY D 130 -6.93 34.99 34.80
N PRO D 131 -6.64 33.68 34.64
CA PRO D 131 -5.44 33.09 35.23
C PRO D 131 -4.16 33.86 34.89
N ILE D 132 -3.17 33.87 35.80
CA ILE D 132 -1.93 34.63 35.62
C ILE D 132 -0.64 33.78 35.79
N SER D 133 0.33 33.96 34.90
CA SER D 133 1.57 33.24 34.98
C SER D 133 2.40 33.88 36.08
N VAL D 134 2.91 33.08 36.99
CA VAL D 134 3.74 33.59 38.05
C VAL D 134 4.89 32.65 38.23
N ALA D 135 6.04 33.24 38.59
CA ALA D 135 7.20 32.54 39.14
C ALA D 135 7.15 32.50 40.68
N ILE D 136 7.58 31.37 41.26
CA ILE D 136 7.66 31.21 42.73
C ILE D 136 8.92 30.43 43.04
N ASP D 137 9.51 30.69 44.20
CA ASP D 137 10.48 29.76 44.80
C ASP D 137 9.80 28.41 45.21
N ALA D 138 10.24 27.32 44.59
CA ALA D 138 9.71 25.97 44.89
C ALA D 138 10.82 24.96 45.25
N GLY D 139 11.96 25.49 45.66
CA GLY D 139 13.16 24.69 45.89
C GLY D 139 13.15 23.77 47.11
N HIS D 140 12.07 23.79 47.89
CA HIS D 140 12.08 23.17 49.20
C HIS D 140 11.37 21.82 49.31
N GLU D 141 11.91 20.97 50.19
CA GLU D 141 11.37 19.65 50.48
C GLU D 141 9.85 19.67 50.75
N SER D 142 9.40 20.70 51.48
CA SER D 142 7.98 20.84 51.83
C SER D 142 7.12 20.98 50.60
N PHE D 143 7.65 21.70 49.61
CA PHE D 143 6.96 21.90 48.34
C PHE D 143 6.84 20.61 47.53
N LEU D 144 7.99 19.98 47.23
CA LEU D 144 8.06 18.68 46.53
C LEU D 144 7.18 17.57 47.14
N PHE D 145 6.79 17.73 48.39
CA PHE D 145 6.02 16.72 49.10
C PHE D 145 4.69 17.25 49.66
N TYR D 146 4.18 18.31 49.03
CA TYR D 146 2.95 18.99 49.45
C TYR D 146 1.70 18.11 49.30
N LYS D 147 0.79 18.25 50.26
CA LYS D 147 -0.41 17.42 50.32
C LYS D 147 -1.71 18.22 50.37
N GLU D 148 -1.72 19.27 51.18
CA GLU D 148 -2.89 20.16 51.32
C GLU D 148 -2.57 21.32 52.27
N GLY D 149 -3.60 22.02 52.72
CA GLY D 149 -3.41 23.18 53.59
C GLY D 149 -2.82 24.36 52.83
N ILE D 150 -2.42 25.38 53.56
CA ILE D 150 -1.86 26.54 52.91
C ILE D 150 -0.37 26.46 53.11
N TYR D 151 0.35 26.47 52.01
CA TYR D 151 1.80 26.29 52.07
C TYR D 151 2.48 27.57 52.53
N PHE D 152 3.16 27.45 53.66
CA PHE D 152 4.00 28.49 54.17
C PHE D 152 5.30 27.80 54.55
N GLU D 153 6.32 28.06 53.76
CA GLU D 153 7.66 27.60 54.04
C GLU D 153 8.46 28.82 54.54
N PRO D 154 8.83 28.83 55.85
CA PRO D 154 9.55 30.00 56.42
C PRO D 154 10.83 30.33 55.65
N ASP D 155 11.32 29.37 54.87
CA ASP D 155 12.56 29.54 54.15
C ASP D 155 12.40 30.05 52.71
N CYS D 156 11.15 30.29 52.27
CA CYS D 156 10.88 30.78 50.92
C CYS D 156 11.52 32.14 50.67
N SER D 157 12.08 32.30 49.48
CA SER D 157 12.71 33.55 49.04
C SER D 157 11.69 34.37 48.24
N SER D 158 11.79 35.70 48.29
CA SER D 158 10.90 36.56 47.50
C SER D 158 11.57 37.15 46.29
N GLU D 159 12.79 36.70 46.00
CA GLU D 159 13.60 37.35 44.98
C GLU D 159 14.25 36.33 44.05
N ASP D 160 14.15 35.05 44.40
CA ASP D 160 14.80 34.03 43.58
C ASP D 160 13.91 32.87 43.29
N MET D 161 12.92 33.16 42.46
CA MET D 161 11.94 32.19 42.07
C MET D 161 12.61 31.31 41.06
N ASP D 162 12.12 30.08 40.91
CA ASP D 162 12.86 29.01 40.22
C ASP D 162 11.94 27.97 39.56
N HIS D 163 10.65 28.28 39.51
CA HIS D 163 9.64 27.35 39.05
C HIS D 163 8.40 28.16 38.70
N GLY D 164 7.92 28.00 37.46
CA GLY D 164 6.76 28.71 36.96
C GLY D 164 5.49 27.93 37.22
N VAL D 165 4.40 28.65 37.52
CA VAL D 165 3.08 28.07 37.76
C VAL D 165 2.01 29.03 37.33
N LEU D 166 0.77 28.73 37.71
CA LEU D 166 -0.35 29.54 37.25
C LEU D 166 -1.38 29.82 38.35
N VAL D 167 -1.64 31.10 38.61
CA VAL D 167 -2.66 31.49 39.60
C VAL D 167 -4.04 31.48 38.94
N VAL D 168 -4.90 30.56 39.38
CA VAL D 168 -6.23 30.42 38.76
C VAL D 168 -7.33 31.02 39.60
N GLY D 169 -6.95 31.62 40.72
CA GLY D 169 -7.89 32.23 41.65
C GLY D 169 -7.26 32.43 43.01
N TYR D 170 -8.06 32.95 43.95
CA TYR D 170 -7.68 33.15 45.35
C TYR D 170 -8.92 32.98 46.23
N GLY D 171 -8.72 32.72 47.53
CA GLY D 171 -9.82 32.56 48.50
C GLY D 171 -9.34 32.74 49.92
N PHE D 172 -10.16 32.33 50.88
CA PHE D 172 -9.76 32.29 52.31
C PHE D 172 -10.30 31.02 52.96
N GLU D 173 -10.16 30.90 54.27
CA GLU D 173 -10.71 29.75 54.99
C GLU D 173 -11.60 30.07 56.17
N SER D 174 -12.71 29.33 56.27
CA SER D 174 -13.58 29.28 57.46
C SER D 174 -12.83 28.66 58.65
N THR D 175 -12.00 29.47 59.31
CA THR D 175 -11.19 29.02 60.46
C THR D 175 -10.85 30.21 61.39
N ASN D 179 -4.58 34.53 59.60
CA ASN D 179 -3.74 33.87 58.59
C ASN D 179 -4.48 32.81 57.75
N ASN D 180 -5.35 33.26 56.83
CA ASN D 180 -6.16 32.35 56.02
C ASN D 180 -6.15 32.61 54.52
N LYS D 181 -5.93 33.85 54.11
CA LYS D 181 -5.92 34.23 52.68
C LYS D 181 -4.89 33.45 51.82
N TYR D 182 -5.36 32.84 50.72
CA TYR D 182 -4.51 31.99 49.87
C TYR D 182 -4.71 32.16 48.37
N TRP D 183 -3.63 32.06 47.61
CA TRP D 183 -3.71 31.96 46.18
C TRP D 183 -3.96 30.51 45.75
N LEU D 184 -4.91 30.31 44.84
N LEU D 184 -4.90 30.31 44.83
CA LEU D 184 -5.12 29.03 44.19
CA LEU D 184 -5.12 29.02 44.18
C LEU D 184 -4.16 28.91 42.99
C LEU D 184 -4.20 28.87 42.97
N VAL D 185 -3.24 27.95 43.07
CA VAL D 185 -2.16 27.79 42.08
C VAL D 185 -2.24 26.44 41.37
N LYS D 186 -2.07 26.45 40.05
CA LYS D 186 -2.05 25.23 39.25
C LYS D 186 -0.62 24.88 38.91
N ASN D 187 -0.17 23.70 39.36
CA ASN D 187 1.21 23.25 39.15
C ASN D 187 1.26 22.23 38.01
N SER D 188 2.39 22.13 37.31
CA SER D 188 2.56 21.18 36.21
C SER D 188 3.28 19.87 36.60
N TRP D 189 2.85 19.26 37.72
CA TRP D 189 3.37 17.95 38.15
C TRP D 189 2.29 16.86 38.29
N GLY D 190 1.37 16.76 37.33
CA GLY D 190 0.33 15.71 37.35
C GLY D 190 -0.66 15.80 38.51
N GLU D 191 -1.80 15.12 38.39
CA GLU D 191 -2.88 15.12 39.39
C GLU D 191 -2.46 14.54 40.73
N GLU D 192 -1.50 13.62 40.72
N GLU D 192 -1.48 13.63 40.69
CA GLU D 192 -1.05 12.95 41.94
CA GLU D 192 -0.97 12.89 41.86
C GLU D 192 -0.48 13.93 42.97
C GLU D 192 -0.24 13.75 42.93
N TRP D 193 0.34 14.88 42.50
CA TRP D 193 0.98 15.87 43.40
C TRP D 193 -0.04 16.81 44.04
N GLY D 194 0.14 17.13 45.33
CA GLY D 194 -0.79 18.01 46.09
C GLY D 194 -2.30 17.81 45.98
N MET D 195 -3.05 18.90 46.07
CA MET D 195 -4.51 18.90 45.91
C MET D 195 -4.92 18.81 44.44
N GLY D 196 -4.82 17.60 43.90
CA GLY D 196 -5.25 17.25 42.57
C GLY D 196 -4.48 17.99 41.51
N GLY D 197 -3.25 18.37 41.85
CA GLY D 197 -2.34 19.16 40.99
C GLY D 197 -2.25 20.61 41.43
N TYR D 198 -3.21 21.03 42.26
CA TYR D 198 -3.23 22.40 42.72
C TYR D 198 -2.56 22.55 44.06
N VAL D 199 -2.17 23.80 44.35
CA VAL D 199 -1.57 24.12 45.62
C VAL D 199 -2.16 25.45 46.09
N LYS D 200 -2.49 25.47 47.39
N LYS D 200 -2.33 25.62 47.40
CA LYS D 200 -2.98 26.64 48.09
CA LYS D 200 -2.72 26.91 47.94
C LYS D 200 -1.80 27.29 48.77
C LYS D 200 -1.50 27.66 48.49
N MET D 201 -1.28 28.35 48.14
N MET D 201 -1.09 28.74 47.83
CA MET D 201 -0.12 29.11 48.64
CA MET D 201 0.08 29.48 48.31
C MET D 201 -0.59 30.23 49.55
C MET D 201 -0.40 30.65 49.15
N ALA D 202 0.33 30.92 50.22
CA ALA D 202 -0.05 31.90 51.22
C ALA D 202 -0.10 33.34 50.71
N LYS D 203 -1.32 33.83 50.56
CA LYS D 203 -1.61 35.16 50.06
C LYS D 203 -1.47 36.23 51.15
N ASP D 204 -0.92 37.37 50.74
CA ASP D 204 -0.65 38.54 51.60
C ASP D 204 0.07 38.16 52.89
N ARG D 205 1.27 37.61 52.72
CA ARG D 205 2.13 37.31 53.85
C ARG D 205 3.54 37.71 53.45
N ARG D 206 3.71 39.01 53.18
CA ARG D 206 5.01 39.59 52.85
C ARG D 206 5.53 39.03 51.50
N ASN D 207 4.61 38.66 50.62
CA ASN D 207 4.92 38.13 49.27
C ASN D 207 5.58 36.74 49.29
N HIS D 208 4.93 35.81 49.97
N HIS D 208 4.93 35.81 49.98
CA HIS D 208 5.51 34.49 50.20
CA HIS D 208 5.45 34.46 50.19
C HIS D 208 5.88 33.74 48.93
C HIS D 208 5.90 33.78 48.90
N CYS D 209 7.08 33.18 48.93
CA CYS D 209 7.68 32.52 47.74
C CYS D 209 7.85 33.41 46.49
N GLY D 210 7.53 34.69 46.63
CA GLY D 210 7.69 35.66 45.55
C GLY D 210 6.63 35.50 44.50
N ILE D 211 5.51 34.91 44.88
CA ILE D 211 4.41 34.65 43.96
C ILE D 211 4.09 35.88 43.13
N ALA D 212 4.35 37.07 43.67
CA ALA D 212 3.99 38.30 43.01
C ALA D 212 5.16 39.07 42.41
N SER D 213 6.33 38.44 42.41
CA SER D 213 7.57 39.07 41.96
C SER D 213 7.79 39.08 40.44
N ALA D 214 7.07 38.22 39.72
CA ALA D 214 7.24 38.11 38.26
C ALA D 214 5.98 37.50 37.65
N ALA D 215 4.91 38.28 37.68
CA ALA D 215 3.62 37.78 37.29
C ALA D 215 3.29 38.48 35.99
N SER D 216 2.67 37.74 35.07
CA SER D 216 2.32 38.30 33.78
C SER D 216 1.28 37.49 33.05
N TYR D 217 0.76 38.08 31.98
CA TYR D 217 -0.18 37.41 31.10
C TYR D 217 -0.11 38.00 29.71
N PRO D 218 -0.62 37.27 28.71
CA PRO D 218 -0.52 37.76 27.36
C PRO D 218 -1.72 38.63 27.00
N THR D 219 -1.53 39.60 26.12
CA THR D 219 -2.65 40.32 25.53
C THR D 219 -3.02 39.61 24.23
N VAL D 220 -4.30 39.21 24.10
CA VAL D 220 -4.76 38.55 22.86
C VAL D 220 -5.63 39.42 21.93
N ALA E 1 -11.53 -38.15 -22.81
CA ALA E 1 -11.26 -36.89 -23.61
C ALA E 1 -11.08 -37.08 -25.15
N PRO E 2 -12.18 -37.38 -25.88
CA PRO E 2 -12.20 -37.34 -27.34
C PRO E 2 -11.93 -35.93 -27.90
N ARG E 3 -11.75 -35.83 -29.21
CA ARG E 3 -11.51 -34.55 -29.89
C ARG E 3 -12.78 -33.68 -30.06
N SER E 4 -13.95 -34.31 -30.10
CA SER E 4 -15.25 -33.65 -30.18
C SER E 4 -16.32 -34.43 -29.45
N VAL E 5 -17.14 -33.71 -28.68
CA VAL E 5 -18.28 -34.26 -27.98
C VAL E 5 -19.51 -33.39 -28.21
N ASP E 6 -20.65 -34.02 -28.50
CA ASP E 6 -21.96 -33.33 -28.60
C ASP E 6 -23.10 -34.20 -28.09
N TRP E 7 -23.72 -33.78 -26.99
CA TRP E 7 -24.77 -34.60 -26.40
C TRP E 7 -26.14 -34.53 -27.05
N ARG E 8 -26.44 -33.42 -27.70
CA ARG E 8 -27.69 -33.26 -28.45
C ARG E 8 -27.92 -34.44 -29.38
N GLU E 9 -26.86 -34.81 -30.10
CA GLU E 9 -26.83 -35.99 -30.95
C GLU E 9 -27.27 -37.28 -30.26
N LYS E 10 -26.92 -37.47 -29.00
CA LYS E 10 -27.31 -38.72 -28.36
C LYS E 10 -28.64 -38.56 -27.61
N GLY E 11 -29.28 -37.41 -27.81
CA GLY E 11 -30.61 -37.15 -27.25
C GLY E 11 -30.64 -36.91 -25.74
N TYR E 12 -29.64 -36.17 -25.26
CA TYR E 12 -29.46 -35.87 -23.85
C TYR E 12 -30.05 -34.50 -23.42
N VAL E 13 -30.42 -33.70 -24.41
CA VAL E 13 -30.66 -32.26 -24.22
C VAL E 13 -32.07 -31.88 -24.67
N THR E 14 -32.95 -31.50 -23.74
CA THR E 14 -34.27 -30.97 -24.13
C THR E 14 -34.14 -29.66 -24.89
N PRO E 15 -35.14 -29.33 -25.73
CA PRO E 15 -35.20 -28.07 -26.44
C PRO E 15 -34.82 -26.84 -25.60
N VAL E 16 -34.31 -25.82 -26.27
CA VAL E 16 -33.96 -24.53 -25.66
C VAL E 16 -35.21 -23.90 -25.02
N LYS E 17 -35.05 -23.35 -23.82
CA LYS E 17 -36.13 -22.71 -23.13
C LYS E 17 -35.87 -21.19 -23.08
N ASN E 18 -36.83 -20.43 -22.54
CA ASN E 18 -36.67 -18.99 -22.38
C ASN E 18 -37.04 -18.65 -20.95
N GLN E 19 -36.06 -18.20 -20.16
CA GLN E 19 -36.30 -17.78 -18.77
C GLN E 19 -37.17 -16.53 -18.66
N GLY E 20 -37.10 -15.64 -19.66
CA GLY E 20 -37.80 -14.35 -19.64
C GLY E 20 -37.08 -13.42 -18.70
N GLN E 21 -37.76 -12.37 -18.26
CA GLN E 21 -37.17 -11.43 -17.31
C GLN E 21 -37.35 -11.93 -15.90
N CYS E 22 -36.46 -12.84 -15.50
CA CYS E 22 -36.46 -13.47 -14.20
C CYS E 22 -35.09 -14.14 -14.06
N GLY E 23 -34.37 -13.80 -12.99
CA GLY E 23 -33.06 -14.38 -12.74
C GLY E 23 -33.16 -15.83 -12.26
N SER E 24 -33.40 -16.72 -13.20
CA SER E 24 -33.64 -18.12 -12.87
C SER E 24 -32.75 -19.03 -13.68
N CYS E 25 -31.72 -18.46 -14.30
CA CYS E 25 -30.76 -19.21 -15.09
C CYS E 25 -30.27 -20.43 -14.31
N TRP E 26 -29.95 -20.20 -13.04
CA TRP E 26 -29.49 -21.26 -12.17
C TRP E 26 -30.45 -22.46 -12.19
N ALA E 27 -31.77 -22.19 -12.26
CA ALA E 27 -32.77 -23.24 -12.30
C ALA E 27 -32.75 -24.05 -13.61
N PHE E 28 -32.72 -23.31 -14.74
CA PHE E 28 -32.57 -23.90 -16.08
C PHE E 28 -31.29 -24.65 -16.19
N SER E 29 -30.21 -24.12 -15.63
CA SER E 29 -28.95 -24.88 -15.59
C SER E 29 -29.10 -26.25 -14.87
N ALA E 30 -29.57 -26.24 -13.62
CA ALA E 30 -29.78 -27.47 -12.86
C ALA E 30 -30.73 -28.47 -13.55
N THR E 31 -31.89 -27.99 -13.97
CA THR E 31 -32.82 -28.91 -14.57
C THR E 31 -32.15 -29.52 -15.80
N GLY E 32 -31.45 -28.68 -16.56
CA GLY E 32 -30.72 -29.09 -17.74
C GLY E 32 -29.79 -30.26 -17.46
N ALA E 33 -28.89 -30.08 -16.50
CA ALA E 33 -28.00 -31.17 -16.04
C ALA E 33 -28.80 -32.43 -15.73
N LEU E 34 -29.68 -32.32 -14.75
N LEU E 34 -29.70 -32.32 -14.76
CA LEU E 34 -30.54 -33.41 -14.33
CA LEU E 34 -30.55 -33.43 -14.34
C LEU E 34 -31.29 -34.10 -15.49
C LEU E 34 -31.28 -34.12 -15.51
N GLU E 35 -31.73 -33.33 -16.49
CA GLU E 35 -32.46 -33.89 -17.66
C GLU E 35 -31.67 -34.98 -18.39
N GLY E 36 -30.38 -34.72 -18.65
CA GLY E 36 -29.51 -35.65 -19.39
C GLY E 36 -28.98 -36.80 -18.56
N GLN E 37 -28.79 -36.55 -17.27
CA GLN E 37 -28.35 -37.57 -16.33
C GLN E 37 -29.45 -38.63 -16.15
N MET E 38 -30.69 -38.17 -16.18
CA MET E 38 -31.82 -39.09 -16.24
C MET E 38 -31.86 -39.89 -17.53
N PHE E 39 -31.56 -39.25 -18.67
CA PHE E 39 -31.54 -39.93 -19.97
C PHE E 39 -30.48 -41.02 -19.99
N ARG E 40 -29.31 -40.72 -19.42
CA ARG E 40 -28.26 -41.72 -19.19
C ARG E 40 -28.83 -42.93 -18.46
N LYS E 41 -29.44 -42.67 -17.31
CA LYS E 41 -29.97 -43.72 -16.46
C LYS E 41 -31.19 -44.42 -17.06
N THR E 42 -32.22 -43.68 -17.50
CA THR E 42 -33.51 -44.29 -17.89
C THR E 42 -33.80 -44.45 -19.40
N GLY E 43 -33.06 -43.77 -20.26
CA GLY E 43 -33.32 -43.90 -21.69
C GLY E 43 -34.40 -42.96 -22.22
N ARG E 44 -35.26 -42.45 -21.33
CA ARG E 44 -36.26 -41.43 -21.71
C ARG E 44 -35.91 -40.03 -21.18
N LEU E 45 -35.95 -39.07 -22.10
CA LEU E 45 -35.66 -37.65 -21.83
C LEU E 45 -36.93 -36.89 -21.44
N ILE E 46 -37.03 -36.51 -20.16
CA ILE E 46 -38.20 -35.77 -19.69
C ILE E 46 -37.76 -34.37 -19.24
N SER E 47 -38.39 -33.35 -19.81
CA SER E 47 -38.25 -31.96 -19.39
C SER E 47 -38.69 -31.74 -17.94
N LEU E 48 -37.79 -31.19 -17.13
CA LEU E 48 -38.04 -31.01 -15.69
C LEU E 48 -38.45 -29.58 -15.39
N SER E 49 -38.94 -29.34 -14.17
CA SER E 49 -39.56 -28.09 -13.81
C SER E 49 -38.62 -27.08 -13.09
N GLU E 50 -38.19 -26.06 -13.83
CA GLU E 50 -37.45 -24.91 -13.31
C GLU E 50 -38.28 -24.15 -12.31
N GLN E 51 -39.60 -24.14 -12.51
CA GLN E 51 -40.52 -23.47 -11.59
C GLN E 51 -40.51 -24.15 -10.22
N ASN E 52 -40.43 -25.48 -10.23
CA ASN E 52 -40.35 -26.27 -9.01
C ASN E 52 -39.12 -25.87 -8.19
N LEU E 53 -38.05 -25.45 -8.88
CA LEU E 53 -36.86 -25.00 -8.19
C LEU E 53 -37.11 -23.63 -7.62
N VAL E 54 -37.46 -22.71 -8.50
CA VAL E 54 -37.70 -21.32 -8.15
C VAL E 54 -38.62 -21.22 -6.94
N ASP E 55 -39.64 -22.07 -6.85
CA ASP E 55 -40.64 -21.99 -5.78
C ASP E 55 -40.20 -22.64 -4.46
N CYS E 56 -39.59 -23.82 -4.54
CA CYS E 56 -39.43 -24.70 -3.39
C CYS E 56 -38.03 -24.81 -2.82
N SER E 57 -37.02 -24.45 -3.59
CA SER E 57 -35.63 -24.48 -3.08
C SER E 57 -35.16 -23.17 -2.39
N GLY E 58 -36.09 -22.49 -1.71
CA GLY E 58 -35.73 -21.43 -0.78
C GLY E 58 -34.71 -21.87 0.28
N PRO E 59 -35.02 -22.94 1.05
CA PRO E 59 -34.23 -23.22 2.24
C PRO E 59 -32.87 -23.86 1.95
N GLN E 60 -32.61 -24.23 0.69
CA GLN E 60 -31.27 -24.72 0.32
C GLN E 60 -30.32 -23.59 -0.04
N GLY E 61 -30.86 -22.37 -0.15
CA GLY E 61 -30.05 -21.18 -0.37
C GLY E 61 -30.52 -20.26 -1.47
N ASN E 62 -31.28 -20.80 -2.41
CA ASN E 62 -31.69 -20.06 -3.61
C ASN E 62 -32.67 -18.93 -3.29
N GLU E 63 -32.87 -18.01 -4.23
CA GLU E 63 -33.67 -16.80 -3.99
C GLU E 63 -34.58 -16.45 -5.14
N GLY E 64 -35.40 -17.42 -5.58
CA GLY E 64 -36.38 -17.22 -6.66
C GLY E 64 -35.84 -16.56 -7.91
N CYS E 65 -36.52 -15.49 -8.35
CA CYS E 65 -36.08 -14.76 -9.54
C CYS E 65 -34.91 -13.82 -9.20
N ASN E 66 -34.34 -13.99 -8.00
CA ASN E 66 -33.24 -13.18 -7.51
C ASN E 66 -31.94 -13.97 -7.45
N GLY E 67 -31.82 -14.98 -8.31
CA GLY E 67 -30.60 -15.81 -8.36
C GLY E 67 -30.61 -17.00 -7.41
N GLY E 68 -29.77 -17.98 -7.73
CA GLY E 68 -29.63 -19.18 -6.93
C GLY E 68 -28.38 -19.85 -7.42
N LEU E 69 -28.17 -21.10 -7.01
CA LEU E 69 -27.03 -21.87 -7.47
C LEU E 69 -27.41 -23.31 -7.80
N MET E 70 -27.10 -23.76 -9.02
CA MET E 70 -27.23 -25.16 -9.43
C MET E 70 -26.86 -26.14 -8.31
N ASP E 71 -25.84 -25.79 -7.53
CA ASP E 71 -25.45 -26.60 -6.38
C ASP E 71 -26.59 -26.72 -5.33
N TYR E 72 -27.18 -25.59 -4.96
CA TYR E 72 -28.29 -25.58 -4.01
C TYR E 72 -29.50 -26.30 -4.59
N ALA E 73 -29.73 -26.04 -5.87
CA ALA E 73 -30.73 -26.76 -6.62
C ALA E 73 -30.52 -28.25 -6.42
N PHE E 74 -29.44 -28.81 -7.01
CA PHE E 74 -29.17 -30.26 -6.88
C PHE E 74 -29.48 -30.81 -5.49
N GLN E 75 -29.03 -30.08 -4.46
CA GLN E 75 -29.22 -30.50 -3.10
C GLN E 75 -30.69 -30.58 -2.76
N TYR E 76 -31.43 -29.53 -3.11
CA TYR E 76 -32.89 -29.55 -2.94
C TYR E 76 -33.52 -30.88 -3.42
N VAL E 77 -33.06 -31.36 -4.57
CA VAL E 77 -33.66 -32.54 -5.19
C VAL E 77 -33.36 -33.82 -4.35
N GLN E 78 -32.17 -33.93 -3.81
CA GLN E 78 -31.84 -35.02 -2.90
C GLN E 78 -32.72 -34.93 -1.62
N ASP E 79 -32.69 -33.73 -1.03
CA ASP E 79 -33.48 -33.36 0.13
C ASP E 79 -34.96 -33.62 -0.03
N ASN E 80 -35.53 -33.20 -1.17
CA ASN E 80 -36.97 -33.29 -1.39
C ASN E 80 -37.45 -34.62 -1.96
N GLY E 81 -36.55 -35.32 -2.64
CA GLY E 81 -36.82 -36.68 -3.13
C GLY E 81 -37.37 -36.83 -4.54
N GLY E 82 -37.15 -35.84 -5.39
CA GLY E 82 -37.61 -35.87 -6.77
C GLY E 82 -37.98 -34.49 -7.28
N LEU E 83 -38.13 -34.36 -8.58
CA LEU E 83 -38.52 -33.06 -9.13
C LEU E 83 -39.67 -33.26 -10.09
N ASP E 84 -40.66 -32.39 -10.02
CA ASP E 84 -41.80 -32.39 -10.94
C ASP E 84 -41.40 -32.15 -12.41
N SER E 85 -42.21 -32.63 -13.35
CA SER E 85 -41.97 -32.40 -14.79
C SER E 85 -42.41 -31.01 -15.18
N GLU E 86 -41.78 -30.45 -16.20
CA GLU E 86 -42.20 -29.16 -16.74
C GLU E 86 -43.71 -29.16 -17.00
N GLU E 87 -44.20 -30.21 -17.68
CA GLU E 87 -45.62 -30.38 -17.95
C GLU E 87 -46.52 -30.27 -16.70
N SER E 88 -46.11 -30.89 -15.60
CA SER E 88 -46.91 -30.83 -14.35
C SER E 88 -46.68 -29.60 -13.45
N TYR E 89 -45.60 -28.85 -13.67
CA TYR E 89 -45.34 -27.66 -12.88
C TYR E 89 -44.74 -26.60 -13.84
N PRO E 90 -45.60 -26.00 -14.69
CA PRO E 90 -45.25 -25.10 -15.80
C PRO E 90 -44.44 -23.91 -15.33
N TYR E 91 -43.68 -23.31 -16.24
CA TYR E 91 -42.86 -22.15 -15.92
C TYR E 91 -43.67 -20.89 -16.09
N GLU E 92 -43.54 -19.95 -15.16
CA GLU E 92 -44.37 -18.76 -15.20
C GLU E 92 -43.56 -17.47 -15.16
N ALA E 93 -42.26 -17.60 -14.95
CA ALA E 93 -41.32 -16.48 -14.98
C ALA E 93 -41.49 -15.52 -13.80
N THR E 94 -41.96 -16.04 -12.66
CA THR E 94 -42.08 -15.28 -11.41
C THR E 94 -42.08 -16.23 -10.21
N GLU E 95 -41.69 -15.73 -9.04
N GLU E 95 -41.74 -15.70 -9.04
CA GLU E 95 -41.67 -16.54 -7.82
CA GLU E 95 -41.68 -16.46 -7.78
C GLU E 95 -43.08 -16.71 -7.26
C GLU E 95 -43.09 -16.69 -7.22
N GLU E 96 -43.40 -17.94 -6.86
CA GLU E 96 -44.70 -18.30 -6.26
C GLU E 96 -44.43 -19.10 -5.00
N SER E 97 -45.39 -19.91 -4.57
CA SER E 97 -45.19 -20.73 -3.37
C SER E 97 -45.05 -22.19 -3.79
N CYS E 98 -44.69 -23.05 -2.83
CA CYS E 98 -44.43 -24.46 -3.14
C CYS E 98 -45.70 -25.24 -3.46
N LYS E 99 -45.83 -25.63 -4.73
CA LYS E 99 -46.94 -26.45 -5.15
C LYS E 99 -46.44 -27.82 -5.57
N TYR E 100 -45.28 -28.25 -5.08
CA TYR E 100 -44.78 -29.58 -5.37
C TYR E 100 -45.84 -30.67 -5.10
N ASN E 101 -45.89 -31.66 -5.99
CA ASN E 101 -46.74 -32.86 -5.87
C ASN E 101 -45.88 -34.09 -6.23
N PRO E 102 -45.67 -35.02 -5.27
CA PRO E 102 -44.77 -36.16 -5.49
C PRO E 102 -45.20 -37.14 -6.60
N LYS E 103 -46.50 -37.19 -6.91
CA LYS E 103 -46.97 -38.10 -7.95
C LYS E 103 -46.41 -37.69 -9.30
N TYR E 104 -45.92 -36.45 -9.38
CA TYR E 104 -45.40 -35.91 -10.63
C TYR E 104 -43.86 -35.76 -10.68
N SER E 105 -43.16 -36.36 -9.71
CA SER E 105 -41.71 -36.47 -9.77
C SER E 105 -41.28 -37.37 -10.94
N VAL E 106 -40.16 -37.04 -11.58
CA VAL E 106 -39.67 -37.81 -12.74
C VAL E 106 -38.13 -37.87 -12.83
N ALA E 107 -37.46 -37.41 -11.78
CA ALA E 107 -36.00 -37.50 -11.67
C ALA E 107 -35.57 -37.39 -10.21
N ASN E 108 -34.77 -38.36 -9.75
CA ASN E 108 -34.11 -38.28 -8.44
C ASN E 108 -32.61 -37.93 -8.58
N ASP E 109 -31.97 -37.44 -7.52
CA ASP E 109 -30.51 -37.27 -7.53
C ASP E 109 -29.90 -37.57 -6.17
N THR E 110 -28.87 -38.41 -6.13
CA THR E 110 -28.28 -38.78 -4.83
C THR E 110 -26.99 -38.03 -4.50
N GLY E 111 -26.97 -36.73 -4.75
CA GLY E 111 -25.77 -35.94 -4.49
C GLY E 111 -25.28 -35.27 -5.74
N PHE E 112 -24.08 -34.71 -5.69
CA PHE E 112 -23.52 -33.96 -6.81
C PHE E 112 -21.99 -33.86 -6.76
N VAL E 113 -21.35 -33.81 -7.92
CA VAL E 113 -19.90 -33.73 -8.04
C VAL E 113 -19.46 -32.35 -8.50
N ASP E 114 -18.50 -31.73 -7.79
CA ASP E 114 -17.93 -30.42 -8.15
C ASP E 114 -16.62 -30.64 -8.89
N ILE E 115 -16.57 -30.19 -10.13
CA ILE E 115 -15.40 -30.39 -10.97
C ILE E 115 -14.24 -29.47 -10.58
N PRO E 116 -13.02 -30.03 -10.48
CA PRO E 116 -11.82 -29.20 -10.24
C PRO E 116 -11.71 -28.07 -11.26
N LYS E 117 -11.30 -26.88 -10.80
CA LYS E 117 -11.38 -25.64 -11.61
C LYS E 117 -10.42 -25.59 -12.81
N GLN E 118 -10.55 -26.55 -13.74
CA GLN E 118 -9.66 -26.65 -14.91
C GLN E 118 -10.44 -27.09 -16.14
N GLU E 119 -10.33 -26.29 -17.18
CA GLU E 119 -10.70 -26.68 -18.53
C GLU E 119 -10.12 -28.03 -19.01
N LYS E 120 -9.29 -28.66 -18.18
CA LYS E 120 -8.84 -30.02 -18.41
C LYS E 120 -9.89 -30.96 -17.84
N ALA E 121 -10.24 -30.75 -16.57
CA ALA E 121 -11.14 -31.65 -15.83
C ALA E 121 -12.59 -31.56 -16.36
N LEU E 122 -13.01 -30.34 -16.68
CA LEU E 122 -14.33 -30.11 -17.28
C LEU E 122 -14.48 -30.81 -18.60
N MET E 123 -13.46 -30.69 -19.48
CA MET E 123 -13.46 -31.38 -20.78
C MET E 123 -13.65 -32.89 -20.63
N LYS E 124 -12.94 -33.45 -19.64
CA LYS E 124 -13.10 -34.83 -19.19
C LYS E 124 -14.55 -35.14 -18.79
N ALA E 125 -15.10 -34.33 -17.86
CA ALA E 125 -16.47 -34.47 -17.43
C ALA E 125 -17.53 -34.54 -18.56
N VAL E 126 -17.46 -33.58 -19.49
CA VAL E 126 -18.37 -33.55 -20.65
C VAL E 126 -18.26 -34.84 -21.48
N ALA E 127 -17.05 -35.32 -21.70
CA ALA E 127 -16.83 -36.54 -22.43
C ALA E 127 -17.38 -37.75 -21.68
N THR E 128 -17.20 -37.76 -20.35
CA THR E 128 -17.45 -38.97 -19.56
C THR E 128 -18.81 -39.01 -18.86
N VAL E 129 -19.47 -37.85 -18.73
CA VAL E 129 -20.71 -37.75 -17.93
C VAL E 129 -21.98 -37.37 -18.74
N GLY E 130 -21.95 -36.21 -19.37
CA GLY E 130 -23.10 -35.71 -20.13
C GLY E 130 -23.02 -34.19 -20.06
N PRO E 131 -24.17 -33.51 -20.21
CA PRO E 131 -24.18 -32.05 -19.96
C PRO E 131 -23.84 -31.69 -18.52
N ILE E 132 -22.96 -30.70 -18.36
CA ILE E 132 -22.48 -30.24 -17.05
C ILE E 132 -22.95 -28.80 -16.79
N SER E 133 -23.41 -28.54 -15.57
CA SER E 133 -23.76 -27.17 -15.14
C SER E 133 -22.58 -26.30 -14.70
N VAL E 134 -22.49 -25.13 -15.29
CA VAL E 134 -21.41 -24.19 -15.07
C VAL E 134 -21.97 -22.75 -14.93
N ALA E 135 -21.13 -21.86 -14.39
CA ALA E 135 -21.37 -20.41 -14.37
C ALA E 135 -20.43 -19.71 -15.34
N ILE E 136 -20.89 -18.63 -15.95
CA ILE E 136 -20.03 -17.85 -16.87
C ILE E 136 -20.24 -16.36 -16.66
N ASP E 137 -19.29 -15.55 -17.13
CA ASP E 137 -19.49 -14.08 -17.17
C ASP E 137 -20.15 -13.64 -18.48
N ALA E 138 -21.46 -13.43 -18.43
CA ALA E 138 -22.21 -13.12 -19.64
C ALA E 138 -22.80 -11.71 -19.54
N GLY E 139 -22.00 -10.78 -19.03
CA GLY E 139 -22.45 -9.42 -18.81
C GLY E 139 -21.93 -8.46 -19.85
N HIS E 140 -21.80 -8.93 -21.09
CA HIS E 140 -21.31 -8.08 -22.17
C HIS E 140 -22.24 -7.98 -23.38
N GLU E 141 -22.17 -6.83 -24.06
CA GLU E 141 -22.95 -6.57 -25.28
C GLU E 141 -22.78 -7.70 -26.30
N SER E 142 -21.53 -8.12 -26.49
CA SER E 142 -21.17 -9.18 -27.41
C SER E 142 -21.80 -10.53 -27.08
N PHE E 143 -21.97 -10.84 -25.79
CA PHE E 143 -22.75 -12.04 -25.40
C PHE E 143 -24.25 -11.85 -25.56
N LEU E 144 -24.80 -10.73 -25.08
CA LEU E 144 -26.23 -10.44 -25.19
C LEU E 144 -26.75 -10.35 -26.65
N PHE E 145 -25.92 -9.90 -27.58
CA PHE E 145 -26.29 -9.93 -29.01
C PHE E 145 -25.50 -10.92 -29.87
N TYR E 146 -24.89 -11.92 -29.23
CA TYR E 146 -24.13 -12.95 -29.93
C TYR E 146 -24.94 -13.62 -31.01
N LYS E 147 -24.34 -13.82 -32.18
CA LYS E 147 -25.04 -14.40 -33.34
C LYS E 147 -24.45 -15.75 -33.79
N GLU E 148 -23.19 -15.75 -34.21
CA GLU E 148 -22.57 -17.00 -34.67
C GLU E 148 -21.07 -17.07 -34.41
N GLY E 149 -20.45 -18.19 -34.82
CA GLY E 149 -19.00 -18.37 -34.69
C GLY E 149 -18.60 -18.49 -33.24
N ILE E 150 -17.29 -18.52 -32.98
CA ILE E 150 -16.78 -18.71 -31.61
C ILE E 150 -16.82 -17.41 -30.80
N TYR E 151 -17.43 -17.50 -29.63
CA TYR E 151 -17.53 -16.37 -28.74
C TYR E 151 -16.24 -16.17 -27.95
N PHE E 152 -15.58 -15.06 -28.24
CA PHE E 152 -14.42 -14.59 -27.49
C PHE E 152 -14.57 -13.11 -27.15
N GLU E 153 -14.29 -12.76 -25.90
CA GLU E 153 -14.52 -11.42 -25.40
C GLU E 153 -13.42 -11.06 -24.41
N PRO E 154 -12.46 -10.21 -24.85
CA PRO E 154 -11.24 -9.98 -24.05
C PRO E 154 -11.49 -9.49 -22.61
N ASP E 155 -12.40 -8.54 -22.46
CA ASP E 155 -12.64 -7.90 -21.17
C ASP E 155 -13.36 -8.82 -20.21
N CYS E 156 -13.66 -10.04 -20.66
CA CYS E 156 -14.38 -11.04 -19.86
C CYS E 156 -13.56 -11.49 -18.65
N SER E 157 -14.26 -11.99 -17.63
CA SER E 157 -13.64 -12.34 -16.34
C SER E 157 -13.72 -13.83 -15.98
N SER E 158 -12.65 -14.33 -15.36
CA SER E 158 -12.56 -15.72 -14.94
C SER E 158 -12.90 -15.95 -13.48
N GLU E 159 -13.31 -14.88 -12.79
CA GLU E 159 -13.65 -14.97 -11.36
C GLU E 159 -15.10 -14.55 -11.07
N ASP E 160 -15.48 -13.39 -11.61
CA ASP E 160 -16.82 -12.87 -11.39
C ASP E 160 -17.73 -13.40 -12.48
N MET E 161 -18.42 -14.51 -12.20
CA MET E 161 -19.44 -15.00 -13.12
C MET E 161 -20.82 -14.65 -12.57
N ASP E 162 -21.79 -14.43 -13.48
CA ASP E 162 -23.08 -13.89 -13.09
C ASP E 162 -24.27 -14.52 -13.82
N HIS E 163 -24.07 -15.71 -14.38
CA HIS E 163 -25.08 -16.37 -15.19
C HIS E 163 -24.78 -17.88 -15.26
N GLY E 164 -25.81 -18.69 -15.04
CA GLY E 164 -25.64 -20.14 -15.05
C GLY E 164 -26.14 -20.75 -16.34
N VAL E 165 -25.37 -21.67 -16.91
CA VAL E 165 -25.71 -22.29 -18.19
C VAL E 165 -25.31 -23.78 -18.21
N LEU E 166 -25.40 -24.39 -19.40
CA LEU E 166 -25.07 -25.80 -19.55
C LEU E 166 -24.19 -26.05 -20.75
N VAL E 167 -23.08 -26.76 -20.51
CA VAL E 167 -22.23 -27.24 -21.59
C VAL E 167 -22.71 -28.62 -22.06
N VAL E 168 -23.12 -28.68 -23.34
CA VAL E 168 -23.57 -29.94 -23.96
C VAL E 168 -22.50 -30.55 -24.87
N GLY E 169 -21.31 -30.02 -24.79
CA GLY E 169 -20.26 -30.52 -25.63
C GLY E 169 -19.15 -29.51 -25.78
N TYR E 170 -18.19 -29.87 -26.63
CA TYR E 170 -17.07 -29.03 -27.00
C TYR E 170 -16.59 -29.46 -28.37
N GLY E 171 -15.92 -28.58 -29.07
CA GLY E 171 -15.44 -28.99 -30.37
C GLY E 171 -14.20 -28.26 -30.83
N PHE E 172 -14.05 -28.26 -32.16
CA PHE E 172 -13.07 -27.48 -32.91
C PHE E 172 -13.60 -27.19 -34.32
N GLU E 173 -12.98 -26.24 -35.02
CA GLU E 173 -13.25 -26.02 -36.44
C GLU E 173 -12.01 -26.29 -37.32
N SER E 174 -11.92 -25.61 -38.46
CA SER E 174 -10.77 -25.72 -39.36
C SER E 174 -10.60 -24.45 -40.16
N ASN E 179 -6.45 -21.55 -31.63
CA ASN E 179 -7.59 -20.63 -31.55
C ASN E 179 -8.87 -21.14 -32.23
N ASN E 180 -8.87 -22.42 -32.57
CA ASN E 180 -9.97 -23.08 -33.28
C ASN E 180 -10.96 -23.82 -32.38
N LYS E 181 -10.69 -23.85 -31.08
CA LYS E 181 -11.45 -24.69 -30.14
C LYS E 181 -12.52 -23.96 -29.33
N TYR E 182 -13.64 -24.66 -29.08
CA TYR E 182 -14.83 -24.05 -28.48
C TYR E 182 -15.67 -24.98 -27.59
N TRP E 183 -16.41 -24.40 -26.63
CA TRP E 183 -17.41 -25.11 -25.80
C TRP E 183 -18.83 -24.94 -26.32
N LEU E 184 -19.53 -26.05 -26.51
N LEU E 184 -19.52 -26.06 -26.53
CA LEU E 184 -20.92 -26.00 -26.93
CA LEU E 184 -20.94 -26.03 -26.91
C LEU E 184 -21.78 -25.73 -25.70
C LEU E 184 -21.78 -25.72 -25.69
N VAL E 185 -22.24 -24.48 -25.58
CA VAL E 185 -23.02 -24.07 -24.40
C VAL E 185 -24.49 -23.83 -24.75
N LYS E 186 -25.37 -24.30 -23.86
CA LYS E 186 -26.82 -24.14 -24.00
C LYS E 186 -27.32 -23.12 -22.99
N ASN E 187 -27.84 -22.04 -23.56
CA ASN E 187 -28.38 -20.92 -22.83
C ASN E 187 -29.86 -21.18 -22.56
N SER E 188 -30.52 -20.25 -21.89
CA SER E 188 -31.92 -20.36 -21.58
C SER E 188 -32.59 -19.05 -21.97
N TRP E 189 -32.15 -18.48 -23.08
CA TRP E 189 -32.76 -17.25 -23.56
C TRP E 189 -33.55 -17.41 -24.85
N GLY E 190 -34.15 -18.58 -25.06
CA GLY E 190 -34.99 -18.80 -26.21
C GLY E 190 -34.17 -19.14 -27.43
N GLU E 191 -34.88 -19.67 -28.44
CA GLU E 191 -34.30 -20.18 -29.68
C GLU E 191 -33.80 -19.06 -30.56
N GLU E 192 -34.40 -17.89 -30.44
N GLU E 192 -34.47 -17.92 -30.48
CA GLU E 192 -34.08 -16.73 -31.29
CA GLU E 192 -34.09 -16.71 -31.22
C GLU E 192 -32.65 -16.18 -31.09
C GLU E 192 -33.14 -15.84 -30.37
N TRP E 193 -32.06 -16.50 -29.95
CA TRP E 193 -30.83 -15.88 -29.48
C TRP E 193 -29.64 -16.77 -29.86
N GLY E 194 -28.56 -16.14 -30.33
CA GLY E 194 -27.33 -16.82 -30.67
C GLY E 194 -27.51 -17.87 -31.73
N MET E 195 -27.09 -19.09 -31.41
CA MET E 195 -27.07 -20.16 -32.39
C MET E 195 -28.14 -21.24 -32.19
N GLY E 196 -29.39 -20.79 -32.36
CA GLY E 196 -30.58 -21.59 -32.13
C GLY E 196 -30.75 -21.77 -30.64
N GLY E 197 -30.21 -20.80 -29.89
CA GLY E 197 -30.19 -20.88 -28.43
C GLY E 197 -28.86 -21.31 -27.85
N TYR E 198 -27.90 -21.56 -28.73
CA TYR E 198 -26.61 -22.04 -28.30
C TYR E 198 -25.55 -20.99 -28.52
N VAL E 199 -24.44 -21.16 -27.79
CA VAL E 199 -23.22 -20.42 -28.06
C VAL E 199 -21.95 -21.31 -28.04
N LYS E 200 -21.12 -21.10 -29.07
N LYS E 200 -20.96 -20.95 -28.85
CA LYS E 200 -19.85 -21.78 -29.22
CA LYS E 200 -19.63 -21.57 -28.77
C LYS E 200 -18.84 -20.85 -28.59
C LYS E 200 -18.63 -20.71 -27.99
N MET E 201 -18.45 -21.17 -27.35
N MET E 201 -18.56 -20.83 -26.67
CA MET E 201 -17.61 -20.30 -26.52
CA MET E 201 -17.58 -20.06 -25.92
C MET E 201 -16.15 -20.68 -26.63
C MET E 201 -16.18 -20.63 -26.14
N ALA E 202 -15.24 -19.73 -26.42
CA ALA E 202 -13.80 -20.04 -26.50
C ALA E 202 -13.31 -21.09 -25.48
N LYS E 203 -12.65 -22.14 -25.99
CA LYS E 203 -12.17 -23.24 -25.15
C LYS E 203 -10.63 -23.31 -25.07
N ASP E 204 -10.15 -23.69 -23.89
CA ASP E 204 -8.72 -23.78 -23.58
C ASP E 204 -8.02 -22.46 -23.83
N ARG E 205 -8.69 -21.36 -23.48
CA ARG E 205 -8.10 -20.05 -23.58
C ARG E 205 -8.11 -19.38 -22.21
N ARG E 206 -7.30 -19.97 -21.32
CA ARG E 206 -7.08 -19.51 -19.94
C ARG E 206 -8.37 -19.35 -19.12
N ASN E 207 -9.25 -20.35 -19.24
CA ASN E 207 -10.49 -20.39 -18.48
C ASN E 207 -11.44 -19.22 -18.81
N HIS E 208 -11.58 -18.96 -20.11
N HIS E 208 -11.57 -18.94 -20.11
CA HIS E 208 -12.37 -17.83 -20.61
CA HIS E 208 -12.37 -17.84 -20.62
C HIS E 208 -13.75 -17.74 -19.98
C HIS E 208 -13.75 -17.74 -19.98
N CYS E 209 -14.13 -16.53 -19.58
CA CYS E 209 -15.43 -16.25 -18.91
C CYS E 209 -15.76 -17.10 -17.69
N GLY E 210 -14.74 -17.77 -17.14
CA GLY E 210 -14.80 -18.57 -15.92
C GLY E 210 -15.59 -19.84 -16.05
N ILE E 211 -15.65 -20.35 -17.28
CA ILE E 211 -16.55 -21.47 -17.62
C ILE E 211 -16.30 -22.69 -16.74
N ALA E 212 -15.04 -22.89 -16.36
CA ALA E 212 -14.62 -24.00 -15.54
C ALA E 212 -14.52 -23.70 -14.06
N SER E 213 -15.01 -22.54 -13.64
CA SER E 213 -14.76 -22.09 -12.27
C SER E 213 -15.74 -22.62 -11.25
N ALA E 214 -16.99 -22.81 -11.66
CA ALA E 214 -18.05 -23.28 -10.76
C ALA E 214 -18.88 -24.40 -11.42
N ALA E 215 -18.18 -25.26 -12.14
CA ALA E 215 -18.77 -26.41 -12.82
C ALA E 215 -19.21 -27.48 -11.85
N SER E 216 -20.40 -28.04 -12.10
CA SER E 216 -20.98 -29.10 -11.28
C SER E 216 -22.02 -29.95 -12.04
N TYR E 217 -22.14 -31.20 -11.62
CA TYR E 217 -23.17 -32.09 -12.14
C TYR E 217 -23.70 -33.00 -11.00
N PRO E 218 -24.96 -33.49 -11.14
CA PRO E 218 -25.63 -34.38 -10.14
C PRO E 218 -25.37 -35.88 -10.34
N THR E 219 -25.64 -36.69 -9.33
CA THR E 219 -25.51 -38.14 -9.48
C THR E 219 -26.86 -38.80 -9.30
N VAL E 220 -27.31 -39.49 -10.35
CA VAL E 220 -28.66 -40.05 -10.41
C VAL E 220 -28.70 -41.54 -10.01
N ALA F 1 15.13 -2.14 -33.26
CA ALA F 1 15.51 -0.70 -33.16
C ALA F 1 15.95 -0.13 -34.51
N PRO F 2 14.99 0.22 -35.39
CA PRO F 2 15.33 0.73 -36.74
C PRO F 2 15.88 2.16 -36.80
N ARG F 3 16.73 2.42 -37.79
CA ARG F 3 17.28 3.76 -38.05
C ARG F 3 16.16 4.73 -38.37
N SER F 4 15.05 4.20 -38.90
CA SER F 4 13.88 4.99 -39.30
C SER F 4 12.55 4.38 -38.81
N VAL F 5 11.69 5.24 -38.27
CA VAL F 5 10.30 4.91 -37.87
C VAL F 5 9.41 6.16 -37.98
N ASP F 6 8.24 6.00 -38.62
CA ASP F 6 7.23 7.06 -38.74
C ASP F 6 5.86 6.42 -38.54
N TRP F 7 5.08 6.96 -37.62
CA TRP F 7 3.82 6.30 -37.32
C TRP F 7 2.60 6.76 -38.14
N ARG F 8 2.64 7.97 -38.69
CA ARG F 8 1.63 8.40 -39.68
C ARG F 8 1.64 7.51 -40.93
N GLU F 9 2.71 6.73 -41.07
CA GLU F 9 2.83 5.75 -42.16
C GLU F 9 1.85 4.62 -42.02
N LYS F 10 1.61 4.18 -40.78
CA LYS F 10 0.69 3.08 -40.53
C LYS F 10 -0.68 3.62 -40.08
N GLY F 11 -0.91 4.91 -40.29
CA GLY F 11 -2.16 5.56 -39.86
C GLY F 11 -2.39 5.53 -38.36
N TYR F 12 -1.34 5.79 -37.59
CA TYR F 12 -1.41 5.89 -36.13
C TYR F 12 -1.74 7.32 -35.66
N VAL F 13 -1.80 8.25 -36.60
CA VAL F 13 -1.92 9.68 -36.25
C VAL F 13 -3.14 10.43 -36.79
N THR F 14 -3.99 10.94 -35.88
CA THR F 14 -5.13 11.77 -36.30
C THR F 14 -4.64 13.07 -36.89
N PRO F 15 -5.43 13.68 -37.80
CA PRO F 15 -5.07 14.97 -38.36
C PRO F 15 -4.72 15.97 -37.27
N VAL F 16 -3.73 16.82 -37.55
CA VAL F 16 -3.16 17.77 -36.59
C VAL F 16 -4.24 18.68 -36.00
N LYS F 17 -4.37 18.67 -34.68
CA LYS F 17 -5.36 19.53 -34.03
C LYS F 17 -4.79 20.92 -33.72
N ASN F 18 -5.68 21.85 -33.37
CA ASN F 18 -5.25 23.11 -32.82
C ASN F 18 -5.84 23.31 -31.43
N GLN F 19 -4.96 23.58 -30.47
CA GLN F 19 -5.37 23.81 -29.09
C GLN F 19 -5.92 25.24 -28.86
N GLY F 20 -5.74 26.14 -29.84
CA GLY F 20 -6.18 27.54 -29.70
C GLY F 20 -5.50 28.26 -28.55
N GLN F 21 -6.14 29.31 -28.05
CA GLN F 21 -5.61 29.99 -26.85
C GLN F 21 -6.15 29.36 -25.57
N CYS F 22 -5.50 28.28 -25.14
CA CYS F 22 -5.82 27.55 -23.91
C CYS F 22 -4.71 26.55 -23.59
N GLY F 23 -4.19 26.60 -22.37
CA GLY F 23 -3.16 25.65 -21.94
C GLY F 23 -3.72 24.24 -21.88
N SER F 24 -3.74 23.56 -23.03
CA SER F 24 -4.35 22.23 -23.10
C SER F 24 -3.41 21.19 -23.70
N CYS F 25 -2.36 21.65 -24.39
CA CYS F 25 -1.33 20.79 -25.00
C CYS F 25 -1.17 19.39 -24.37
N TRP F 26 -1.29 19.33 -23.03
CA TRP F 26 -1.20 18.08 -22.30
C TRP F 26 -2.31 17.08 -22.61
N ALA F 27 -3.48 17.58 -22.97
CA ALA F 27 -4.61 16.74 -23.31
C ALA F 27 -4.47 16.24 -24.74
N PHE F 28 -4.02 17.11 -25.64
CA PHE F 28 -3.72 16.71 -27.03
C PHE F 28 -2.56 15.72 -27.07
N SER F 29 -1.73 15.74 -26.04
CA SER F 29 -0.63 14.83 -25.98
C SER F 29 -1.17 13.49 -25.56
N ALA F 30 -2.10 13.48 -24.61
CA ALA F 30 -2.56 12.22 -24.05
C ALA F 30 -3.49 11.48 -25.00
N THR F 31 -4.34 12.25 -25.68
CA THR F 31 -5.32 11.69 -26.58
C THR F 31 -4.62 11.08 -27.77
N GLY F 32 -3.50 11.67 -28.18
CA GLY F 32 -2.70 11.14 -29.28
C GLY F 32 -2.07 9.80 -28.95
N ALA F 33 -1.45 9.73 -27.78
CA ALA F 33 -0.85 8.51 -27.29
C ALA F 33 -1.87 7.42 -27.30
N LEU F 34 -3.04 7.70 -26.77
N LEU F 34 -3.05 7.70 -26.76
CA LEU F 34 -4.13 6.73 -26.78
CA LEU F 34 -4.17 6.75 -26.79
C LEU F 34 -4.65 6.46 -28.20
C LEU F 34 -4.62 6.46 -28.21
N GLU F 35 -4.85 7.53 -28.99
CA GLU F 35 -5.26 7.42 -30.40
C GLU F 35 -4.40 6.44 -31.16
N GLY F 36 -3.11 6.46 -30.86
CA GLY F 36 -2.17 5.48 -31.38
C GLY F 36 -2.36 4.12 -30.74
N GLN F 37 -2.45 4.07 -29.42
CA GLN F 37 -2.45 2.77 -28.74
C GLN F 37 -3.69 1.93 -29.03
N MET F 38 -4.81 2.63 -29.18
CA MET F 38 -6.05 2.02 -29.55
C MET F 38 -5.95 1.53 -30.98
N PHE F 39 -5.24 2.26 -31.83
CA PHE F 39 -5.09 1.83 -33.21
C PHE F 39 -4.39 0.49 -33.28
N ARG F 40 -3.28 0.34 -32.56
CA ARG F 40 -2.57 -0.92 -32.45
C ARG F 40 -3.54 -2.06 -32.14
N LYS F 41 -4.39 -1.85 -31.14
CA LYS F 41 -5.22 -2.92 -30.58
C LYS F 41 -6.48 -3.22 -31.39
N THR F 42 -7.01 -2.25 -32.11
CA THR F 42 -8.26 -2.46 -32.86
C THR F 42 -8.19 -2.15 -34.36
N GLY F 43 -7.07 -1.59 -34.83
CA GLY F 43 -6.93 -1.20 -36.24
C GLY F 43 -7.77 0.02 -36.69
N ARG F 44 -8.46 0.65 -35.75
CA ARG F 44 -9.31 1.76 -36.09
C ARG F 44 -8.89 3.03 -35.35
N LEU F 45 -8.49 4.03 -36.13
CA LEU F 45 -8.05 5.32 -35.62
C LEU F 45 -9.29 6.12 -35.29
N ILE F 46 -9.46 6.44 -34.02
CA ILE F 46 -10.60 7.26 -33.66
C ILE F 46 -10.16 8.43 -32.82
N SER F 47 -10.38 9.62 -33.34
CA SER F 47 -10.11 10.85 -32.63
C SER F 47 -10.80 10.85 -31.24
N LEU F 48 -10.03 11.02 -30.17
CA LEU F 48 -10.63 11.09 -28.82
C LEU F 48 -10.74 12.54 -28.35
N SER F 49 -11.46 12.78 -27.26
CA SER F 49 -11.74 14.15 -26.81
C SER F 49 -10.80 14.70 -25.72
N GLU F 50 -10.10 15.73 -26.15
CA GLU F 50 -9.27 16.53 -25.29
C GLU F 50 -10.20 17.26 -24.34
N GLN F 51 -11.21 17.99 -24.88
CA GLN F 51 -12.23 18.68 -24.06
C GLN F 51 -12.92 17.78 -22.99
N ASN F 52 -12.92 16.47 -23.18
CA ASN F 52 -13.40 15.56 -22.17
C ASN F 52 -12.43 15.59 -21.01
N LEU F 53 -11.14 15.48 -21.33
CA LEU F 53 -10.09 15.42 -20.32
C LEU F 53 -10.00 16.70 -19.51
N VAL F 54 -9.69 17.80 -20.21
CA VAL F 54 -9.69 19.18 -19.70
C VAL F 54 -10.83 19.45 -18.70
N ASP F 55 -12.01 18.93 -19.00
CA ASP F 55 -13.20 19.17 -18.21
C ASP F 55 -13.29 18.28 -16.96
N CYS F 56 -13.11 16.97 -17.12
CA CYS F 56 -13.44 16.03 -16.04
C CYS F 56 -12.27 15.42 -15.26
N SER F 57 -11.03 15.71 -15.67
CA SER F 57 -9.81 15.10 -15.07
C SER F 57 -9.16 15.91 -13.92
N GLY F 58 -9.97 16.78 -13.32
CA GLY F 58 -9.58 17.63 -12.18
C GLY F 58 -9.07 16.84 -10.99
N PRO F 59 -9.90 15.91 -10.46
CA PRO F 59 -9.52 14.94 -9.42
C PRO F 59 -8.10 14.36 -9.56
N GLN F 60 -7.82 13.67 -10.66
CA GLN F 60 -6.52 13.07 -10.96
C GLN F 60 -5.31 14.03 -10.93
N GLY F 61 -5.55 15.33 -11.00
CA GLY F 61 -4.49 16.29 -10.74
C GLY F 61 -4.37 17.45 -11.70
N ASN F 62 -5.19 17.45 -12.75
CA ASN F 62 -5.04 18.45 -13.82
C ASN F 62 -5.76 19.76 -13.56
N GLU F 63 -5.44 20.76 -14.37
CA GLU F 63 -5.95 22.12 -14.15
C GLU F 63 -6.54 22.82 -15.36
N GLY F 64 -7.35 22.10 -16.14
CA GLY F 64 -8.03 22.66 -17.29
C GLY F 64 -7.12 23.35 -18.30
N CYS F 65 -7.47 24.58 -18.66
CA CYS F 65 -6.66 25.36 -19.59
C CYS F 65 -5.53 26.11 -18.89
N ASN F 66 -5.32 25.81 -17.60
CA ASN F 66 -4.19 26.35 -16.82
C ASN F 66 -2.98 25.44 -16.88
N GLY F 67 -3.19 24.21 -17.38
CA GLY F 67 -2.12 23.20 -17.53
C GLY F 67 -2.40 21.87 -16.85
N GLY F 68 -1.56 20.87 -17.12
CA GLY F 68 -1.74 19.53 -16.56
C GLY F 68 -0.64 18.53 -16.92
N LEU F 69 -0.93 17.24 -16.77
CA LEU F 69 0.03 16.17 -17.03
C LEU F 69 -0.61 14.95 -17.70
N MET F 70 0.06 14.41 -18.73
CA MET F 70 -0.42 13.21 -19.44
C MET F 70 -0.61 12.00 -18.53
N ASP F 71 0.27 11.80 -17.57
CA ASP F 71 0.04 10.71 -16.65
C ASP F 71 -1.26 10.90 -15.86
N TYR F 72 -1.56 12.15 -15.50
CA TYR F 72 -2.81 12.49 -14.80
C TYR F 72 -4.01 12.27 -15.69
N ALA F 73 -3.80 12.47 -16.98
CA ALA F 73 -4.83 12.20 -17.96
C ALA F 73 -4.94 10.68 -18.17
N PHE F 74 -3.82 9.97 -18.25
CA PHE F 74 -3.88 8.50 -18.35
C PHE F 74 -4.50 7.94 -17.06
N GLN F 75 -4.37 8.69 -15.97
CA GLN F 75 -4.94 8.25 -14.71
C GLN F 75 -6.47 8.21 -14.78
N TYR F 76 -7.05 9.29 -15.27
CA TYR F 76 -8.50 9.51 -15.31
C TYR F 76 -9.25 8.48 -16.14
N VAL F 77 -8.66 8.05 -17.26
CA VAL F 77 -9.36 7.16 -18.18
C VAL F 77 -9.41 5.72 -17.63
N GLN F 78 -8.50 5.39 -16.73
CA GLN F 78 -8.58 4.14 -15.98
C GLN F 78 -9.71 4.31 -14.96
N ASP F 79 -9.73 5.51 -14.36
CA ASP F 79 -10.64 5.90 -13.26
C ASP F 79 -12.06 6.18 -13.71
N ASN F 80 -12.20 6.63 -14.95
CA ASN F 80 -13.51 6.97 -15.51
C ASN F 80 -14.11 5.78 -16.26
N GLY F 81 -13.38 4.66 -16.29
CA GLY F 81 -13.74 3.50 -17.10
C GLY F 81 -13.96 3.84 -18.57
N GLY F 82 -13.29 4.90 -19.04
CA GLY F 82 -13.39 5.27 -20.44
C GLY F 82 -13.22 6.74 -20.80
N LEU F 83 -13.41 7.00 -22.08
CA LEU F 83 -13.28 8.33 -22.64
C LEU F 83 -14.11 8.38 -23.93
N ASP F 84 -14.62 9.58 -24.22
CA ASP F 84 -15.46 9.86 -25.39
C ASP F 84 -14.66 10.18 -26.64
N SER F 85 -15.35 10.12 -27.77
CA SER F 85 -14.80 10.54 -29.05
C SER F 85 -14.84 12.06 -29.17
N GLU F 86 -13.89 12.63 -29.92
CA GLU F 86 -13.91 14.06 -30.26
C GLU F 86 -15.28 14.50 -30.84
N GLU F 87 -15.93 13.57 -31.55
CA GLU F 87 -17.18 13.83 -32.28
C GLU F 87 -18.32 14.00 -31.31
N SER F 88 -18.37 13.12 -30.28
CA SER F 88 -19.43 13.14 -29.27
C SER F 88 -19.27 14.23 -28.21
N TYR F 89 -18.07 14.81 -28.13
CA TYR F 89 -17.71 15.73 -27.08
C TYR F 89 -16.64 16.68 -27.64
N PRO F 90 -17.03 17.59 -28.55
CA PRO F 90 -16.06 18.46 -29.26
C PRO F 90 -15.19 19.35 -28.36
N TYR F 91 -14.19 19.96 -28.99
CA TYR F 91 -13.25 20.85 -28.35
C TYR F 91 -13.74 22.30 -28.44
N GLU F 92 -13.66 23.02 -27.32
CA GLU F 92 -14.29 24.33 -27.17
C GLU F 92 -13.29 25.49 -27.00
N ALA F 93 -12.09 25.13 -26.52
CA ALA F 93 -10.98 26.04 -26.17
C ALA F 93 -11.14 26.73 -24.82
N THR F 94 -12.21 26.39 -24.10
CA THR F 94 -12.41 26.80 -22.70
C THR F 94 -12.94 25.63 -21.88
N GLU F 95 -12.60 25.65 -20.59
N GLU F 95 -12.60 25.65 -20.59
CA GLU F 95 -13.03 24.63 -19.64
CA GLU F 95 -13.03 24.63 -19.64
C GLU F 95 -14.48 24.85 -19.25
C GLU F 95 -14.48 24.85 -19.25
N GLU F 96 -15.32 23.84 -19.46
CA GLU F 96 -16.68 23.84 -18.94
C GLU F 96 -16.67 22.84 -17.78
N SER F 97 -17.84 22.42 -17.32
CA SER F 97 -17.92 21.47 -16.21
C SER F 97 -18.21 20.06 -16.72
N CYS F 98 -18.16 19.08 -15.82
CA CYS F 98 -18.18 17.67 -16.20
C CYS F 98 -19.44 17.23 -16.95
N LYS F 99 -19.33 17.08 -18.27
CA LYS F 99 -20.44 16.53 -19.09
C LYS F 99 -20.07 15.20 -19.74
N TYR F 100 -19.46 14.26 -19.00
CA TYR F 100 -19.08 12.96 -19.60
C TYR F 100 -20.27 12.03 -19.77
N ASN F 101 -20.15 11.09 -20.72
CA ASN F 101 -21.21 10.14 -21.10
C ASN F 101 -20.66 8.73 -21.47
N PRO F 102 -20.82 7.72 -20.58
CA PRO F 102 -20.21 6.39 -20.84
C PRO F 102 -20.84 5.72 -22.06
N LYS F 103 -21.97 6.28 -22.49
CA LYS F 103 -22.66 5.92 -23.71
C LYS F 103 -21.80 6.13 -24.97
N TYR F 104 -20.97 7.17 -24.98
CA TYR F 104 -20.19 7.54 -26.16
C TYR F 104 -18.68 7.23 -26.06
N SER F 105 -18.30 6.40 -25.07
CA SER F 105 -16.90 5.95 -24.86
C SER F 105 -16.37 5.25 -26.10
N VAL F 106 -15.06 5.34 -26.33
CA VAL F 106 -14.39 4.81 -27.54
C VAL F 106 -13.03 4.21 -27.21
N ALA F 107 -12.56 4.50 -25.98
CA ALA F 107 -11.23 4.12 -25.50
C ALA F 107 -11.17 3.86 -23.99
N ASN F 108 -10.31 2.92 -23.60
CA ASN F 108 -10.03 2.60 -22.20
C ASN F 108 -8.54 2.39 -21.93
N ASP F 109 -8.11 2.59 -20.68
CA ASP F 109 -6.74 2.27 -20.28
C ASP F 109 -6.63 1.60 -18.89
N THR F 110 -5.55 0.84 -18.71
CA THR F 110 -5.37 -0.06 -17.56
C THR F 110 -4.16 0.36 -16.71
N GLY F 111 -3.59 1.51 -17.04
CA GLY F 111 -2.37 2.01 -16.42
C GLY F 111 -1.59 2.78 -17.48
N PHE F 112 -0.45 3.36 -17.09
CA PHE F 112 0.43 4.07 -18.03
C PHE F 112 1.87 3.69 -17.76
N VAL F 113 2.70 3.74 -18.79
CA VAL F 113 4.06 3.27 -18.64
C VAL F 113 5.05 4.43 -18.77
N ASP F 114 5.76 4.69 -17.67
CA ASP F 114 6.80 5.73 -17.61
C ASP F 114 8.06 5.21 -18.25
N ILE F 115 8.54 5.93 -19.25
CA ILE F 115 9.76 5.56 -19.94
C ILE F 115 10.92 6.01 -19.06
N PRO F 116 12.03 5.24 -19.05
CA PRO F 116 13.27 5.72 -18.44
C PRO F 116 13.80 6.97 -19.16
N LYS F 117 14.58 7.78 -18.45
CA LYS F 117 15.00 9.10 -18.93
C LYS F 117 16.09 9.09 -19.99
N GLN F 118 16.53 7.91 -20.40
CA GLN F 118 17.46 7.74 -21.52
C GLN F 118 16.74 7.78 -22.86
N GLU F 119 17.36 8.41 -23.85
CA GLU F 119 16.84 8.46 -25.22
C GLU F 119 16.82 7.11 -25.98
N LYS F 120 17.66 6.15 -25.55
CA LYS F 120 17.66 4.76 -26.09
C LYS F 120 16.33 4.10 -25.81
N ALA F 121 15.86 4.29 -24.58
CA ALA F 121 14.54 3.85 -24.12
C ALA F 121 13.43 4.51 -24.94
N LEU F 122 13.62 5.79 -25.29
CA LEU F 122 12.66 6.50 -26.13
C LEU F 122 12.58 5.92 -27.53
N MET F 123 13.70 5.92 -28.24
CA MET F 123 13.76 5.30 -29.56
C MET F 123 13.12 3.91 -29.50
N LYS F 124 13.55 3.07 -28.55
CA LYS F 124 13.02 1.70 -28.38
C LYS F 124 11.49 1.62 -28.22
N ALA F 125 10.95 2.48 -27.33
CA ALA F 125 9.51 2.58 -27.10
C ALA F 125 8.75 3.14 -28.31
N VAL F 126 9.30 4.15 -28.97
CA VAL F 126 8.75 4.57 -30.28
C VAL F 126 8.68 3.38 -31.26
N ALA F 127 9.81 2.68 -31.49
CA ALA F 127 9.84 1.49 -32.35
C ALA F 127 8.80 0.40 -32.01
N THR F 128 8.78 -0.12 -30.77
CA THR F 128 7.85 -1.22 -30.42
C THR F 128 6.41 -0.79 -30.15
N VAL F 129 6.24 0.30 -29.39
CA VAL F 129 4.93 0.78 -28.90
C VAL F 129 4.10 1.61 -29.89
N GLY F 130 4.67 2.71 -30.37
CA GLY F 130 3.91 3.68 -31.17
C GLY F 130 4.26 5.12 -30.82
N PRO F 131 3.34 6.08 -31.07
CA PRO F 131 3.61 7.47 -30.66
C PRO F 131 3.59 7.67 -29.14
N ILE F 132 4.47 8.53 -28.64
CA ILE F 132 4.72 8.64 -27.20
C ILE F 132 4.52 10.06 -26.68
N SER F 133 3.83 10.20 -25.55
CA SER F 133 3.57 11.51 -24.94
C SER F 133 4.82 11.94 -24.23
N VAL F 134 5.14 13.22 -24.38
CA VAL F 134 6.40 13.78 -23.91
C VAL F 134 6.22 15.25 -23.65
N ALA F 135 7.00 15.78 -22.70
CA ALA F 135 7.06 17.21 -22.44
C ALA F 135 8.34 17.82 -23.00
N ILE F 136 8.27 19.07 -23.41
CA ILE F 136 9.46 19.75 -23.95
C ILE F 136 9.68 21.18 -23.43
N ASP F 137 10.93 21.63 -23.54
CA ASP F 137 11.26 23.04 -23.32
C ASP F 137 11.01 23.82 -24.61
N ALA F 138 9.91 24.58 -24.61
CA ALA F 138 9.48 25.39 -25.77
C ALA F 138 9.56 26.89 -25.48
N GLY F 139 10.33 27.26 -24.46
CA GLY F 139 10.37 28.63 -23.92
C GLY F 139 10.84 29.73 -24.84
N HIS F 140 11.48 29.34 -25.94
CA HIS F 140 12.24 30.25 -26.82
C HIS F 140 11.50 30.68 -28.09
N GLU F 141 11.99 31.79 -28.66
CA GLU F 141 11.60 32.32 -29.97
C GLU F 141 11.75 31.31 -31.12
N SER F 142 12.90 30.64 -31.17
CA SER F 142 13.27 29.69 -32.23
C SER F 142 12.28 28.52 -32.39
N PHE F 143 11.59 28.18 -31.30
CA PHE F 143 10.52 27.18 -31.32
C PHE F 143 9.19 27.78 -31.83
N LEU F 144 8.77 28.92 -31.25
CA LEU F 144 7.48 29.53 -31.54
C LEU F 144 7.33 29.99 -33.00
N PHE F 145 8.47 30.16 -33.67
CA PHE F 145 8.49 30.66 -35.05
C PHE F 145 8.93 29.60 -36.07
N TYR F 146 9.44 28.47 -35.57
CA TYR F 146 10.05 27.40 -36.38
C TYR F 146 9.34 27.05 -37.69
N LYS F 147 10.15 26.79 -38.72
CA LYS F 147 9.66 26.51 -40.06
C LYS F 147 10.02 25.12 -40.60
N GLU F 148 11.31 24.77 -40.60
CA GLU F 148 11.79 23.55 -41.28
C GLU F 148 13.08 22.92 -40.68
N GLY F 149 13.52 21.80 -41.24
CA GLY F 149 14.77 21.15 -40.82
C GLY F 149 14.79 20.70 -39.36
N ILE F 150 15.95 20.30 -38.86
CA ILE F 150 16.10 19.91 -37.45
C ILE F 150 16.07 21.15 -36.56
N TYR F 151 15.27 21.12 -35.50
CA TYR F 151 15.27 22.20 -34.55
C TYR F 151 16.34 21.89 -33.52
N PHE F 152 17.21 22.88 -33.30
CA PHE F 152 18.27 22.81 -32.30
C PHE F 152 18.36 24.11 -31.50
N GLU F 153 18.14 24.00 -30.20
CA GLU F 153 18.29 25.14 -29.32
C GLU F 153 19.37 24.84 -28.27
N PRO F 154 20.46 25.64 -28.27
CA PRO F 154 21.52 25.67 -27.26
C PRO F 154 21.03 25.90 -25.82
N ASP F 155 20.21 26.94 -25.64
CA ASP F 155 19.63 27.32 -24.34
C ASP F 155 18.89 26.16 -23.62
N CYS F 156 17.91 25.57 -24.31
CA CYS F 156 17.12 24.37 -23.89
C CYS F 156 17.44 23.64 -22.56
N SER F 157 16.44 23.64 -21.68
CA SER F 157 16.52 22.92 -20.42
C SER F 157 16.31 21.43 -20.65
N SER F 158 17.13 20.60 -20.01
CA SER F 158 16.88 19.17 -19.99
C SER F 158 16.09 18.76 -18.75
N GLU F 159 15.62 19.75 -17.99
CA GLU F 159 15.11 19.48 -16.65
C GLU F 159 13.68 20.00 -16.44
N ASP F 160 13.46 21.28 -16.72
CA ASP F 160 12.12 21.88 -16.54
C ASP F 160 11.44 22.14 -17.90
N MET F 161 10.25 21.57 -18.08
CA MET F 161 9.55 21.64 -19.38
C MET F 161 8.14 22.23 -19.30
N ASP F 162 7.64 22.77 -20.41
CA ASP F 162 6.46 23.64 -20.38
C ASP F 162 5.35 23.33 -21.41
N HIS F 163 5.39 22.14 -22.01
CA HIS F 163 4.52 21.81 -23.14
C HIS F 163 4.43 20.28 -23.31
N GLY F 164 3.22 19.71 -23.24
CA GLY F 164 3.00 18.33 -23.67
C GLY F 164 2.92 18.22 -25.20
N VAL F 165 3.48 17.16 -25.76
CA VAL F 165 3.43 16.94 -27.21
C VAL F 165 3.52 15.45 -27.51
N LEU F 166 3.59 15.11 -28.79
CA LEU F 166 3.58 13.71 -29.17
C LEU F 166 4.74 13.35 -30.14
N VAL F 167 5.53 12.36 -29.76
CA VAL F 167 6.53 11.77 -30.64
C VAL F 167 5.86 10.71 -31.49
N VAL F 168 5.92 10.85 -32.81
CA VAL F 168 5.29 9.89 -33.74
C VAL F 168 6.31 9.05 -34.52
N GLY F 169 7.59 9.40 -34.38
CA GLY F 169 8.66 8.65 -35.02
C GLY F 169 9.98 9.39 -34.96
N TYR F 170 10.96 8.90 -35.72
CA TYR F 170 12.33 9.43 -35.78
C TYR F 170 13.02 8.91 -37.02
N GLY F 171 14.17 9.48 -37.34
CA GLY F 171 14.87 9.11 -38.56
C GLY F 171 16.07 10.00 -38.79
N PHE F 172 16.58 9.99 -40.02
CA PHE F 172 17.87 10.63 -40.34
C PHE F 172 17.85 11.38 -41.69
N GLU F 173 18.79 12.30 -41.86
CA GLU F 173 18.87 13.13 -43.04
C GLU F 173 20.21 12.99 -43.75
N SER F 174 21.07 13.99 -43.56
CA SER F 174 22.42 14.06 -44.11
C SER F 174 23.29 15.05 -43.33
N ASN F 179 25.15 16.33 -37.02
CA ASN F 179 23.89 16.89 -36.53
C ASN F 179 22.64 16.45 -37.33
N ASN F 180 22.63 15.19 -37.76
CA ASN F 180 21.64 14.71 -38.74
C ASN F 180 20.48 13.79 -38.25
N LYS F 181 20.46 13.47 -36.95
CA LYS F 181 19.37 12.65 -36.41
C LYS F 181 18.27 13.45 -35.69
N TYR F 182 17.03 12.98 -35.84
CA TYR F 182 15.83 13.69 -35.37
C TYR F 182 14.67 12.82 -34.86
N TRP F 183 13.85 13.40 -33.99
CA TRP F 183 12.52 12.85 -33.65
C TRP F 183 11.44 13.58 -34.44
N LEU F 184 10.50 12.83 -35.00
N LEU F 184 10.49 12.82 -34.98
CA LEU F 184 9.32 13.44 -35.64
CA LEU F 184 9.30 13.36 -35.64
C LEU F 184 8.26 13.70 -34.59
C LEU F 184 8.25 13.69 -34.57
N VAL F 185 8.00 14.99 -34.35
CA VAL F 185 7.14 15.44 -33.25
C VAL F 185 5.88 16.16 -33.72
N LYS F 186 4.78 15.93 -32.99
CA LYS F 186 3.48 16.47 -33.33
C LYS F 186 3.04 17.50 -32.29
N ASN F 187 2.77 18.70 -32.75
CA ASN F 187 2.29 19.78 -31.90
C ASN F 187 0.78 19.87 -31.91
N SER F 188 0.23 20.61 -30.95
CA SER F 188 -1.20 20.85 -30.90
C SER F 188 -1.53 22.28 -31.38
N TRP F 189 -0.71 22.79 -32.31
CA TRP F 189 -0.73 24.23 -32.67
C TRP F 189 -1.27 24.52 -34.08
N GLY F 190 -2.13 23.65 -34.60
CA GLY F 190 -2.65 23.83 -35.96
C GLY F 190 -1.65 23.46 -37.06
N GLU F 191 -2.16 23.39 -38.29
CA GLU F 191 -1.36 22.95 -39.42
C GLU F 191 -0.40 24.03 -39.99
N GLU F 192 -0.64 25.30 -39.61
N GLU F 192 -0.63 25.31 -39.66
CA GLU F 192 0.14 26.45 -40.08
CA GLU F 192 0.21 26.41 -40.18
C GLU F 192 1.59 26.45 -39.59
C GLU F 192 1.63 26.49 -39.58
N TRP F 193 1.77 26.17 -38.29
CA TRP F 193 3.09 26.09 -37.65
C TRP F 193 3.86 24.85 -38.15
N GLY F 194 5.18 24.99 -38.32
CA GLY F 194 6.09 23.89 -38.63
C GLY F 194 5.83 23.17 -39.93
N MET F 195 6.44 22.00 -40.10
CA MET F 195 6.27 21.19 -41.32
C MET F 195 4.90 20.50 -41.39
N GLY F 196 3.88 21.29 -41.77
CA GLY F 196 2.49 20.86 -41.70
C GLY F 196 1.99 20.54 -40.29
N GLY F 197 2.50 21.27 -39.28
CA GLY F 197 2.17 21.06 -37.88
C GLY F 197 3.20 20.25 -37.11
N TYR F 198 4.09 19.58 -37.84
CA TYR F 198 5.10 18.71 -37.22
C TYR F 198 6.45 19.41 -37.03
N VAL F 199 7.34 18.78 -36.25
CA VAL F 199 8.72 19.27 -36.03
C VAL F 199 9.79 18.14 -35.91
N LYS F 200 10.85 18.29 -36.70
N LYS F 200 10.99 18.36 -36.45
CA LYS F 200 11.96 17.35 -36.77
CA LYS F 200 12.12 17.49 -36.17
C LYS F 200 12.92 17.78 -35.69
C LYS F 200 12.91 17.97 -34.94
N MET F 201 12.89 17.05 -34.59
N MET F 201 12.75 17.31 -33.79
CA MET F 201 13.56 17.45 -33.35
CA MET F 201 13.50 17.75 -32.61
C MET F 201 14.90 16.77 -33.20
C MET F 201 14.76 16.91 -32.41
N ALA F 202 15.90 17.51 -32.75
CA ALA F 202 17.24 16.96 -32.52
C ALA F 202 17.32 15.69 -31.65
N LYS F 203 17.63 14.58 -32.32
CA LYS F 203 17.77 13.28 -31.69
C LYS F 203 19.23 13.02 -31.26
N ASP F 204 19.36 12.39 -30.09
CA ASP F 204 20.64 11.96 -29.50
C ASP F 204 21.61 13.10 -29.18
N ARG F 205 21.07 14.29 -28.91
CA ARG F 205 21.88 15.48 -28.56
C ARG F 205 21.76 15.85 -27.07
N ARG F 206 22.33 14.98 -26.22
CA ARG F 206 22.20 15.01 -24.75
C ARG F 206 20.84 15.44 -24.20
N ASN F 207 19.82 14.63 -24.52
CA ASN F 207 18.44 14.80 -24.05
C ASN F 207 17.90 16.21 -24.31
N HIS F 208 17.88 16.57 -25.59
N HIS F 208 17.90 16.58 -25.59
CA HIS F 208 17.58 17.93 -25.99
CA HIS F 208 17.53 17.90 -26.06
C HIS F 208 16.16 18.38 -25.61
C HIS F 208 16.15 18.35 -25.58
N CYS F 209 16.10 19.52 -24.93
CA CYS F 209 14.85 20.14 -24.42
C CYS F 209 13.96 19.29 -23.52
N GLY F 210 14.57 18.27 -22.92
CA GLY F 210 13.90 17.39 -21.98
C GLY F 210 12.94 16.42 -22.63
N ILE F 211 13.02 16.32 -23.96
CA ILE F 211 12.07 15.50 -24.73
C ILE F 211 11.99 14.10 -24.16
N ALA F 212 13.08 13.63 -23.55
CA ALA F 212 13.12 12.29 -22.98
C ALA F 212 12.83 12.26 -21.49
N SER F 213 12.69 13.44 -20.88
CA SER F 213 12.63 13.56 -19.41
C SER F 213 11.31 13.19 -18.74
N ALA F 214 10.21 13.33 -19.49
CA ALA F 214 8.89 12.90 -19.03
C ALA F 214 8.14 12.23 -20.16
N ALA F 215 8.74 11.21 -20.76
CA ALA F 215 8.08 10.40 -21.77
C ALA F 215 7.15 9.39 -21.13
N SER F 216 6.13 8.95 -21.88
CA SER F 216 5.23 7.89 -21.44
C SER F 216 4.12 7.66 -22.44
N TYR F 217 3.50 6.48 -22.31
CA TYR F 217 2.31 6.08 -23.05
C TYR F 217 1.41 5.22 -22.12
N PRO F 218 0.14 5.02 -22.51
CA PRO F 218 -0.73 4.17 -21.72
C PRO F 218 -0.82 2.71 -22.20
N THR F 219 -1.31 1.84 -21.31
CA THR F 219 -1.55 0.42 -21.59
C THR F 219 -3.05 0.20 -21.83
N VAL F 220 -3.37 -0.39 -22.98
CA VAL F 220 -4.75 -0.46 -23.47
C VAL F 220 -5.50 -1.74 -23.12
C1 GOL G . -28.24 3.72 19.59
O1 GOL G . -28.67 2.39 19.28
C2 GOL G . -26.83 3.65 20.17
O2 GOL G . -26.66 2.36 20.79
C3 GOL G . -26.63 4.76 21.18
O3 GOL G . -25.66 4.39 22.17
C1 V65 H . -27.58 7.06 11.14
N2 V65 H . -27.51 7.18 12.45
C4 V65 H . -28.84 7.20 10.38
N5 V65 H . -28.78 7.08 9.05
C6 V65 H . -29.90 7.17 8.33
N10 V65 H . -29.74 7.01 6.95
C14 V65 H . -28.39 6.81 6.39
C15 V65 H . -28.48 6.21 4.98
C16 V65 H . -27.10 6.34 4.31
C17 V65 H . -26.10 5.53 5.10
C18 V65 H . -26.13 5.97 6.57
C19 V65 H . -27.53 5.83 7.17
C12 V65 H . -30.85 7.10 5.98
C22 V65 H . -30.79 8.52 5.51
C23 V65 H . -29.89 8.89 4.52
C24 V65 H . -29.83 10.22 4.11
C25 V65 H . -30.66 11.17 4.71
CL V65 H . -30.58 12.85 4.22
C26 V65 H . -31.56 10.80 5.71
C27 V65 H . -31.61 9.47 6.11
N7 V65 H . -31.10 7.37 8.89
C8 V65 H . -31.12 7.48 10.23
N29 V65 H . -32.33 7.70 10.89
C30 V65 H . -32.36 7.82 12.37
C31 V65 H . -33.39 8.86 12.82
O32 V65 H . -34.68 8.58 12.23
C33 V65 H . -34.64 8.72 10.81
C34 V65 H . -33.60 7.80 10.14
N9 V65 H . -30.02 7.40 10.99
C1 GOL I . 35.59 -14.27 19.31
O1 GOL I . 36.16 -13.50 20.37
C2 GOL I . 34.63 -15.32 19.90
O2 GOL I . 34.69 -15.37 21.34
C3 GOL I . 34.92 -16.68 19.29
O3 GOL I . 34.47 -16.68 17.93
C1 V65 J . 38.80 -5.99 16.13
N2 V65 J . 38.51 -7.25 15.97
C4 V65 J . 40.17 -5.54 16.34
N5 V65 J . 40.36 -4.23 16.51
C6 V65 J . 41.62 -3.85 16.68
N10 V65 J . 41.87 -2.51 16.85
C14 V65 J . 40.73 -1.58 16.88
C15 V65 J . 39.85 -1.59 15.64
C16 V65 J . 38.59 -0.77 15.95
C17 V65 J . 38.87 0.55 16.70
C18 V65 J . 39.87 0.45 17.85
C19 V65 J . 41.15 -0.19 17.32
C12 V65 J . 43.25 -2.06 17.07
C22 V65 J . 43.82 -1.74 15.75
C23 V65 J . 43.46 -0.50 15.23
C24 V65 J . 43.94 -0.10 14.00
C25 V65 J . 44.78 -0.97 13.30
CL V65 J . 45.36 -0.42 11.75
C26 V65 J . 45.14 -2.23 13.83
C27 V65 J . 44.64 -2.63 15.07
N7 V65 J . 42.66 -4.67 16.68
C8 V65 J . 42.39 -5.94 16.51
N29 V65 J . 43.46 -6.80 16.52
C30 V65 J . 43.19 -8.25 16.32
C31 V65 J . 44.45 -9.12 16.25
O32 V65 J . 45.53 -8.44 16.87
C33 V65 J . 45.82 -7.22 16.21
C34 V65 J . 44.80 -6.22 16.72
N9 V65 J . 41.17 -6.42 16.34
C1 GOL K . -0.25 -24.66 -4.35
O1 GOL K . -1.05 -25.77 -4.80
C2 GOL K . 0.75 -25.07 -3.24
O2 GOL K . 0.49 -26.39 -2.72
C3 GOL K . 0.76 -24.04 -2.10
O3 GOL K . 1.86 -23.17 -2.37
C1 V65 L . 1.27 -20.48 -12.58
N2 V65 L . 1.04 -20.40 -11.28
C4 V65 L . 0.15 -20.25 -13.50
N5 V65 L . 0.39 -20.36 -14.80
C6 V65 L . -0.59 -20.11 -15.64
N10 V65 L . -0.33 -20.25 -16.99
C14 V65 L . 1.04 -20.66 -17.39
C15 V65 L . 2.10 -19.57 -17.20
C16 V65 L . 3.47 -20.00 -17.73
C17 V65 L . 3.43 -20.41 -19.21
C18 V65 L . 2.46 -21.60 -19.30
C19 V65 L . 1.04 -21.22 -18.82
C12 V65 L . -1.41 -19.96 -17.97
C22 V65 L . -1.25 -18.48 -18.28
C23 V65 L . -0.37 -18.07 -19.28
C24 V65 L . -0.16 -16.72 -19.58
C25 V65 L . -0.85 -15.74 -18.87
CL V65 L . -0.57 -14.04 -19.26
C26 V65 L . -1.73 -16.13 -17.85
C27 V65 L . -1.92 -17.49 -17.56
N7 V65 L . -1.81 -19.76 -15.26
C8 V65 L . -1.99 -19.65 -13.96
N29 V65 L . -3.25 -19.29 -13.53
C30 V65 L . -3.56 -19.13 -12.10
C31 V65 L . -4.14 -17.73 -11.92
O32 V65 L . -5.26 -17.54 -12.80
C33 V65 L . -4.94 -17.65 -14.19
C34 V65 L . -4.32 -19.02 -14.51
N9 V65 L . -1.05 -19.88 -13.05
C1 GOL M . 9.74 16.32 39.67
O1 GOL M . 9.76 17.54 40.40
C2 GOL M . 8.31 16.04 39.22
O2 GOL M . 7.66 15.24 40.22
C3 GOL M . 8.34 15.34 37.86
O3 GOL M . 7.14 14.61 37.62
C1 V65 N . 10.88 24.90 35.44
N2 V65 N . 10.76 23.59 35.27
C4 V65 N . 12.24 25.42 35.49
N5 V65 N . 12.38 26.72 35.65
C6 V65 N . 13.63 27.20 35.69
N10 V65 N . 13.75 28.57 35.86
C14 V65 N . 12.54 29.39 36.03
C15 V65 N . 11.65 29.53 34.81
C16 V65 N . 10.35 30.19 35.29
C17 V65 N . 10.60 31.53 35.99
C18 V65 N . 11.52 31.36 37.19
C19 V65 N . 12.83 30.74 36.70
C12 V65 N . 15.09 29.19 35.94
C22 V65 N . 15.40 29.79 34.62
C23 V65 N . 15.06 31.12 34.35
C24 V65 N . 15.36 31.69 33.11
C25 V65 N . 16.00 30.90 32.14
CL V65 N . 16.36 31.58 30.57
C26 V65 N . 16.35 29.56 32.40
C27 V65 N . 16.05 29.01 33.64
N7 V65 N . 14.71 26.45 35.56
C8 V65 N . 14.51 25.14 35.39
N29 V65 N . 15.63 24.32 35.26
C30 V65 N . 15.47 22.86 35.07
C31 V65 N . 16.73 22.15 34.56
O32 V65 N . 17.90 22.73 35.12
C33 V65 N . 18.04 24.07 34.66
C34 V65 N . 16.97 24.95 35.31
N9 V65 N . 13.28 24.59 35.34
C1 GOL O . -33.85 -12.19 -21.23
O1 GOL O . -32.71 -11.47 -21.70
C2 GOL O . -34.71 -12.80 -22.36
O2 GOL O . -33.94 -12.89 -23.57
C3 GOL O . -35.97 -11.97 -22.60
O3 GOL O . -36.94 -12.76 -23.34
C1 V65 P . -29.17 -15.64 -13.65
N2 V65 P . -30.19 -15.16 -14.36
C4 V65 P . -28.62 -14.86 -12.52
N5 V65 P . -27.58 -15.39 -11.90
C6 V65 P . -27.09 -14.74 -10.84
N10 V65 P . -26.02 -15.26 -10.18
C14 V65 P . -25.38 -16.50 -10.64
C15 V65 P . -26.16 -17.78 -10.34
C16 V65 P . -25.51 -18.88 -11.18
C17 V65 P . -24.06 -19.06 -10.73
C18 V65 P . -23.26 -17.77 -10.90
C19 V65 P . -23.93 -16.60 -10.17
C12 V65 P . -25.52 -14.51 -9.03
C22 V65 P . -26.16 -15.05 -7.79
C23 V65 P . -25.63 -16.18 -7.17
C24 V65 P . -26.18 -16.70 -6.00
C25 V65 P . -27.30 -16.06 -5.45
CL V65 P . -28.01 -16.71 -3.98
C26 V65 P . -27.84 -14.92 -6.06
C27 V65 P . -27.27 -14.42 -7.22
N7 V65 P . -27.58 -13.61 -10.37
C8 V65 P . -28.62 -13.11 -11.01
N29 V65 P . -29.06 -11.92 -10.45
C30 V65 P . -30.20 -11.15 -10.96
C31 V65 P . -31.07 -10.65 -9.79
O32 V65 P . -30.27 -10.08 -8.75
C33 V65 P . -29.33 -11.00 -8.20
C34 V65 P . -28.33 -11.41 -9.28
N9 V65 P . -29.17 -13.70 -12.09
C1 GOL Q . 0.62 32.36 -30.88
O1 GOL Q . 1.97 32.42 -30.38
C2 GOL Q . 0.05 30.95 -30.78
O2 GOL Q . -0.25 30.43 -32.08
C3 GOL Q . -1.23 30.94 -29.94
O3 GOL Q . -1.90 29.67 -30.10
C1 V65 R . 0.70 23.24 -22.25
N2 V65 R . 0.02 24.09 -22.98
C4 V65 R . 1.09 23.63 -20.89
N5 V65 R . 1.77 22.77 -20.14
C6 V65 R . 2.12 23.16 -18.92
N10 V65 R . 2.84 22.24 -18.15
C14 V65 R . 3.17 20.92 -18.75
C15 V65 R . 3.25 19.82 -17.65
C16 V65 R . 3.71 18.47 -18.21
C17 V65 R . 5.06 18.61 -18.89
C18 V65 R . 4.87 19.59 -20.05
C19 V65 R . 4.50 20.98 -19.51
C12 V65 R . 3.29 22.53 -16.77
C22 V65 R . 2.41 21.90 -15.70
C23 V65 R . 2.93 20.95 -14.81
C24 V65 R . 2.11 20.37 -13.83
C25 V65 R . 0.76 20.77 -13.76
CL V65 R . -0.32 20.08 -12.56
C26 V65 R . 0.25 21.73 -14.62
C27 V65 R . 1.07 22.29 -15.60
N7 V65 R . 1.80 24.36 -18.42
C8 V65 R . 1.09 25.18 -19.22
N29 V65 R . 0.72 26.45 -18.79
C30 V65 R . -0.05 27.30 -19.74
C31 V65 R . -0.65 28.53 -19.06
O32 V65 R . 0.35 29.16 -18.26
C33 V65 R . 0.64 28.37 -17.11
C34 V65 R . 1.08 26.93 -17.43
N9 V65 R . 0.74 24.84 -20.46
#